data_3BYB
# 
_entry.id   3BYB 
# 
_audit_conform.dict_name       mmcif_pdbx.dic 
_audit_conform.dict_version    5.399 
_audit_conform.dict_location   http://mmcif.pdb.org/dictionaries/ascii/mmcif_pdbx.dic 
# 
loop_
_database_2.database_id 
_database_2.database_code 
_database_2.pdbx_database_accession 
_database_2.pdbx_DOI 
PDB   3BYB         pdb_00003byb 10.2210/pdb3byb/pdb 
RCSB  RCSB046108   ?            ?                   
WWPDB D_1000046108 ?            ?                   
# 
loop_
_pdbx_audit_revision_history.ordinal 
_pdbx_audit_revision_history.data_content_type 
_pdbx_audit_revision_history.major_revision 
_pdbx_audit_revision_history.minor_revision 
_pdbx_audit_revision_history.revision_date 
1 'Structure model' 1 0 2009-01-20 
2 'Structure model' 1 1 2011-07-13 
3 'Structure model' 1 2 2024-11-20 
# 
_pdbx_audit_revision_details.ordinal             1 
_pdbx_audit_revision_details.revision_ordinal    1 
_pdbx_audit_revision_details.data_content_type   'Structure model' 
_pdbx_audit_revision_details.provider            repository 
_pdbx_audit_revision_details.type                'Initial release' 
_pdbx_audit_revision_details.description         ? 
_pdbx_audit_revision_details.details             ? 
# 
loop_
_pdbx_audit_revision_group.ordinal 
_pdbx_audit_revision_group.revision_ordinal 
_pdbx_audit_revision_group.data_content_type 
_pdbx_audit_revision_group.group 
1 2 'Structure model' 'Version format compliance' 
2 3 'Structure model' 'Data collection'           
3 3 'Structure model' 'Database references'       
4 3 'Structure model' 'Derived calculations'      
5 3 'Structure model' 'Structure summary'         
# 
loop_
_pdbx_audit_revision_category.ordinal 
_pdbx_audit_revision_category.revision_ordinal 
_pdbx_audit_revision_category.data_content_type 
_pdbx_audit_revision_category.category 
1 3 'Structure model' chem_comp_atom            
2 3 'Structure model' chem_comp_bond            
3 3 'Structure model' database_2                
4 3 'Structure model' pdbx_entry_details        
5 3 'Structure model' pdbx_modification_feature 
6 3 'Structure model' struct_site               
# 
loop_
_pdbx_audit_revision_item.ordinal 
_pdbx_audit_revision_item.revision_ordinal 
_pdbx_audit_revision_item.data_content_type 
_pdbx_audit_revision_item.item 
1 3 'Structure model' '_database_2.pdbx_DOI'                
2 3 'Structure model' '_database_2.pdbx_database_accession' 
3 3 'Structure model' '_struct_site.pdbx_auth_asym_id'      
4 3 'Structure model' '_struct_site.pdbx_auth_comp_id'      
5 3 'Structure model' '_struct_site.pdbx_auth_seq_id'       
# 
_pdbx_database_status.status_code                     REL 
_pdbx_database_status.entry_id                        3BYB 
_pdbx_database_status.recvd_initial_deposition_date   2008-01-15 
_pdbx_database_status.deposit_site                    RCSB 
_pdbx_database_status.process_site                    PDBJ 
_pdbx_database_status.status_code_sf                  REL 
_pdbx_database_status.status_code_mr                  ? 
_pdbx_database_status.SG_entry                        ? 
_pdbx_database_status.pdb_format_compatible           Y 
_pdbx_database_status.status_code_cs                  ? 
_pdbx_database_status.status_code_nmr_data            ? 
_pdbx_database_status.methods_development_category    ? 
# 
_pdbx_database_related.db_name        PDB 
_pdbx_database_related.db_id          1BPI 
_pdbx_database_related.details        . 
_pdbx_database_related.content_type   unspecified 
# 
loop_
_audit_author.name 
_audit_author.pdbx_ordinal 
'Millers, E.K.' 1 
'Guddat, L.W.'  2 
# 
_citation.id                        primary 
_citation.title                     
;Crystal structure of textilinin-1, a Kunitz-type serine protease inhibitor from the venom of the Australian common brown snake (Pseudonaja textilis).
;
_citation.journal_abbrev            'Febs J.' 
_citation.journal_volume            276 
_citation.page_first                3163 
_citation.page_last                 3175 
_citation.year                      2009 
_citation.journal_id_ASTM           ? 
_citation.country                   UK 
_citation.journal_id_ISSN           1742-464X 
_citation.journal_id_CSD            ? 
_citation.book_publisher            ? 
_citation.pdbx_database_id_PubMed   19490116 
_citation.pdbx_database_id_DOI      10.1111/j.1742-4658.2009.07034.x 
# 
loop_
_citation_author.citation_id 
_citation_author.name 
_citation_author.ordinal 
_citation_author.identifier_ORCID 
primary 'Millers, E.K.' 1 ? 
primary 'Trabi, M.'     2 ? 
primary 'Masci, P.P.'   3 ? 
primary 'Lavin, M.F.'   4 ? 
primary 'de Jersey, J.' 5 ? 
primary 'Guddat, L.W.'  6 ? 
# 
loop_
_entity.id 
_entity.type 
_entity.src_method 
_entity.pdbx_description 
_entity.formula_weight 
_entity.pdbx_number_of_molecules 
_entity.pdbx_ec 
_entity.pdbx_mutation 
_entity.pdbx_fragment 
_entity.details 
1 polymer     man Textilinin      6698.442 3   ? ? 'residues 1-59 (UNP residues 25-83)' ? 
2 non-polymer syn 'SULFATE ION'   96.063   1   ? ? ?                                    ? 
3 non-polymer syn 2-ETHOXYETHANOL 90.121   2   ? ? ?                                    ? 
4 water       nat water           18.015   233 ? ? ?                                    ? 
# 
_entity_name_com.entity_id   1 
_entity_name_com.name        Textilinin-1 
# 
_entity_poly.entity_id                      1 
_entity_poly.type                           'polypeptide(L)' 
_entity_poly.nstd_linkage                   no 
_entity_poly.nstd_monomer                   no 
_entity_poly.pdbx_seq_one_letter_code       KDRPDFCELPADTGPCRVRFPSFYYNPDEKKCLEFIYGGCEGNANNFITKEECESTCAA 
_entity_poly.pdbx_seq_one_letter_code_can   KDRPDFCELPADTGPCRVRFPSFYYNPDEKKCLEFIYGGCEGNANNFITKEECESTCAA 
_entity_poly.pdbx_strand_id                 A,B,C 
_entity_poly.pdbx_target_identifier         ? 
# 
loop_
_pdbx_entity_nonpoly.entity_id 
_pdbx_entity_nonpoly.name 
_pdbx_entity_nonpoly.comp_id 
2 'SULFATE ION'   SO4 
3 2-ETHOXYETHANOL ETX 
4 water           HOH 
# 
loop_
_entity_poly_seq.entity_id 
_entity_poly_seq.num 
_entity_poly_seq.mon_id 
_entity_poly_seq.hetero 
1 1  LYS n 
1 2  ASP n 
1 3  ARG n 
1 4  PRO n 
1 5  ASP n 
1 6  PHE n 
1 7  CYS n 
1 8  GLU n 
1 9  LEU n 
1 10 PRO n 
1 11 ALA n 
1 12 ASP n 
1 13 THR n 
1 14 GLY n 
1 15 PRO n 
1 16 CYS n 
1 17 ARG n 
1 18 VAL n 
1 19 ARG n 
1 20 PHE n 
1 21 PRO n 
1 22 SER n 
1 23 PHE n 
1 24 TYR n 
1 25 TYR n 
1 26 ASN n 
1 27 PRO n 
1 28 ASP n 
1 29 GLU n 
1 30 LYS n 
1 31 LYS n 
1 32 CYS n 
1 33 LEU n 
1 34 GLU n 
1 35 PHE n 
1 36 ILE n 
1 37 TYR n 
1 38 GLY n 
1 39 GLY n 
1 40 CYS n 
1 41 GLU n 
1 42 GLY n 
1 43 ASN n 
1 44 ALA n 
1 45 ASN n 
1 46 ASN n 
1 47 PHE n 
1 48 ILE n 
1 49 THR n 
1 50 LYS n 
1 51 GLU n 
1 52 GLU n 
1 53 CYS n 
1 54 GLU n 
1 55 SER n 
1 56 THR n 
1 57 CYS n 
1 58 ALA n 
1 59 ALA n 
# 
_entity_src_gen.entity_id                          1 
_entity_src_gen.pdbx_src_id                        1 
_entity_src_gen.pdbx_alt_source_flag               sample 
_entity_src_gen.pdbx_seq_type                      ? 
_entity_src_gen.pdbx_beg_seq_num                   ? 
_entity_src_gen.pdbx_end_seq_num                   ? 
_entity_src_gen.gene_src_common_name               ? 
_entity_src_gen.gene_src_genus                     ? 
_entity_src_gen.pdbx_gene_src_gene                 ? 
_entity_src_gen.gene_src_species                   ? 
_entity_src_gen.gene_src_strain                    ? 
_entity_src_gen.gene_src_tissue                    ? 
_entity_src_gen.gene_src_tissue_fraction           ? 
_entity_src_gen.gene_src_details                   ? 
_entity_src_gen.pdbx_gene_src_fragment             ? 
_entity_src_gen.pdbx_gene_src_scientific_name      'Pseudonaja textilis textilis' 
_entity_src_gen.pdbx_gene_src_ncbi_taxonomy_id     169397 
_entity_src_gen.pdbx_gene_src_variant              ? 
_entity_src_gen.pdbx_gene_src_cell_line            ? 
_entity_src_gen.pdbx_gene_src_atcc                 ? 
_entity_src_gen.pdbx_gene_src_organ                ? 
_entity_src_gen.pdbx_gene_src_organelle            ? 
_entity_src_gen.pdbx_gene_src_cell                 ? 
_entity_src_gen.pdbx_gene_src_cellular_location    ? 
_entity_src_gen.host_org_common_name               ? 
_entity_src_gen.pdbx_host_org_scientific_name      'Escherichia coli' 
_entity_src_gen.pdbx_host_org_ncbi_taxonomy_id     562 
_entity_src_gen.host_org_genus                     ? 
_entity_src_gen.pdbx_host_org_gene                 ? 
_entity_src_gen.pdbx_host_org_organ                ? 
_entity_src_gen.host_org_species                   ? 
_entity_src_gen.pdbx_host_org_tissue               ? 
_entity_src_gen.pdbx_host_org_tissue_fraction      ? 
_entity_src_gen.pdbx_host_org_strain               ? 
_entity_src_gen.pdbx_host_org_variant              ? 
_entity_src_gen.pdbx_host_org_cell_line            ? 
_entity_src_gen.pdbx_host_org_atcc                 ? 
_entity_src_gen.pdbx_host_org_culture_collection   ? 
_entity_src_gen.pdbx_host_org_cell                 ? 
_entity_src_gen.pdbx_host_org_organelle            ? 
_entity_src_gen.pdbx_host_org_cellular_location    ? 
_entity_src_gen.pdbx_host_org_vector_type          ? 
_entity_src_gen.pdbx_host_org_vector               ? 
_entity_src_gen.host_org_details                   ? 
_entity_src_gen.expression_system_id               ? 
_entity_src_gen.plasmid_name                       ? 
_entity_src_gen.plasmid_details                    ? 
_entity_src_gen.pdbx_description                   ? 
# 
loop_
_chem_comp.id 
_chem_comp.type 
_chem_comp.mon_nstd_flag 
_chem_comp.name 
_chem_comp.pdbx_synonyms 
_chem_comp.formula 
_chem_comp.formula_weight 
ALA 'L-peptide linking' y ALANINE         ? 'C3 H7 N O2'     89.093  
ARG 'L-peptide linking' y ARGININE        ? 'C6 H15 N4 O2 1' 175.209 
ASN 'L-peptide linking' y ASPARAGINE      ? 'C4 H8 N2 O3'    132.118 
ASP 'L-peptide linking' y 'ASPARTIC ACID' ? 'C4 H7 N O4'     133.103 
CYS 'L-peptide linking' y CYSTEINE        ? 'C3 H7 N O2 S'   121.158 
ETX non-polymer         . 2-ETHOXYETHANOL ? 'C4 H10 O2'      90.121  
GLU 'L-peptide linking' y 'GLUTAMIC ACID' ? 'C5 H9 N O4'     147.129 
GLY 'peptide linking'   y GLYCINE         ? 'C2 H5 N O2'     75.067  
HOH non-polymer         . WATER           ? 'H2 O'           18.015  
ILE 'L-peptide linking' y ISOLEUCINE      ? 'C6 H13 N O2'    131.173 
LEU 'L-peptide linking' y LEUCINE         ? 'C6 H13 N O2'    131.173 
LYS 'L-peptide linking' y LYSINE          ? 'C6 H15 N2 O2 1' 147.195 
PHE 'L-peptide linking' y PHENYLALANINE   ? 'C9 H11 N O2'    165.189 
PRO 'L-peptide linking' y PROLINE         ? 'C5 H9 N O2'     115.130 
SER 'L-peptide linking' y SERINE          ? 'C3 H7 N O3'     105.093 
SO4 non-polymer         . 'SULFATE ION'   ? 'O4 S -2'        96.063  
THR 'L-peptide linking' y THREONINE       ? 'C4 H9 N O3'     119.119 
TYR 'L-peptide linking' y TYROSINE        ? 'C9 H11 N O3'    181.189 
VAL 'L-peptide linking' y VALINE          ? 'C5 H11 N O2'    117.146 
# 
loop_
_pdbx_poly_seq_scheme.asym_id 
_pdbx_poly_seq_scheme.entity_id 
_pdbx_poly_seq_scheme.seq_id 
_pdbx_poly_seq_scheme.mon_id 
_pdbx_poly_seq_scheme.ndb_seq_num 
_pdbx_poly_seq_scheme.pdb_seq_num 
_pdbx_poly_seq_scheme.auth_seq_num 
_pdbx_poly_seq_scheme.pdb_mon_id 
_pdbx_poly_seq_scheme.auth_mon_id 
_pdbx_poly_seq_scheme.pdb_strand_id 
_pdbx_poly_seq_scheme.pdb_ins_code 
_pdbx_poly_seq_scheme.hetero 
A 1 1  LYS 1  1  1  LYS LYS A . n 
A 1 2  ASP 2  2  2  ASP ASP A . n 
A 1 3  ARG 3  3  3  ARG ARG A . n 
A 1 4  PRO 4  4  4  PRO PRO A . n 
A 1 5  ASP 5  5  5  ASP ASP A . n 
A 1 6  PHE 6  6  6  PHE PHE A . n 
A 1 7  CYS 7  7  7  CYS CYS A . n 
A 1 8  GLU 8  8  8  GLU GLU A . n 
A 1 9  LEU 9  9  9  LEU LEU A . n 
A 1 10 PRO 10 10 10 PRO PRO A . n 
A 1 11 ALA 11 11 11 ALA ALA A . n 
A 1 12 ASP 12 12 12 ASP ASP A . n 
A 1 13 THR 13 13 13 THR THR A . n 
A 1 14 GLY 14 14 14 GLY GLY A . n 
A 1 15 PRO 15 15 15 PRO PRO A . n 
A 1 16 CYS 16 16 16 CYS CYS A . n 
A 1 17 ARG 17 17 17 ARG ARG A . n 
A 1 18 VAL 18 18 18 VAL VAL A . n 
A 1 19 ARG 19 19 19 ARG ARG A . n 
A 1 20 PHE 20 20 20 PHE PHE A . n 
A 1 21 PRO 21 21 21 PRO PRO A . n 
A 1 22 SER 22 22 22 SER SER A . n 
A 1 23 PHE 23 23 23 PHE PHE A . n 
A 1 24 TYR 24 24 24 TYR TYR A . n 
A 1 25 TYR 25 25 25 TYR TYR A . n 
A 1 26 ASN 26 26 26 ASN ASN A . n 
A 1 27 PRO 27 27 27 PRO PRO A . n 
A 1 28 ASP 28 28 28 ASP ASP A . n 
A 1 29 GLU 29 29 29 GLU GLU A . n 
A 1 30 LYS 30 30 30 LYS LYS A . n 
A 1 31 LYS 31 31 31 LYS LYS A . n 
A 1 32 CYS 32 32 32 CYS CYS A . n 
A 1 33 LEU 33 33 33 LEU LEU A . n 
A 1 34 GLU 34 34 34 GLU GLU A . n 
A 1 35 PHE 35 35 35 PHE PHE A . n 
A 1 36 ILE 36 36 36 ILE ILE A . n 
A 1 37 TYR 37 37 37 TYR TYR A . n 
A 1 38 GLY 38 38 38 GLY GLY A . n 
A 1 39 GLY 39 39 39 GLY GLY A . n 
A 1 40 CYS 40 40 40 CYS CYS A . n 
A 1 41 GLU 41 41 41 GLU GLU A . n 
A 1 42 GLY 42 42 42 GLY GLY A . n 
A 1 43 ASN 43 43 43 ASN ASN A . n 
A 1 44 ALA 44 44 44 ALA ALA A . n 
A 1 45 ASN 45 45 45 ASN ASN A . n 
A 1 46 ASN 46 46 46 ASN ASN A . n 
A 1 47 PHE 47 47 47 PHE PHE A . n 
A 1 48 ILE 48 48 48 ILE ILE A . n 
A 1 49 THR 49 49 49 THR THR A . n 
A 1 50 LYS 50 50 50 LYS LYS A . n 
A 1 51 GLU 51 51 51 GLU GLU A . n 
A 1 52 GLU 52 52 52 GLU GLU A . n 
A 1 53 CYS 53 53 53 CYS CYS A . n 
A 1 54 GLU 54 54 54 GLU GLU A . n 
A 1 55 SER 55 55 55 SER SER A . n 
A 1 56 THR 56 56 56 THR THR A . n 
A 1 57 CYS 57 57 57 CYS CYS A . n 
A 1 58 ALA 58 58 58 ALA ALA A . n 
A 1 59 ALA 59 59 ?  ?   ?   A . n 
B 1 1  LYS 1  1  ?  ?   ?   B . n 
B 1 2  ASP 2  2  2  ASP ASP B . n 
B 1 3  ARG 3  3  3  ARG ARG B . n 
B 1 4  PRO 4  4  4  PRO PRO B . n 
B 1 5  ASP 5  5  5  ASP ASP B . n 
B 1 6  PHE 6  6  6  PHE PHE B . n 
B 1 7  CYS 7  7  7  CYS CYS B . n 
B 1 8  GLU 8  8  8  GLU GLU B . n 
B 1 9  LEU 9  9  9  LEU LEU B . n 
B 1 10 PRO 10 10 10 PRO PRO B . n 
B 1 11 ALA 11 11 11 ALA ALA B . n 
B 1 12 ASP 12 12 12 ASP ASP B . n 
B 1 13 THR 13 13 13 THR THR B . n 
B 1 14 GLY 14 14 14 GLY GLY B . n 
B 1 15 PRO 15 15 15 PRO PRO B . n 
B 1 16 CYS 16 16 16 CYS CYS B . n 
B 1 17 ARG 17 17 17 ARG ARG B . n 
B 1 18 VAL 18 18 18 VAL VAL B . n 
B 1 19 ARG 19 19 19 ARG ARG B . n 
B 1 20 PHE 20 20 20 PHE PHE B . n 
B 1 21 PRO 21 21 21 PRO PRO B . n 
B 1 22 SER 22 22 22 SER SER B . n 
B 1 23 PHE 23 23 23 PHE PHE B . n 
B 1 24 TYR 24 24 24 TYR TYR B . n 
B 1 25 TYR 25 25 25 TYR TYR B . n 
B 1 26 ASN 26 26 26 ASN ASN B . n 
B 1 27 PRO 27 27 27 PRO PRO B . n 
B 1 28 ASP 28 28 28 ASP ASP B . n 
B 1 29 GLU 29 29 29 GLU GLU B . n 
B 1 30 LYS 30 30 30 LYS LYS B . n 
B 1 31 LYS 31 31 31 LYS LYS B . n 
B 1 32 CYS 32 32 32 CYS CYS B . n 
B 1 33 LEU 33 33 33 LEU LEU B . n 
B 1 34 GLU 34 34 34 GLU GLU B . n 
B 1 35 PHE 35 35 35 PHE PHE B . n 
B 1 36 ILE 36 36 36 ILE ILE B . n 
B 1 37 TYR 37 37 37 TYR TYR B . n 
B 1 38 GLY 38 38 38 GLY GLY B . n 
B 1 39 GLY 39 39 39 GLY GLY B . n 
B 1 40 CYS 40 40 40 CYS CYS B . n 
B 1 41 GLU 41 41 41 GLU GLU B . n 
B 1 42 GLY 42 42 42 GLY GLY B . n 
B 1 43 ASN 43 43 43 ASN ASN B . n 
B 1 44 ALA 44 44 44 ALA ALA B . n 
B 1 45 ASN 45 45 45 ASN ASN B . n 
B 1 46 ASN 46 46 46 ASN ASN B . n 
B 1 47 PHE 47 47 47 PHE PHE B . n 
B 1 48 ILE 48 48 48 ILE ILE B . n 
B 1 49 THR 49 49 49 THR THR B . n 
B 1 50 LYS 50 50 50 LYS LYS B . n 
B 1 51 GLU 51 51 51 GLU GLU B . n 
B 1 52 GLU 52 52 52 GLU GLU B . n 
B 1 53 CYS 53 53 53 CYS CYS B . n 
B 1 54 GLU 54 54 54 GLU GLU B . n 
B 1 55 SER 55 55 55 SER SER B . n 
B 1 56 THR 56 56 56 THR THR B . n 
B 1 57 CYS 57 57 57 CYS CYS B . n 
B 1 58 ALA 58 58 58 ALA ALA B . n 
B 1 59 ALA 59 59 59 ALA ALA B . n 
C 1 1  LYS 1  1  1  LYS LYS C . n 
C 1 2  ASP 2  2  2  ASP ASP C . n 
C 1 3  ARG 3  3  3  ARG ARG C . n 
C 1 4  PRO 4  4  4  PRO PRO C . n 
C 1 5  ASP 5  5  5  ASP ASP C . n 
C 1 6  PHE 6  6  6  PHE PHE C . n 
C 1 7  CYS 7  7  7  CYS CYS C . n 
C 1 8  GLU 8  8  8  GLU GLU C . n 
C 1 9  LEU 9  9  9  LEU LEU C . n 
C 1 10 PRO 10 10 10 PRO PRO C . n 
C 1 11 ALA 11 11 11 ALA ALA C . n 
C 1 12 ASP 12 12 12 ASP ASP C . n 
C 1 13 THR 13 13 13 THR THR C . n 
C 1 14 GLY 14 14 14 GLY GLY C . n 
C 1 15 PRO 15 15 15 PRO PRO C . n 
C 1 16 CYS 16 16 16 CYS CYS C . n 
C 1 17 ARG 17 17 17 ARG ARG C . n 
C 1 18 VAL 18 18 18 VAL VAL C . n 
C 1 19 ARG 19 19 19 ARG ARG C . n 
C 1 20 PHE 20 20 20 PHE PHE C . n 
C 1 21 PRO 21 21 21 PRO PRO C . n 
C 1 22 SER 22 22 22 SER SER C . n 
C 1 23 PHE 23 23 23 PHE PHE C . n 
C 1 24 TYR 24 24 24 TYR TYR C . n 
C 1 25 TYR 25 25 25 TYR TYR C . n 
C 1 26 ASN 26 26 26 ASN ASN C . n 
C 1 27 PRO 27 27 27 PRO PRO C . n 
C 1 28 ASP 28 28 28 ASP ASP C . n 
C 1 29 GLU 29 29 29 GLU GLU C . n 
C 1 30 LYS 30 30 30 LYS LYS C . n 
C 1 31 LYS 31 31 31 LYS LYS C . n 
C 1 32 CYS 32 32 32 CYS CYS C . n 
C 1 33 LEU 33 33 33 LEU LEU C . n 
C 1 34 GLU 34 34 34 GLU GLU C . n 
C 1 35 PHE 35 35 35 PHE PHE C . n 
C 1 36 ILE 36 36 36 ILE ILE C . n 
C 1 37 TYR 37 37 37 TYR TYR C . n 
C 1 38 GLY 38 38 38 GLY GLY C . n 
C 1 39 GLY 39 39 39 GLY GLY C . n 
C 1 40 CYS 40 40 40 CYS CYS C . n 
C 1 41 GLU 41 41 41 GLU GLU C . n 
C 1 42 GLY 42 42 42 GLY GLY C . n 
C 1 43 ASN 43 43 43 ASN ASN C . n 
C 1 44 ALA 44 44 44 ALA ALA C . n 
C 1 45 ASN 45 45 45 ASN ASN C . n 
C 1 46 ASN 46 46 46 ASN ASN C . n 
C 1 47 PHE 47 47 47 PHE PHE C . n 
C 1 48 ILE 48 48 48 ILE ILE C . n 
C 1 49 THR 49 49 49 THR THR C . n 
C 1 50 LYS 50 50 50 LYS LYS C . n 
C 1 51 GLU 51 51 51 GLU GLU C . n 
C 1 52 GLU 52 52 52 GLU GLU C . n 
C 1 53 CYS 53 53 53 CYS CYS C . n 
C 1 54 GLU 54 54 54 GLU GLU C . n 
C 1 55 SER 55 55 55 SER SER C . n 
C 1 56 THR 56 56 56 THR THR C . n 
C 1 57 CYS 57 57 57 CYS CYS C . n 
C 1 58 ALA 58 58 58 ALA ALA C . n 
C 1 59 ALA 59 59 ?  ?   ?   C . n 
# 
loop_
_pdbx_nonpoly_scheme.asym_id 
_pdbx_nonpoly_scheme.entity_id 
_pdbx_nonpoly_scheme.mon_id 
_pdbx_nonpoly_scheme.ndb_seq_num 
_pdbx_nonpoly_scheme.pdb_seq_num 
_pdbx_nonpoly_scheme.auth_seq_num 
_pdbx_nonpoly_scheme.pdb_mon_id 
_pdbx_nonpoly_scheme.auth_mon_id 
_pdbx_nonpoly_scheme.pdb_strand_id 
_pdbx_nonpoly_scheme.pdb_ins_code 
D 2 SO4 1  60  60  SO4 SO4 A . 
E 3 ETX 1  61  61  ETX ETX A . 
F 3 ETX 1  60  60  ETX ETX C . 
G 4 HOH 1  62  62  HOH HOH A . 
G 4 HOH 2  63  63  HOH HOH A . 
G 4 HOH 3  64  64  HOH HOH A . 
G 4 HOH 4  65  65  HOH HOH A . 
G 4 HOH 5  66  66  HOH HOH A . 
G 4 HOH 6  67  67  HOH HOH A . 
G 4 HOH 7  68  68  HOH HOH A . 
G 4 HOH 8  69  69  HOH HOH A . 
G 4 HOH 9  70  70  HOH HOH A . 
G 4 HOH 10 71  71  HOH HOH A . 
G 4 HOH 11 72  72  HOH HOH A . 
G 4 HOH 12 73  73  HOH HOH A . 
G 4 HOH 13 74  74  HOH HOH A . 
G 4 HOH 14 75  75  HOH HOH A . 
G 4 HOH 15 76  76  HOH HOH A . 
G 4 HOH 16 77  77  HOH HOH A . 
G 4 HOH 17 78  78  HOH HOH A . 
G 4 HOH 18 79  79  HOH HOH A . 
G 4 HOH 19 80  80  HOH HOH A . 
G 4 HOH 20 81  81  HOH HOH A . 
G 4 HOH 21 82  82  HOH HOH A . 
G 4 HOH 22 83  83  HOH HOH A . 
G 4 HOH 23 84  84  HOH HOH A . 
G 4 HOH 24 85  85  HOH HOH A . 
G 4 HOH 25 86  86  HOH HOH A . 
G 4 HOH 26 87  87  HOH HOH A . 
G 4 HOH 27 88  88  HOH HOH A . 
G 4 HOH 28 89  89  HOH HOH A . 
G 4 HOH 29 90  90  HOH HOH A . 
G 4 HOH 30 91  91  HOH HOH A . 
G 4 HOH 31 92  92  HOH HOH A . 
G 4 HOH 32 93  93  HOH HOH A . 
G 4 HOH 33 94  94  HOH HOH A . 
G 4 HOH 34 95  95  HOH HOH A . 
G 4 HOH 35 96  96  HOH HOH A . 
G 4 HOH 36 97  97  HOH HOH A . 
G 4 HOH 37 98  98  HOH HOH A . 
G 4 HOH 38 99  99  HOH HOH A . 
G 4 HOH 39 100 100 HOH HOH A . 
G 4 HOH 40 101 101 HOH HOH A . 
G 4 HOH 41 102 102 HOH HOH A . 
G 4 HOH 42 103 103 HOH HOH A . 
G 4 HOH 43 104 104 HOH HOH A . 
G 4 HOH 44 105 105 HOH HOH A . 
G 4 HOH 45 106 106 HOH HOH A . 
G 4 HOH 46 107 107 HOH HOH A . 
G 4 HOH 47 108 108 HOH HOH A . 
G 4 HOH 48 109 109 HOH HOH A . 
G 4 HOH 49 110 110 HOH HOH A . 
G 4 HOH 50 111 111 HOH HOH A . 
G 4 HOH 51 112 112 HOH HOH A . 
G 4 HOH 52 113 113 HOH HOH A . 
G 4 HOH 53 114 114 HOH HOH A . 
G 4 HOH 54 115 115 HOH HOH A . 
G 4 HOH 55 116 116 HOH HOH A . 
G 4 HOH 56 117 117 HOH HOH A . 
G 4 HOH 57 118 118 HOH HOH A . 
G 4 HOH 58 119 119 HOH HOH A . 
G 4 HOH 59 120 120 HOH HOH A . 
G 4 HOH 60 121 121 HOH HOH A . 
G 4 HOH 61 122 122 HOH HOH A . 
G 4 HOH 62 123 123 HOH HOH A . 
G 4 HOH 63 124 124 HOH HOH A . 
G 4 HOH 64 125 125 HOH HOH A . 
G 4 HOH 65 126 126 HOH HOH A . 
G 4 HOH 66 127 127 HOH HOH A . 
G 4 HOH 67 128 128 HOH HOH A . 
G 4 HOH 68 129 129 HOH HOH A . 
G 4 HOH 69 130 130 HOH HOH A . 
G 4 HOH 70 131 131 HOH HOH A . 
G 4 HOH 71 132 132 HOH HOH A . 
G 4 HOH 72 133 133 HOH HOH A . 
G 4 HOH 73 134 134 HOH HOH A . 
G 4 HOH 74 136 136 HOH HOH A . 
G 4 HOH 75 137 137 HOH HOH A . 
G 4 HOH 76 138 138 HOH HOH A . 
G 4 HOH 77 139 139 HOH HOH A . 
G 4 HOH 78 140 140 HOH HOH A . 
G 4 HOH 79 141 141 HOH HOH A . 
H 4 HOH 1  60  60  HOH HOH B . 
H 4 HOH 2  61  61  HOH HOH B . 
H 4 HOH 3  62  62  HOH HOH B . 
H 4 HOH 4  63  63  HOH HOH B . 
H 4 HOH 5  64  64  HOH HOH B . 
H 4 HOH 6  65  65  HOH HOH B . 
H 4 HOH 7  66  66  HOH HOH B . 
H 4 HOH 8  67  67  HOH HOH B . 
H 4 HOH 9  68  68  HOH HOH B . 
H 4 HOH 10 69  69  HOH HOH B . 
H 4 HOH 11 70  70  HOH HOH B . 
H 4 HOH 12 71  71  HOH HOH B . 
H 4 HOH 13 72  72  HOH HOH B . 
H 4 HOH 14 73  73  HOH HOH B . 
H 4 HOH 15 74  74  HOH HOH B . 
H 4 HOH 16 75  75  HOH HOH B . 
H 4 HOH 17 76  76  HOH HOH B . 
H 4 HOH 18 77  77  HOH HOH B . 
H 4 HOH 19 78  78  HOH HOH B . 
H 4 HOH 20 79  79  HOH HOH B . 
H 4 HOH 21 80  80  HOH HOH B . 
H 4 HOH 22 81  81  HOH HOH B . 
H 4 HOH 23 83  83  HOH HOH B . 
H 4 HOH 24 84  84  HOH HOH B . 
H 4 HOH 25 85  85  HOH HOH B . 
H 4 HOH 26 86  86  HOH HOH B . 
H 4 HOH 27 87  87  HOH HOH B . 
H 4 HOH 28 88  88  HOH HOH B . 
H 4 HOH 29 89  89  HOH HOH B . 
H 4 HOH 30 90  90  HOH HOH B . 
H 4 HOH 31 91  91  HOH HOH B . 
H 4 HOH 32 92  92  HOH HOH B . 
H 4 HOH 33 93  93  HOH HOH B . 
H 4 HOH 34 94  94  HOH HOH B . 
H 4 HOH 35 95  95  HOH HOH B . 
H 4 HOH 36 96  96  HOH HOH B . 
H 4 HOH 37 97  97  HOH HOH B . 
H 4 HOH 38 98  98  HOH HOH B . 
H 4 HOH 39 99  99  HOH HOH B . 
H 4 HOH 40 100 100 HOH HOH B . 
H 4 HOH 41 102 102 HOH HOH B . 
H 4 HOH 42 103 103 HOH HOH B . 
H 4 HOH 43 104 104 HOH HOH B . 
H 4 HOH 44 105 105 HOH HOH B . 
H 4 HOH 45 106 106 HOH HOH B . 
H 4 HOH 46 107 107 HOH HOH B . 
H 4 HOH 47 108 108 HOH HOH B . 
H 4 HOH 48 109 109 HOH HOH B . 
H 4 HOH 49 110 110 HOH HOH B . 
H 4 HOH 50 111 111 HOH HOH B . 
H 4 HOH 51 112 112 HOH HOH B . 
H 4 HOH 52 113 113 HOH HOH B . 
H 4 HOH 53 114 114 HOH HOH B . 
H 4 HOH 54 115 115 HOH HOH B . 
H 4 HOH 55 116 116 HOH HOH B . 
H 4 HOH 56 117 117 HOH HOH B . 
H 4 HOH 57 118 118 HOH HOH B . 
H 4 HOH 58 119 119 HOH HOH B . 
H 4 HOH 59 120 120 HOH HOH B . 
H 4 HOH 60 121 121 HOH HOH B . 
H 4 HOH 61 122 122 HOH HOH B . 
H 4 HOH 62 123 123 HOH HOH B . 
H 4 HOH 63 124 124 HOH HOH B . 
H 4 HOH 64 125 125 HOH HOH B . 
H 4 HOH 65 126 126 HOH HOH B . 
H 4 HOH 66 127 127 HOH HOH B . 
H 4 HOH 67 128 128 HOH HOH B . 
H 4 HOH 68 129 129 HOH HOH B . 
H 4 HOH 69 130 130 HOH HOH B . 
H 4 HOH 70 131 131 HOH HOH B . 
H 4 HOH 71 132 132 HOH HOH B . 
H 4 HOH 72 133 133 HOH HOH B . 
H 4 HOH 73 134 134 HOH HOH B . 
H 4 HOH 74 135 135 HOH HOH B . 
H 4 HOH 75 136 136 HOH HOH B . 
H 4 HOH 76 137 137 HOH HOH B . 
H 4 HOH 77 138 138 HOH HOH B . 
H 4 HOH 78 139 139 HOH HOH B . 
H 4 HOH 79 140 140 HOH HOH B . 
H 4 HOH 80 141 141 HOH HOH B . 
H 4 HOH 81 142 142 HOH HOH B . 
H 4 HOH 82 143 143 HOH HOH B . 
H 4 HOH 83 144 144 HOH HOH B . 
H 4 HOH 84 145 145 HOH HOH B . 
H 4 HOH 85 147 147 HOH HOH B . 
I 4 HOH 1  61  61  HOH HOH C . 
I 4 HOH 2  62  62  HOH HOH C . 
I 4 HOH 3  63  63  HOH HOH C . 
I 4 HOH 4  64  64  HOH HOH C . 
I 4 HOH 5  65  65  HOH HOH C . 
I 4 HOH 6  66  66  HOH HOH C . 
I 4 HOH 7  67  67  HOH HOH C . 
I 4 HOH 8  68  68  HOH HOH C . 
I 4 HOH 9  69  69  HOH HOH C . 
I 4 HOH 10 70  70  HOH HOH C . 
I 4 HOH 11 71  71  HOH HOH C . 
I 4 HOH 12 72  72  HOH HOH C . 
I 4 HOH 13 73  73  HOH HOH C . 
I 4 HOH 14 74  74  HOH HOH C . 
I 4 HOH 15 75  75  HOH HOH C . 
I 4 HOH 16 77  77  HOH HOH C . 
I 4 HOH 17 78  78  HOH HOH C . 
I 4 HOH 18 79  79  HOH HOH C . 
I 4 HOH 19 80  80  HOH HOH C . 
I 4 HOH 20 81  81  HOH HOH C . 
I 4 HOH 21 82  82  HOH HOH C . 
I 4 HOH 22 83  83  HOH HOH C . 
I 4 HOH 23 84  84  HOH HOH C . 
I 4 HOH 24 85  85  HOH HOH C . 
I 4 HOH 25 86  86  HOH HOH C . 
I 4 HOH 26 87  87  HOH HOH C . 
I 4 HOH 27 88  88  HOH HOH C . 
I 4 HOH 28 89  89  HOH HOH C . 
I 4 HOH 29 90  90  HOH HOH C . 
I 4 HOH 30 91  91  HOH HOH C . 
I 4 HOH 31 92  92  HOH HOH C . 
I 4 HOH 32 93  93  HOH HOH C . 
I 4 HOH 33 94  94  HOH HOH C . 
I 4 HOH 34 95  95  HOH HOH C . 
I 4 HOH 35 96  96  HOH HOH C . 
I 4 HOH 36 97  97  HOH HOH C . 
I 4 HOH 37 98  98  HOH HOH C . 
I 4 HOH 38 99  99  HOH HOH C . 
I 4 HOH 39 100 100 HOH HOH C . 
I 4 HOH 40 101 101 HOH HOH C . 
I 4 HOH 41 102 102 HOH HOH C . 
I 4 HOH 42 103 103 HOH HOH C . 
I 4 HOH 43 105 105 HOH HOH C . 
I 4 HOH 44 106 106 HOH HOH C . 
I 4 HOH 45 107 107 HOH HOH C . 
I 4 HOH 46 108 108 HOH HOH C . 
I 4 HOH 47 109 109 HOH HOH C . 
I 4 HOH 48 110 110 HOH HOH C . 
I 4 HOH 49 111 111 HOH HOH C . 
I 4 HOH 50 112 112 HOH HOH C . 
I 4 HOH 51 113 113 HOH HOH C . 
I 4 HOH 52 114 114 HOH HOH C . 
I 4 HOH 53 115 115 HOH HOH C . 
I 4 HOH 54 116 116 HOH HOH C . 
I 4 HOH 55 117 117 HOH HOH C . 
I 4 HOH 56 118 118 HOH HOH C . 
I 4 HOH 57 119 119 HOH HOH C . 
I 4 HOH 58 120 120 HOH HOH C . 
I 4 HOH 59 121 121 HOH HOH C . 
I 4 HOH 60 122 122 HOH HOH C . 
I 4 HOH 61 123 123 HOH HOH C . 
I 4 HOH 62 124 124 HOH HOH C . 
I 4 HOH 63 125 125 HOH HOH C . 
I 4 HOH 64 126 126 HOH HOH C . 
I 4 HOH 65 127 127 HOH HOH C . 
I 4 HOH 66 128 128 HOH HOH C . 
I 4 HOH 67 129 129 HOH HOH C . 
I 4 HOH 68 130 130 HOH HOH C . 
I 4 HOH 69 131 131 HOH HOH C . 
# 
loop_
_software.name 
_software.classification 
_software.version 
_software.citation_id 
_software.pdbx_ordinal 
REFMAC       refinement        5.2.0019 ? 1 
CrystalClear 'data collection' .        ? 2 
HKL-2000     'data reduction'  .        ? 3 
HKL-2000     'data scaling'    .        ? 4 
PHASER       phasing           .        ? 5 
# 
_cell.entry_id           3BYB 
_cell.length_a           99.918 
_cell.length_b           99.918 
_cell.length_c           77.712 
_cell.angle_alpha        90.00 
_cell.angle_beta         90.00 
_cell.angle_gamma        90.00 
_cell.Z_PDB              48 
_cell.pdbx_unique_axis   ? 
_cell.length_a_esd       ? 
_cell.length_b_esd       ? 
_cell.length_c_esd       ? 
_cell.angle_alpha_esd    ? 
_cell.angle_beta_esd     ? 
_cell.angle_gamma_esd    ? 
# 
_symmetry.entry_id                         3BYB 
_symmetry.space_group_name_H-M             'I 4 2 2' 
_symmetry.pdbx_full_space_group_name_H-M   ? 
_symmetry.cell_setting                     ? 
_symmetry.Int_Tables_number                97 
_symmetry.space_group_name_Hall            ? 
# 
_exptl.entry_id          3BYB 
_exptl.method            'X-RAY DIFFRACTION' 
_exptl.crystals_number   1 
# 
_exptl_crystal.id                    1 
_exptl_crystal.density_meas          ? 
_exptl_crystal.density_Matthews      2.41 
_exptl_crystal.density_percent_sol   49.03 
_exptl_crystal.description           ? 
_exptl_crystal.F_000                 ? 
_exptl_crystal.preparation           ? 
# 
_exptl_crystal_grow.crystal_id      1 
_exptl_crystal_grow.method          'VAPOR DIFFUSION, HANGING DROP' 
_exptl_crystal_grow.temp            290 
_exptl_crystal_grow.temp_details    ? 
_exptl_crystal_grow.pH              7.5 
_exptl_crystal_grow.pdbx_details    
'0.1M HEPES, 2% (v/v) PEG 400, 2.0M ammonium sulfate , pH 7.5, VAPOR DIFFUSION, HANGING DROP, temperature 290K' 
_exptl_crystal_grow.pdbx_pH_range   . 
# 
_diffrn.id                     1 
_diffrn.ambient_temp           100 
_diffrn.ambient_temp_details   ? 
_diffrn.crystal_id             1 
# 
_diffrn_detector.diffrn_id              1 
_diffrn_detector.detector               'IMAGE PLATE' 
_diffrn_detector.type                   'RIGAKU RAXIS IV++' 
_diffrn_detector.pdbx_collection_date   2005-09-19 
_diffrn_detector.details                'Confocal X-ray optics Osmic mirrors' 
# 
_diffrn_radiation.diffrn_id                        1 
_diffrn_radiation.wavelength_id                    1 
_diffrn_radiation.pdbx_monochromatic_or_laue_m_l   M 
_diffrn_radiation.monochromator                    ? 
_diffrn_radiation.pdbx_diffrn_protocol             'SINGLE WAVELENGTH' 
_diffrn_radiation.pdbx_scattering_type             x-ray 
# 
_diffrn_radiation_wavelength.id           1 
_diffrn_radiation_wavelength.wavelength   1.54178 
_diffrn_radiation_wavelength.wt           1.0 
# 
_diffrn_source.diffrn_id                   1 
_diffrn_source.source                      'ROTATING ANODE' 
_diffrn_source.type                        'RIGAKU FR-E+ SUPERBRIGHT' 
_diffrn_source.pdbx_synchrotron_site       ? 
_diffrn_source.pdbx_synchrotron_beamline   ? 
_diffrn_source.pdbx_wavelength             ? 
_diffrn_source.pdbx_wavelength_list        1.54178 
# 
_reflns.entry_id                     3BYB 
_reflns.observed_criterion_sigma_F   ? 
_reflns.observed_criterion_sigma_I   3.00 
_reflns.d_resolution_high            1.63 
_reflns.d_resolution_low             50.00 
_reflns.number_all                   24779 
_reflns.number_obs                   24694 
_reflns.percent_possible_obs         99.6 
_reflns.pdbx_Rmerge_I_obs            0.075 
_reflns.pdbx_Rsym_value              ? 
_reflns.pdbx_netI_over_sigmaI        16.9 
_reflns.B_iso_Wilson_estimate        ? 
_reflns.pdbx_redundancy              9.06 
_reflns.R_free_details               ? 
_reflns.limit_h_max                  ? 
_reflns.limit_h_min                  ? 
_reflns.limit_k_max                  ? 
_reflns.limit_k_min                  ? 
_reflns.limit_l_max                  ? 
_reflns.limit_l_min                  ? 
_reflns.observed_criterion_F_max     ? 
_reflns.observed_criterion_F_min     ? 
_reflns.pdbx_chi_squared             ? 
_reflns.pdbx_scaling_rejects         ? 
_reflns.pdbx_diffrn_id               1 
_reflns.pdbx_ordinal                 1 
# 
_reflns_shell.d_res_high             1.63 
_reflns_shell.d_res_low              1.69 
_reflns_shell.percent_possible_all   98.8 
_reflns_shell.Rmerge_I_obs           0.360 
_reflns_shell.pdbx_Rsym_value        ? 
_reflns_shell.meanI_over_sigI_obs    ? 
_reflns_shell.pdbx_redundancy        8.7 
_reflns_shell.percent_possible_obs   ? 
_reflns_shell.number_unique_all      ? 
_reflns_shell.number_measured_all    ? 
_reflns_shell.number_measured_obs    ? 
_reflns_shell.number_unique_obs      ? 
_reflns_shell.pdbx_chi_squared       ? 
_reflns_shell.pdbx_diffrn_id         ? 
_reflns_shell.pdbx_ordinal           1 
# 
_refine.entry_id                                 3BYB 
_refine.ls_number_reflns_obs                     23435 
_refine.ls_number_reflns_all                     23435 
_refine.pdbx_ls_sigma_I                          ? 
_refine.pdbx_ls_sigma_F                          0.0 
_refine.pdbx_data_cutoff_high_absF               ? 
_refine.pdbx_data_cutoff_low_absF                ? 
_refine.pdbx_data_cutoff_high_rms_absF           ? 
_refine.ls_d_res_low                             22.41 
_refine.ls_d_res_high                            1.63 
_refine.ls_percent_reflns_obs                    99.66 
_refine.ls_R_factor_obs                          0.19265 
_refine.ls_R_factor_all                          ? 
_refine.ls_R_factor_R_work                       0.19124 
_refine.ls_R_factor_R_free                       0.21799 
_refine.ls_R_factor_R_free_error                 ? 
_refine.ls_R_factor_R_free_error_details         ? 
_refine.ls_percent_reflns_R_free                 5.1 
_refine.ls_number_reflns_R_free                  1259 
_refine.ls_number_parameters                     ? 
_refine.ls_number_restraints                     ? 
_refine.occupancy_min                            ? 
_refine.occupancy_max                            ? 
_refine.correlation_coeff_Fo_to_Fc               0.954 
_refine.correlation_coeff_Fo_to_Fc_free          0.936 
_refine.B_iso_mean                               20.333 
_refine.aniso_B[1][1]                            0.00 
_refine.aniso_B[2][2]                            0.00 
_refine.aniso_B[3][3]                            -0.01 
_refine.aniso_B[1][2]                            0.00 
_refine.aniso_B[1][3]                            0.00 
_refine.aniso_B[2][3]                            0.00 
_refine.solvent_model_details                    MASK 
_refine.solvent_model_param_ksol                 ? 
_refine.solvent_model_param_bsol                 ? 
_refine.pdbx_solvent_vdw_probe_radii             1.40 
_refine.pdbx_solvent_ion_probe_radii             0.80 
_refine.pdbx_solvent_shrinkage_radii             0.80 
_refine.pdbx_ls_cross_valid_method               THROUGHOUT 
_refine.details                                  ? 
_refine.pdbx_starting_model                      ? 
_refine.pdbx_method_to_determine_struct          'MOLECULAR REPLACEMENT' 
_refine.pdbx_isotropic_thermal_model             ? 
_refine.pdbx_stereochemistry_target_values       'MAXIMUM LIKELIHOOD' 
_refine.pdbx_stereochem_target_val_spec_case     ? 
_refine.pdbx_R_Free_selection_details            RANDOM 
_refine.pdbx_overall_ESU_R                       0.099 
_refine.pdbx_overall_ESU_R_Free                  0.096 
_refine.overall_SU_ML                            0.055 
_refine.overall_SU_B                             1.522 
_refine.ls_redundancy_reflns_obs                 ? 
_refine.B_iso_min                                ? 
_refine.B_iso_max                                ? 
_refine.overall_SU_R_Cruickshank_DPI             ? 
_refine.overall_SU_R_free                        ? 
_refine.ls_wR_factor_R_free                      ? 
_refine.ls_wR_factor_R_work                      ? 
_refine.overall_FOM_free_R_set                   ? 
_refine.overall_FOM_work_R_set                   ? 
_refine.pdbx_overall_phase_error                 ? 
_refine.pdbx_refine_id                           'X-RAY DIFFRACTION' 
_refine.pdbx_diffrn_id                           1 
_refine.pdbx_TLS_residual_ADP_flag               ? 
_refine.pdbx_overall_SU_R_free_Cruickshank_DPI   ? 
_refine.pdbx_overall_SU_R_Blow_DPI               ? 
_refine.pdbx_overall_SU_R_free_Blow_DPI          ? 
# 
_refine_hist.pdbx_refine_id                   'X-RAY DIFFRACTION' 
_refine_hist.cycle_id                         LAST 
_refine_hist.pdbx_number_atoms_protein        1379 
_refine_hist.pdbx_number_atoms_nucleic_acid   0 
_refine_hist.pdbx_number_atoms_ligand         17 
_refine_hist.number_atoms_solvent             233 
_refine_hist.number_atoms_total               1629 
_refine_hist.d_res_high                       1.63 
_refine_hist.d_res_low                        22.41 
# 
loop_
_refine_ls_restr.type 
_refine_ls_restr.dev_ideal 
_refine_ls_restr.dev_ideal_target 
_refine_ls_restr.weight 
_refine_ls_restr.number 
_refine_ls_restr.pdbx_refine_id 
_refine_ls_restr.pdbx_restraint_function 
r_bond_refined_d         0.010  0.022  ? 1440 'X-RAY DIFFRACTION' ? 
r_angle_refined_deg      1.243  1.979  ? 1946 'X-RAY DIFFRACTION' ? 
r_dihedral_angle_1_deg   6.331  5.000  ? 171  'X-RAY DIFFRACTION' ? 
r_dihedral_angle_2_deg   32.630 24.615 ? 78   'X-RAY DIFFRACTION' ? 
r_dihedral_angle_3_deg   12.596 15.000 ? 221  'X-RAY DIFFRACTION' ? 
r_dihedral_angle_4_deg   19.330 15.000 ? 9    'X-RAY DIFFRACTION' ? 
r_chiral_restr           0.095  0.200  ? 186  'X-RAY DIFFRACTION' ? 
r_gen_planes_refined     0.005  0.020  ? 1154 'X-RAY DIFFRACTION' ? 
r_nbd_refined            0.193  0.200  ? 658  'X-RAY DIFFRACTION' ? 
r_nbtor_refined          0.311  0.200  ? 998  'X-RAY DIFFRACTION' ? 
r_xyhbond_nbd_refined    0.143  0.200  ? 176  'X-RAY DIFFRACTION' ? 
r_symmetry_vdw_refined   0.271  0.200  ? 37   'X-RAY DIFFRACTION' ? 
r_symmetry_hbond_refined 0.331  0.200  ? 24   'X-RAY DIFFRACTION' ? 
r_mcbond_it              0.832  1.500  ? 888  'X-RAY DIFFRACTION' ? 
r_mcangle_it             1.366  2.000  ? 1404 'X-RAY DIFFRACTION' ? 
r_scbond_it              2.128  3.000  ? 610  'X-RAY DIFFRACTION' ? 
r_scangle_it             3.487  4.500  ? 542  'X-RAY DIFFRACTION' ? 
# 
_refine_ls_shell.pdbx_total_number_of_bins_used   20 
_refine_ls_shell.d_res_high                       1.631 
_refine_ls_shell.d_res_low                        1.673 
_refine_ls_shell.number_reflns_R_work             1656 
_refine_ls_shell.R_factor_R_work                  0.239 
_refine_ls_shell.percent_reflns_obs               99.15 
_refine_ls_shell.R_factor_R_free                  0.274 
_refine_ls_shell.R_factor_R_free_error            ? 
_refine_ls_shell.percent_reflns_R_free            ? 
_refine_ls_shell.number_reflns_R_free             100 
_refine_ls_shell.number_reflns_all                ? 
_refine_ls_shell.R_factor_all                     ? 
_refine_ls_shell.number_reflns_obs                1656 
_refine_ls_shell.redundancy_reflns_obs            ? 
_refine_ls_shell.pdbx_refine_id                   'X-RAY DIFFRACTION' 
# 
_struct.entry_id                  3BYB 
_struct.title                     
'Crystal structure of Textilinin-1, a Kunitz-type serine protease inhibitor from the Australian Common Brown snake venom' 
_struct.pdbx_model_details        ? 
_struct.pdbx_CASP_flag            ? 
_struct.pdbx_model_type_details   ? 
# 
_struct_keywords.entry_id        3BYB 
_struct_keywords.pdbx_keywords   'HYDROLASE INHIBITOR' 
_struct_keywords.text            'BPTI-like, beta hairpin, Kunitz-type protease inhibitor, trypsin, plasmin, HYDROLASE INHIBITOR' 
# 
loop_
_struct_asym.id 
_struct_asym.pdbx_blank_PDB_chainid_flag 
_struct_asym.pdbx_modified 
_struct_asym.entity_id 
_struct_asym.details 
A N N 1 ? 
B N N 1 ? 
C N N 1 ? 
D N N 2 ? 
E N N 3 ? 
F N N 3 ? 
G N N 4 ? 
H N N 4 ? 
I N N 4 ? 
# 
_struct_ref.id                         1 
_struct_ref.db_name                    UNP 
_struct_ref.db_code                    Q90WA1_PSETE 
_struct_ref.pdbx_db_accession          Q90WA1 
_struct_ref.entity_id                  1 
_struct_ref.pdbx_seq_one_letter_code   KDRPDFCELPADTGPCRVRFPSFYYNPDEKKCLEFIYGGCEGNANNFITKEECESTCAA 
_struct_ref.pdbx_align_begin           25 
_struct_ref.pdbx_db_isoform            ? 
# 
loop_
_struct_ref_seq.align_id 
_struct_ref_seq.ref_id 
_struct_ref_seq.pdbx_PDB_id_code 
_struct_ref_seq.pdbx_strand_id 
_struct_ref_seq.seq_align_beg 
_struct_ref_seq.pdbx_seq_align_beg_ins_code 
_struct_ref_seq.seq_align_end 
_struct_ref_seq.pdbx_seq_align_end_ins_code 
_struct_ref_seq.pdbx_db_accession 
_struct_ref_seq.db_align_beg 
_struct_ref_seq.pdbx_db_align_beg_ins_code 
_struct_ref_seq.db_align_end 
_struct_ref_seq.pdbx_db_align_end_ins_code 
_struct_ref_seq.pdbx_auth_seq_align_beg 
_struct_ref_seq.pdbx_auth_seq_align_end 
1 1 3BYB A 1 ? 59 ? Q90WA1 25 ? 83 ? 1 59 
2 1 3BYB B 1 ? 59 ? Q90WA1 25 ? 83 ? 1 59 
3 1 3BYB C 1 ? 59 ? Q90WA1 25 ? 83 ? 1 59 
# 
_pdbx_struct_assembly.id                   1 
_pdbx_struct_assembly.details              software_defined_assembly 
_pdbx_struct_assembly.method_details       PISA 
_pdbx_struct_assembly.oligomeric_details   trimeric 
_pdbx_struct_assembly.oligomeric_count     3 
# 
loop_
_pdbx_struct_assembly_prop.biol_id 
_pdbx_struct_assembly_prop.type 
_pdbx_struct_assembly_prop.value 
_pdbx_struct_assembly_prop.details 
1 'ABSA (A^2)' 2090 ? 
1 MORE         -8   ? 
1 'SSA (A^2)'  9860 ? 
# 
_pdbx_struct_assembly_gen.assembly_id       1 
_pdbx_struct_assembly_gen.oper_expression   1 
_pdbx_struct_assembly_gen.asym_id_list      A,B,C,D,E,F,G,H,I 
# 
_pdbx_struct_oper_list.id                   1 
_pdbx_struct_oper_list.type                 'identity operation' 
_pdbx_struct_oper_list.name                 1_555 
_pdbx_struct_oper_list.symmetry_operation   x,y,z 
_pdbx_struct_oper_list.matrix[1][1]         1.0000000000 
_pdbx_struct_oper_list.matrix[1][2]         0.0000000000 
_pdbx_struct_oper_list.matrix[1][3]         0.0000000000 
_pdbx_struct_oper_list.vector[1]            0.0000000000 
_pdbx_struct_oper_list.matrix[2][1]         0.0000000000 
_pdbx_struct_oper_list.matrix[2][2]         1.0000000000 
_pdbx_struct_oper_list.matrix[2][3]         0.0000000000 
_pdbx_struct_oper_list.vector[2]            0.0000000000 
_pdbx_struct_oper_list.matrix[3][1]         0.0000000000 
_pdbx_struct_oper_list.matrix[3][2]         0.0000000000 
_pdbx_struct_oper_list.matrix[3][3]         1.0000000000 
_pdbx_struct_oper_list.vector[3]            0.0000000000 
# 
_struct_biol.id        1 
_struct_biol.details   ? 
# 
loop_
_struct_conf.conf_type_id 
_struct_conf.id 
_struct_conf.pdbx_PDB_helix_id 
_struct_conf.beg_label_comp_id 
_struct_conf.beg_label_asym_id 
_struct_conf.beg_label_seq_id 
_struct_conf.pdbx_beg_PDB_ins_code 
_struct_conf.end_label_comp_id 
_struct_conf.end_label_asym_id 
_struct_conf.end_label_seq_id 
_struct_conf.pdbx_end_PDB_ins_code 
_struct_conf.beg_auth_comp_id 
_struct_conf.beg_auth_asym_id 
_struct_conf.beg_auth_seq_id 
_struct_conf.end_auth_comp_id 
_struct_conf.end_auth_asym_id 
_struct_conf.end_auth_seq_id 
_struct_conf.pdbx_PDB_helix_class 
_struct_conf.details 
_struct_conf.pdbx_PDB_helix_length 
HELX_P HELX_P1 1 PRO A 4  ? LEU A 9  ? PRO A 4  LEU A 9  5 ? 6  
HELX_P HELX_P2 2 THR A 49 ? ALA A 58 ? THR A 49 ALA A 58 1 ? 10 
HELX_P HELX_P3 3 PRO B 4  ? LEU B 9  ? PRO B 4  LEU B 9  5 ? 6  
HELX_P HELX_P4 4 THR B 49 ? ALA B 58 ? THR B 49 ALA B 58 1 ? 10 
HELX_P HELX_P5 5 PRO C 4  ? LEU C 9  ? PRO C 4  LEU C 9  5 ? 6  
HELX_P HELX_P6 6 THR C 49 ? ALA C 58 ? THR C 49 ALA C 58 1 ? 10 
# 
_struct_conf_type.id          HELX_P 
_struct_conf_type.criteria    ? 
_struct_conf_type.reference   ? 
# 
loop_
_struct_conn.id 
_struct_conn.conn_type_id 
_struct_conn.pdbx_leaving_atom_flag 
_struct_conn.pdbx_PDB_id 
_struct_conn.ptnr1_label_asym_id 
_struct_conn.ptnr1_label_comp_id 
_struct_conn.ptnr1_label_seq_id 
_struct_conn.ptnr1_label_atom_id 
_struct_conn.pdbx_ptnr1_label_alt_id 
_struct_conn.pdbx_ptnr1_PDB_ins_code 
_struct_conn.pdbx_ptnr1_standard_comp_id 
_struct_conn.ptnr1_symmetry 
_struct_conn.ptnr2_label_asym_id 
_struct_conn.ptnr2_label_comp_id 
_struct_conn.ptnr2_label_seq_id 
_struct_conn.ptnr2_label_atom_id 
_struct_conn.pdbx_ptnr2_label_alt_id 
_struct_conn.pdbx_ptnr2_PDB_ins_code 
_struct_conn.ptnr1_auth_asym_id 
_struct_conn.ptnr1_auth_comp_id 
_struct_conn.ptnr1_auth_seq_id 
_struct_conn.ptnr2_auth_asym_id 
_struct_conn.ptnr2_auth_comp_id 
_struct_conn.ptnr2_auth_seq_id 
_struct_conn.ptnr2_symmetry 
_struct_conn.pdbx_ptnr3_label_atom_id 
_struct_conn.pdbx_ptnr3_label_seq_id 
_struct_conn.pdbx_ptnr3_label_comp_id 
_struct_conn.pdbx_ptnr3_label_asym_id 
_struct_conn.pdbx_ptnr3_label_alt_id 
_struct_conn.pdbx_ptnr3_PDB_ins_code 
_struct_conn.details 
_struct_conn.pdbx_dist_value 
_struct_conn.pdbx_value_order 
_struct_conn.pdbx_role 
disulf1 disulf ? ? A CYS 7  SG ? ? ? 1_555 A CYS 57 SG ? ? A CYS 7  A CYS 57 1_555 ? ? ? ? ? ? ? 2.037 ? ? 
disulf2 disulf ? ? A CYS 16 SG ? ? ? 1_555 A CYS 40 SG ? ? A CYS 16 A CYS 40 1_555 ? ? ? ? ? ? ? 2.067 ? ? 
disulf3 disulf ? ? A CYS 32 SG ? ? ? 1_555 A CYS 53 SG ? ? A CYS 32 A CYS 53 1_555 ? ? ? ? ? ? ? 2.073 ? ? 
disulf4 disulf ? ? B CYS 7  SG ? ? ? 1_555 B CYS 57 SG ? ? B CYS 7  B CYS 57 1_555 ? ? ? ? ? ? ? 2.016 ? ? 
disulf5 disulf ? ? B CYS 16 SG ? ? ? 1_555 B CYS 40 SG ? ? B CYS 16 B CYS 40 1_555 ? ? ? ? ? ? ? 2.047 ? ? 
disulf6 disulf ? ? B CYS 32 SG ? ? ? 1_555 B CYS 53 SG ? ? B CYS 32 B CYS 53 1_555 ? ? ? ? ? ? ? 2.045 ? ? 
disulf7 disulf ? ? C CYS 7  SG ? ? ? 1_555 C CYS 57 SG ? ? C CYS 7  C CYS 57 1_555 ? ? ? ? ? ? ? 2.042 ? ? 
disulf8 disulf ? ? C CYS 16 SG ? ? ? 1_555 C CYS 40 SG ? ? C CYS 16 C CYS 40 1_555 ? ? ? ? ? ? ? 2.121 ? ? 
disulf9 disulf ? ? C CYS 32 SG ? ? ? 1_555 C CYS 53 SG ? ? C CYS 32 C CYS 53 1_555 ? ? ? ? ? ? ? 2.051 ? ? 
# 
_struct_conn_type.id          disulf 
_struct_conn_type.criteria    ? 
_struct_conn_type.reference   ? 
# 
loop_
_pdbx_modification_feature.ordinal 
_pdbx_modification_feature.label_comp_id 
_pdbx_modification_feature.label_asym_id 
_pdbx_modification_feature.label_seq_id 
_pdbx_modification_feature.label_alt_id 
_pdbx_modification_feature.modified_residue_label_comp_id 
_pdbx_modification_feature.modified_residue_label_asym_id 
_pdbx_modification_feature.modified_residue_label_seq_id 
_pdbx_modification_feature.modified_residue_label_alt_id 
_pdbx_modification_feature.auth_comp_id 
_pdbx_modification_feature.auth_asym_id 
_pdbx_modification_feature.auth_seq_id 
_pdbx_modification_feature.PDB_ins_code 
_pdbx_modification_feature.symmetry 
_pdbx_modification_feature.modified_residue_auth_comp_id 
_pdbx_modification_feature.modified_residue_auth_asym_id 
_pdbx_modification_feature.modified_residue_auth_seq_id 
_pdbx_modification_feature.modified_residue_PDB_ins_code 
_pdbx_modification_feature.modified_residue_symmetry 
_pdbx_modification_feature.comp_id_linking_atom 
_pdbx_modification_feature.modified_residue_id_linking_atom 
_pdbx_modification_feature.modified_residue_id 
_pdbx_modification_feature.ref_pcm_id 
_pdbx_modification_feature.ref_comp_id 
_pdbx_modification_feature.type 
_pdbx_modification_feature.category 
1 CYS A 7  ? CYS A 57 ? CYS A 7  ? 1_555 CYS A 57 ? 1_555 SG SG . . . None 'Disulfide bridge' 
2 CYS A 16 ? CYS A 40 ? CYS A 16 ? 1_555 CYS A 40 ? 1_555 SG SG . . . None 'Disulfide bridge' 
3 CYS A 32 ? CYS A 53 ? CYS A 32 ? 1_555 CYS A 53 ? 1_555 SG SG . . . None 'Disulfide bridge' 
4 CYS B 7  ? CYS B 57 ? CYS B 7  ? 1_555 CYS B 57 ? 1_555 SG SG . . . None 'Disulfide bridge' 
5 CYS B 16 ? CYS B 40 ? CYS B 16 ? 1_555 CYS B 40 ? 1_555 SG SG . . . None 'Disulfide bridge' 
6 CYS B 32 ? CYS B 53 ? CYS B 32 ? 1_555 CYS B 53 ? 1_555 SG SG . . . None 'Disulfide bridge' 
7 CYS C 7  ? CYS C 57 ? CYS C 7  ? 1_555 CYS C 57 ? 1_555 SG SG . . . None 'Disulfide bridge' 
8 CYS C 16 ? CYS C 40 ? CYS C 16 ? 1_555 CYS C 40 ? 1_555 SG SG . . . None 'Disulfide bridge' 
9 CYS C 32 ? CYS C 53 ? CYS C 32 ? 1_555 CYS C 53 ? 1_555 SG SG . . . None 'Disulfide bridge' 
# 
loop_
_struct_sheet.id 
_struct_sheet.type 
_struct_sheet.number_strands 
_struct_sheet.details 
A ? 2 ? 
B ? 2 ? 
C ? 2 ? 
# 
loop_
_struct_sheet_order.sheet_id 
_struct_sheet_order.range_id_1 
_struct_sheet_order.range_id_2 
_struct_sheet_order.offset 
_struct_sheet_order.sense 
A 1 2 ? anti-parallel 
B 1 2 ? anti-parallel 
C 1 2 ? anti-parallel 
# 
loop_
_struct_sheet_range.sheet_id 
_struct_sheet_range.id 
_struct_sheet_range.beg_label_comp_id 
_struct_sheet_range.beg_label_asym_id 
_struct_sheet_range.beg_label_seq_id 
_struct_sheet_range.pdbx_beg_PDB_ins_code 
_struct_sheet_range.end_label_comp_id 
_struct_sheet_range.end_label_asym_id 
_struct_sheet_range.end_label_seq_id 
_struct_sheet_range.pdbx_end_PDB_ins_code 
_struct_sheet_range.beg_auth_comp_id 
_struct_sheet_range.beg_auth_asym_id 
_struct_sheet_range.beg_auth_seq_id 
_struct_sheet_range.end_auth_comp_id 
_struct_sheet_range.end_auth_asym_id 
_struct_sheet_range.end_auth_seq_id 
A 1 PHE A 20 ? ASN A 26 ? PHE A 20 ASN A 26 
A 2 LYS A 31 ? TYR A 37 ? LYS A 31 TYR A 37 
B 1 PHE B 20 ? ASN B 26 ? PHE B 20 ASN B 26 
B 2 LYS B 31 ? TYR B 37 ? LYS B 31 TYR B 37 
C 1 PHE C 20 ? ASN C 26 ? PHE C 20 ASN C 26 
C 2 LYS C 31 ? TYR C 37 ? LYS C 31 TYR C 37 
# 
loop_
_pdbx_struct_sheet_hbond.sheet_id 
_pdbx_struct_sheet_hbond.range_id_1 
_pdbx_struct_sheet_hbond.range_id_2 
_pdbx_struct_sheet_hbond.range_1_label_atom_id 
_pdbx_struct_sheet_hbond.range_1_label_comp_id 
_pdbx_struct_sheet_hbond.range_1_label_asym_id 
_pdbx_struct_sheet_hbond.range_1_label_seq_id 
_pdbx_struct_sheet_hbond.range_1_PDB_ins_code 
_pdbx_struct_sheet_hbond.range_1_auth_atom_id 
_pdbx_struct_sheet_hbond.range_1_auth_comp_id 
_pdbx_struct_sheet_hbond.range_1_auth_asym_id 
_pdbx_struct_sheet_hbond.range_1_auth_seq_id 
_pdbx_struct_sheet_hbond.range_2_label_atom_id 
_pdbx_struct_sheet_hbond.range_2_label_comp_id 
_pdbx_struct_sheet_hbond.range_2_label_asym_id 
_pdbx_struct_sheet_hbond.range_2_label_seq_id 
_pdbx_struct_sheet_hbond.range_2_PDB_ins_code 
_pdbx_struct_sheet_hbond.range_2_auth_atom_id 
_pdbx_struct_sheet_hbond.range_2_auth_comp_id 
_pdbx_struct_sheet_hbond.range_2_auth_asym_id 
_pdbx_struct_sheet_hbond.range_2_auth_seq_id 
A 1 2 N PHE A 20 ? N PHE A 20 O TYR A 37 ? O TYR A 37 
B 1 2 N SER B 22 ? N SER B 22 O PHE B 35 ? O PHE B 35 
C 1 2 N TYR C 24 ? N TYR C 24 O LEU C 33 ? O LEU C 33 
# 
_struct_site.id                   AC1 
_struct_site.pdbx_evidence_code   Software 
_struct_site.pdbx_auth_asym_id    A 
_struct_site.pdbx_auth_comp_id    SO4 
_struct_site.pdbx_auth_seq_id     60 
_struct_site.pdbx_auth_ins_code   ? 
_struct_site.pdbx_num_residues    7 
_struct_site.details              'BINDING SITE FOR RESIDUE SO4 A 60' 
# 
loop_
_struct_site_gen.id 
_struct_site_gen.site_id 
_struct_site_gen.pdbx_num_res 
_struct_site_gen.label_comp_id 
_struct_site_gen.label_asym_id 
_struct_site_gen.label_seq_id 
_struct_site_gen.pdbx_auth_ins_code 
_struct_site_gen.auth_comp_id 
_struct_site_gen.auth_asym_id 
_struct_site_gen.auth_seq_id 
_struct_site_gen.label_atom_id 
_struct_site_gen.label_alt_id 
_struct_site_gen.symmetry 
_struct_site_gen.details 
1 AC1 7 CYS A 40 ? CYS A 40  . ? 1_555 ? 
2 AC1 7 GLU A 41 ? GLU A 41  . ? 1_555 ? 
3 AC1 7 HOH G .  ? HOH A 68  . ? 4_565 ? 
4 AC1 7 HOH G .  ? HOH A 76  . ? 1_555 ? 
5 AC1 7 HOH G .  ? HOH A 78  . ? 1_555 ? 
6 AC1 7 HOH G .  ? HOH A 138 . ? 1_555 ? 
7 AC1 7 ARG C 17 ? ARG C 17  . ? 4_565 ? 
# 
_pdbx_entry_details.entry_id                   3BYB 
_pdbx_entry_details.compound_details           ? 
_pdbx_entry_details.source_details             ? 
_pdbx_entry_details.nonpolymer_details         ? 
_pdbx_entry_details.sequence_details           ? 
_pdbx_entry_details.has_ligand_of_interest     ? 
_pdbx_entry_details.has_protein_modification   Y 
# 
_pdbx_validate_close_contact.id               1 
_pdbx_validate_close_contact.PDB_model_num    1 
_pdbx_validate_close_contact.auth_atom_id_1   O 
_pdbx_validate_close_contact.auth_asym_id_1   B 
_pdbx_validate_close_contact.auth_comp_id_1   HOH 
_pdbx_validate_close_contact.auth_seq_id_1    73 
_pdbx_validate_close_contact.PDB_ins_code_1   ? 
_pdbx_validate_close_contact.label_alt_id_1   ? 
_pdbx_validate_close_contact.auth_atom_id_2   O 
_pdbx_validate_close_contact.auth_asym_id_2   B 
_pdbx_validate_close_contact.auth_comp_id_2   HOH 
_pdbx_validate_close_contact.auth_seq_id_2    145 
_pdbx_validate_close_contact.PDB_ins_code_2   ? 
_pdbx_validate_close_contact.label_alt_id_2   ? 
_pdbx_validate_close_contact.dist             2.07 
# 
loop_
_pdbx_validate_torsion.id 
_pdbx_validate_torsion.PDB_model_num 
_pdbx_validate_torsion.auth_comp_id 
_pdbx_validate_torsion.auth_asym_id 
_pdbx_validate_torsion.auth_seq_id 
_pdbx_validate_torsion.PDB_ins_code 
_pdbx_validate_torsion.label_alt_id 
_pdbx_validate_torsion.phi 
_pdbx_validate_torsion.psi 
1 1 GLU A 41 ? ? 56.38   -136.64 
2 1 GLU B 41 ? ? 56.53   -140.00 
3 1 ASN B 46 ? ? -164.62 103.59  
4 1 ARG C 19 ? ? -140.94 -17.95  
5 1 GLU C 41 ? ? 58.64   -136.17 
# 
loop_
_pdbx_unobs_or_zero_occ_residues.id 
_pdbx_unobs_or_zero_occ_residues.PDB_model_num 
_pdbx_unobs_or_zero_occ_residues.polymer_flag 
_pdbx_unobs_or_zero_occ_residues.occupancy_flag 
_pdbx_unobs_or_zero_occ_residues.auth_asym_id 
_pdbx_unobs_or_zero_occ_residues.auth_comp_id 
_pdbx_unobs_or_zero_occ_residues.auth_seq_id 
_pdbx_unobs_or_zero_occ_residues.PDB_ins_code 
_pdbx_unobs_or_zero_occ_residues.label_asym_id 
_pdbx_unobs_or_zero_occ_residues.label_comp_id 
_pdbx_unobs_or_zero_occ_residues.label_seq_id 
1 1 Y 1 A ALA 59 ? A ALA 59 
2 1 Y 1 B LYS 1  ? B LYS 1  
3 1 Y 1 C ALA 59 ? C ALA 59 
# 
loop_
_chem_comp_atom.comp_id 
_chem_comp_atom.atom_id 
_chem_comp_atom.type_symbol 
_chem_comp_atom.pdbx_aromatic_flag 
_chem_comp_atom.pdbx_stereo_config 
_chem_comp_atom.pdbx_ordinal 
ALA N    N N N 1   
ALA CA   C N S 2   
ALA C    C N N 3   
ALA O    O N N 4   
ALA CB   C N N 5   
ALA OXT  O N N 6   
ALA H    H N N 7   
ALA H2   H N N 8   
ALA HA   H N N 9   
ALA HB1  H N N 10  
ALA HB2  H N N 11  
ALA HB3  H N N 12  
ALA HXT  H N N 13  
ARG N    N N N 14  
ARG CA   C N S 15  
ARG C    C N N 16  
ARG O    O N N 17  
ARG CB   C N N 18  
ARG CG   C N N 19  
ARG CD   C N N 20  
ARG NE   N N N 21  
ARG CZ   C N N 22  
ARG NH1  N N N 23  
ARG NH2  N N N 24  
ARG OXT  O N N 25  
ARG H    H N N 26  
ARG H2   H N N 27  
ARG HA   H N N 28  
ARG HB2  H N N 29  
ARG HB3  H N N 30  
ARG HG2  H N N 31  
ARG HG3  H N N 32  
ARG HD2  H N N 33  
ARG HD3  H N N 34  
ARG HE   H N N 35  
ARG HH11 H N N 36  
ARG HH12 H N N 37  
ARG HH21 H N N 38  
ARG HH22 H N N 39  
ARG HXT  H N N 40  
ASN N    N N N 41  
ASN CA   C N S 42  
ASN C    C N N 43  
ASN O    O N N 44  
ASN CB   C N N 45  
ASN CG   C N N 46  
ASN OD1  O N N 47  
ASN ND2  N N N 48  
ASN OXT  O N N 49  
ASN H    H N N 50  
ASN H2   H N N 51  
ASN HA   H N N 52  
ASN HB2  H N N 53  
ASN HB3  H N N 54  
ASN HD21 H N N 55  
ASN HD22 H N N 56  
ASN HXT  H N N 57  
ASP N    N N N 58  
ASP CA   C N S 59  
ASP C    C N N 60  
ASP O    O N N 61  
ASP CB   C N N 62  
ASP CG   C N N 63  
ASP OD1  O N N 64  
ASP OD2  O N N 65  
ASP OXT  O N N 66  
ASP H    H N N 67  
ASP H2   H N N 68  
ASP HA   H N N 69  
ASP HB2  H N N 70  
ASP HB3  H N N 71  
ASP HD2  H N N 72  
ASP HXT  H N N 73  
CYS N    N N N 74  
CYS CA   C N R 75  
CYS C    C N N 76  
CYS O    O N N 77  
CYS CB   C N N 78  
CYS SG   S N N 79  
CYS OXT  O N N 80  
CYS H    H N N 81  
CYS H2   H N N 82  
CYS HA   H N N 83  
CYS HB2  H N N 84  
CYS HB3  H N N 85  
CYS HG   H N N 86  
CYS HXT  H N N 87  
ETX C2   C N N 88  
ETX O2   O N N 89  
ETX C3   C N N 90  
ETX C4   C N N 91  
ETX O1   O N N 92  
ETX C1   C N N 93  
ETX H21  H N N 94  
ETX H22  H N N 95  
ETX H31  H N N 96  
ETX H32  H N N 97  
ETX H41  H N N 98  
ETX H42  H N N 99  
ETX H43  H N N 100 
ETX HO1  H N N 101 
ETX H11  H N N 102 
ETX H12  H N N 103 
GLU N    N N N 104 
GLU CA   C N S 105 
GLU C    C N N 106 
GLU O    O N N 107 
GLU CB   C N N 108 
GLU CG   C N N 109 
GLU CD   C N N 110 
GLU OE1  O N N 111 
GLU OE2  O N N 112 
GLU OXT  O N N 113 
GLU H    H N N 114 
GLU H2   H N N 115 
GLU HA   H N N 116 
GLU HB2  H N N 117 
GLU HB3  H N N 118 
GLU HG2  H N N 119 
GLU HG3  H N N 120 
GLU HE2  H N N 121 
GLU HXT  H N N 122 
GLY N    N N N 123 
GLY CA   C N N 124 
GLY C    C N N 125 
GLY O    O N N 126 
GLY OXT  O N N 127 
GLY H    H N N 128 
GLY H2   H N N 129 
GLY HA2  H N N 130 
GLY HA3  H N N 131 
GLY HXT  H N N 132 
HOH O    O N N 133 
HOH H1   H N N 134 
HOH H2   H N N 135 
ILE N    N N N 136 
ILE CA   C N S 137 
ILE C    C N N 138 
ILE O    O N N 139 
ILE CB   C N S 140 
ILE CG1  C N N 141 
ILE CG2  C N N 142 
ILE CD1  C N N 143 
ILE OXT  O N N 144 
ILE H    H N N 145 
ILE H2   H N N 146 
ILE HA   H N N 147 
ILE HB   H N N 148 
ILE HG12 H N N 149 
ILE HG13 H N N 150 
ILE HG21 H N N 151 
ILE HG22 H N N 152 
ILE HG23 H N N 153 
ILE HD11 H N N 154 
ILE HD12 H N N 155 
ILE HD13 H N N 156 
ILE HXT  H N N 157 
LEU N    N N N 158 
LEU CA   C N S 159 
LEU C    C N N 160 
LEU O    O N N 161 
LEU CB   C N N 162 
LEU CG   C N N 163 
LEU CD1  C N N 164 
LEU CD2  C N N 165 
LEU OXT  O N N 166 
LEU H    H N N 167 
LEU H2   H N N 168 
LEU HA   H N N 169 
LEU HB2  H N N 170 
LEU HB3  H N N 171 
LEU HG   H N N 172 
LEU HD11 H N N 173 
LEU HD12 H N N 174 
LEU HD13 H N N 175 
LEU HD21 H N N 176 
LEU HD22 H N N 177 
LEU HD23 H N N 178 
LEU HXT  H N N 179 
LYS N    N N N 180 
LYS CA   C N S 181 
LYS C    C N N 182 
LYS O    O N N 183 
LYS CB   C N N 184 
LYS CG   C N N 185 
LYS CD   C N N 186 
LYS CE   C N N 187 
LYS NZ   N N N 188 
LYS OXT  O N N 189 
LYS H    H N N 190 
LYS H2   H N N 191 
LYS HA   H N N 192 
LYS HB2  H N N 193 
LYS HB3  H N N 194 
LYS HG2  H N N 195 
LYS HG3  H N N 196 
LYS HD2  H N N 197 
LYS HD3  H N N 198 
LYS HE2  H N N 199 
LYS HE3  H N N 200 
LYS HZ1  H N N 201 
LYS HZ2  H N N 202 
LYS HZ3  H N N 203 
LYS HXT  H N N 204 
PHE N    N N N 205 
PHE CA   C N S 206 
PHE C    C N N 207 
PHE O    O N N 208 
PHE CB   C N N 209 
PHE CG   C Y N 210 
PHE CD1  C Y N 211 
PHE CD2  C Y N 212 
PHE CE1  C Y N 213 
PHE CE2  C Y N 214 
PHE CZ   C Y N 215 
PHE OXT  O N N 216 
PHE H    H N N 217 
PHE H2   H N N 218 
PHE HA   H N N 219 
PHE HB2  H N N 220 
PHE HB3  H N N 221 
PHE HD1  H N N 222 
PHE HD2  H N N 223 
PHE HE1  H N N 224 
PHE HE2  H N N 225 
PHE HZ   H N N 226 
PHE HXT  H N N 227 
PRO N    N N N 228 
PRO CA   C N S 229 
PRO C    C N N 230 
PRO O    O N N 231 
PRO CB   C N N 232 
PRO CG   C N N 233 
PRO CD   C N N 234 
PRO OXT  O N N 235 
PRO H    H N N 236 
PRO HA   H N N 237 
PRO HB2  H N N 238 
PRO HB3  H N N 239 
PRO HG2  H N N 240 
PRO HG3  H N N 241 
PRO HD2  H N N 242 
PRO HD3  H N N 243 
PRO HXT  H N N 244 
SER N    N N N 245 
SER CA   C N S 246 
SER C    C N N 247 
SER O    O N N 248 
SER CB   C N N 249 
SER OG   O N N 250 
SER OXT  O N N 251 
SER H    H N N 252 
SER H2   H N N 253 
SER HA   H N N 254 
SER HB2  H N N 255 
SER HB3  H N N 256 
SER HG   H N N 257 
SER HXT  H N N 258 
SO4 S    S N N 259 
SO4 O1   O N N 260 
SO4 O2   O N N 261 
SO4 O3   O N N 262 
SO4 O4   O N N 263 
THR N    N N N 264 
THR CA   C N S 265 
THR C    C N N 266 
THR O    O N N 267 
THR CB   C N R 268 
THR OG1  O N N 269 
THR CG2  C N N 270 
THR OXT  O N N 271 
THR H    H N N 272 
THR H2   H N N 273 
THR HA   H N N 274 
THR HB   H N N 275 
THR HG1  H N N 276 
THR HG21 H N N 277 
THR HG22 H N N 278 
THR HG23 H N N 279 
THR HXT  H N N 280 
TYR N    N N N 281 
TYR CA   C N S 282 
TYR C    C N N 283 
TYR O    O N N 284 
TYR CB   C N N 285 
TYR CG   C Y N 286 
TYR CD1  C Y N 287 
TYR CD2  C Y N 288 
TYR CE1  C Y N 289 
TYR CE2  C Y N 290 
TYR CZ   C Y N 291 
TYR OH   O N N 292 
TYR OXT  O N N 293 
TYR H    H N N 294 
TYR H2   H N N 295 
TYR HA   H N N 296 
TYR HB2  H N N 297 
TYR HB3  H N N 298 
TYR HD1  H N N 299 
TYR HD2  H N N 300 
TYR HE1  H N N 301 
TYR HE2  H N N 302 
TYR HH   H N N 303 
TYR HXT  H N N 304 
VAL N    N N N 305 
VAL CA   C N S 306 
VAL C    C N N 307 
VAL O    O N N 308 
VAL CB   C N N 309 
VAL CG1  C N N 310 
VAL CG2  C N N 311 
VAL OXT  O N N 312 
VAL H    H N N 313 
VAL H2   H N N 314 
VAL HA   H N N 315 
VAL HB   H N N 316 
VAL HG11 H N N 317 
VAL HG12 H N N 318 
VAL HG13 H N N 319 
VAL HG21 H N N 320 
VAL HG22 H N N 321 
VAL HG23 H N N 322 
VAL HXT  H N N 323 
# 
loop_
_chem_comp_bond.comp_id 
_chem_comp_bond.atom_id_1 
_chem_comp_bond.atom_id_2 
_chem_comp_bond.value_order 
_chem_comp_bond.pdbx_aromatic_flag 
_chem_comp_bond.pdbx_stereo_config 
_chem_comp_bond.pdbx_ordinal 
ALA N   CA   sing N N 1   
ALA N   H    sing N N 2   
ALA N   H2   sing N N 3   
ALA CA  C    sing N N 4   
ALA CA  CB   sing N N 5   
ALA CA  HA   sing N N 6   
ALA C   O    doub N N 7   
ALA C   OXT  sing N N 8   
ALA CB  HB1  sing N N 9   
ALA CB  HB2  sing N N 10  
ALA CB  HB3  sing N N 11  
ALA OXT HXT  sing N N 12  
ARG N   CA   sing N N 13  
ARG N   H    sing N N 14  
ARG N   H2   sing N N 15  
ARG CA  C    sing N N 16  
ARG CA  CB   sing N N 17  
ARG CA  HA   sing N N 18  
ARG C   O    doub N N 19  
ARG C   OXT  sing N N 20  
ARG CB  CG   sing N N 21  
ARG CB  HB2  sing N N 22  
ARG CB  HB3  sing N N 23  
ARG CG  CD   sing N N 24  
ARG CG  HG2  sing N N 25  
ARG CG  HG3  sing N N 26  
ARG CD  NE   sing N N 27  
ARG CD  HD2  sing N N 28  
ARG CD  HD3  sing N N 29  
ARG NE  CZ   sing N N 30  
ARG NE  HE   sing N N 31  
ARG CZ  NH1  sing N N 32  
ARG CZ  NH2  doub N N 33  
ARG NH1 HH11 sing N N 34  
ARG NH1 HH12 sing N N 35  
ARG NH2 HH21 sing N N 36  
ARG NH2 HH22 sing N N 37  
ARG OXT HXT  sing N N 38  
ASN N   CA   sing N N 39  
ASN N   H    sing N N 40  
ASN N   H2   sing N N 41  
ASN CA  C    sing N N 42  
ASN CA  CB   sing N N 43  
ASN CA  HA   sing N N 44  
ASN C   O    doub N N 45  
ASN C   OXT  sing N N 46  
ASN CB  CG   sing N N 47  
ASN CB  HB2  sing N N 48  
ASN CB  HB3  sing N N 49  
ASN CG  OD1  doub N N 50  
ASN CG  ND2  sing N N 51  
ASN ND2 HD21 sing N N 52  
ASN ND2 HD22 sing N N 53  
ASN OXT HXT  sing N N 54  
ASP N   CA   sing N N 55  
ASP N   H    sing N N 56  
ASP N   H2   sing N N 57  
ASP CA  C    sing N N 58  
ASP CA  CB   sing N N 59  
ASP CA  HA   sing N N 60  
ASP C   O    doub N N 61  
ASP C   OXT  sing N N 62  
ASP CB  CG   sing N N 63  
ASP CB  HB2  sing N N 64  
ASP CB  HB3  sing N N 65  
ASP CG  OD1  doub N N 66  
ASP CG  OD2  sing N N 67  
ASP OD2 HD2  sing N N 68  
ASP OXT HXT  sing N N 69  
CYS N   CA   sing N N 70  
CYS N   H    sing N N 71  
CYS N   H2   sing N N 72  
CYS CA  C    sing N N 73  
CYS CA  CB   sing N N 74  
CYS CA  HA   sing N N 75  
CYS C   O    doub N N 76  
CYS C   OXT  sing N N 77  
CYS CB  SG   sing N N 78  
CYS CB  HB2  sing N N 79  
CYS CB  HB3  sing N N 80  
CYS SG  HG   sing N N 81  
CYS OXT HXT  sing N N 82  
ETX C2  O2   sing N N 83  
ETX C2  C1   sing N N 84  
ETX C2  H21  sing N N 85  
ETX C2  H22  sing N N 86  
ETX O2  C3   sing N N 87  
ETX C3  C4   sing N N 88  
ETX C3  H31  sing N N 89  
ETX C3  H32  sing N N 90  
ETX C4  H41  sing N N 91  
ETX C4  H42  sing N N 92  
ETX C4  H43  sing N N 93  
ETX O1  C1   sing N N 94  
ETX O1  HO1  sing N N 95  
ETX C1  H11  sing N N 96  
ETX C1  H12  sing N N 97  
GLU N   CA   sing N N 98  
GLU N   H    sing N N 99  
GLU N   H2   sing N N 100 
GLU CA  C    sing N N 101 
GLU CA  CB   sing N N 102 
GLU CA  HA   sing N N 103 
GLU C   O    doub N N 104 
GLU C   OXT  sing N N 105 
GLU CB  CG   sing N N 106 
GLU CB  HB2  sing N N 107 
GLU CB  HB3  sing N N 108 
GLU CG  CD   sing N N 109 
GLU CG  HG2  sing N N 110 
GLU CG  HG3  sing N N 111 
GLU CD  OE1  doub N N 112 
GLU CD  OE2  sing N N 113 
GLU OE2 HE2  sing N N 114 
GLU OXT HXT  sing N N 115 
GLY N   CA   sing N N 116 
GLY N   H    sing N N 117 
GLY N   H2   sing N N 118 
GLY CA  C    sing N N 119 
GLY CA  HA2  sing N N 120 
GLY CA  HA3  sing N N 121 
GLY C   O    doub N N 122 
GLY C   OXT  sing N N 123 
GLY OXT HXT  sing N N 124 
HOH O   H1   sing N N 125 
HOH O   H2   sing N N 126 
ILE N   CA   sing N N 127 
ILE N   H    sing N N 128 
ILE N   H2   sing N N 129 
ILE CA  C    sing N N 130 
ILE CA  CB   sing N N 131 
ILE CA  HA   sing N N 132 
ILE C   O    doub N N 133 
ILE C   OXT  sing N N 134 
ILE CB  CG1  sing N N 135 
ILE CB  CG2  sing N N 136 
ILE CB  HB   sing N N 137 
ILE CG1 CD1  sing N N 138 
ILE CG1 HG12 sing N N 139 
ILE CG1 HG13 sing N N 140 
ILE CG2 HG21 sing N N 141 
ILE CG2 HG22 sing N N 142 
ILE CG2 HG23 sing N N 143 
ILE CD1 HD11 sing N N 144 
ILE CD1 HD12 sing N N 145 
ILE CD1 HD13 sing N N 146 
ILE OXT HXT  sing N N 147 
LEU N   CA   sing N N 148 
LEU N   H    sing N N 149 
LEU N   H2   sing N N 150 
LEU CA  C    sing N N 151 
LEU CA  CB   sing N N 152 
LEU CA  HA   sing N N 153 
LEU C   O    doub N N 154 
LEU C   OXT  sing N N 155 
LEU CB  CG   sing N N 156 
LEU CB  HB2  sing N N 157 
LEU CB  HB3  sing N N 158 
LEU CG  CD1  sing N N 159 
LEU CG  CD2  sing N N 160 
LEU CG  HG   sing N N 161 
LEU CD1 HD11 sing N N 162 
LEU CD1 HD12 sing N N 163 
LEU CD1 HD13 sing N N 164 
LEU CD2 HD21 sing N N 165 
LEU CD2 HD22 sing N N 166 
LEU CD2 HD23 sing N N 167 
LEU OXT HXT  sing N N 168 
LYS N   CA   sing N N 169 
LYS N   H    sing N N 170 
LYS N   H2   sing N N 171 
LYS CA  C    sing N N 172 
LYS CA  CB   sing N N 173 
LYS CA  HA   sing N N 174 
LYS C   O    doub N N 175 
LYS C   OXT  sing N N 176 
LYS CB  CG   sing N N 177 
LYS CB  HB2  sing N N 178 
LYS CB  HB3  sing N N 179 
LYS CG  CD   sing N N 180 
LYS CG  HG2  sing N N 181 
LYS CG  HG3  sing N N 182 
LYS CD  CE   sing N N 183 
LYS CD  HD2  sing N N 184 
LYS CD  HD3  sing N N 185 
LYS CE  NZ   sing N N 186 
LYS CE  HE2  sing N N 187 
LYS CE  HE3  sing N N 188 
LYS NZ  HZ1  sing N N 189 
LYS NZ  HZ2  sing N N 190 
LYS NZ  HZ3  sing N N 191 
LYS OXT HXT  sing N N 192 
PHE N   CA   sing N N 193 
PHE N   H    sing N N 194 
PHE N   H2   sing N N 195 
PHE CA  C    sing N N 196 
PHE CA  CB   sing N N 197 
PHE CA  HA   sing N N 198 
PHE C   O    doub N N 199 
PHE C   OXT  sing N N 200 
PHE CB  CG   sing N N 201 
PHE CB  HB2  sing N N 202 
PHE CB  HB3  sing N N 203 
PHE CG  CD1  doub Y N 204 
PHE CG  CD2  sing Y N 205 
PHE CD1 CE1  sing Y N 206 
PHE CD1 HD1  sing N N 207 
PHE CD2 CE2  doub Y N 208 
PHE CD2 HD2  sing N N 209 
PHE CE1 CZ   doub Y N 210 
PHE CE1 HE1  sing N N 211 
PHE CE2 CZ   sing Y N 212 
PHE CE2 HE2  sing N N 213 
PHE CZ  HZ   sing N N 214 
PHE OXT HXT  sing N N 215 
PRO N   CA   sing N N 216 
PRO N   CD   sing N N 217 
PRO N   H    sing N N 218 
PRO CA  C    sing N N 219 
PRO CA  CB   sing N N 220 
PRO CA  HA   sing N N 221 
PRO C   O    doub N N 222 
PRO C   OXT  sing N N 223 
PRO CB  CG   sing N N 224 
PRO CB  HB2  sing N N 225 
PRO CB  HB3  sing N N 226 
PRO CG  CD   sing N N 227 
PRO CG  HG2  sing N N 228 
PRO CG  HG3  sing N N 229 
PRO CD  HD2  sing N N 230 
PRO CD  HD3  sing N N 231 
PRO OXT HXT  sing N N 232 
SER N   CA   sing N N 233 
SER N   H    sing N N 234 
SER N   H2   sing N N 235 
SER CA  C    sing N N 236 
SER CA  CB   sing N N 237 
SER CA  HA   sing N N 238 
SER C   O    doub N N 239 
SER C   OXT  sing N N 240 
SER CB  OG   sing N N 241 
SER CB  HB2  sing N N 242 
SER CB  HB3  sing N N 243 
SER OG  HG   sing N N 244 
SER OXT HXT  sing N N 245 
SO4 S   O1   doub N N 246 
SO4 S   O2   doub N N 247 
SO4 S   O3   sing N N 248 
SO4 S   O4   sing N N 249 
THR N   CA   sing N N 250 
THR N   H    sing N N 251 
THR N   H2   sing N N 252 
THR CA  C    sing N N 253 
THR CA  CB   sing N N 254 
THR CA  HA   sing N N 255 
THR C   O    doub N N 256 
THR C   OXT  sing N N 257 
THR CB  OG1  sing N N 258 
THR CB  CG2  sing N N 259 
THR CB  HB   sing N N 260 
THR OG1 HG1  sing N N 261 
THR CG2 HG21 sing N N 262 
THR CG2 HG22 sing N N 263 
THR CG2 HG23 sing N N 264 
THR OXT HXT  sing N N 265 
TYR N   CA   sing N N 266 
TYR N   H    sing N N 267 
TYR N   H2   sing N N 268 
TYR CA  C    sing N N 269 
TYR CA  CB   sing N N 270 
TYR CA  HA   sing N N 271 
TYR C   O    doub N N 272 
TYR C   OXT  sing N N 273 
TYR CB  CG   sing N N 274 
TYR CB  HB2  sing N N 275 
TYR CB  HB3  sing N N 276 
TYR CG  CD1  doub Y N 277 
TYR CG  CD2  sing Y N 278 
TYR CD1 CE1  sing Y N 279 
TYR CD1 HD1  sing N N 280 
TYR CD2 CE2  doub Y N 281 
TYR CD2 HD2  sing N N 282 
TYR CE1 CZ   doub Y N 283 
TYR CE1 HE1  sing N N 284 
TYR CE2 CZ   sing Y N 285 
TYR CE2 HE2  sing N N 286 
TYR CZ  OH   sing N N 287 
TYR OH  HH   sing N N 288 
TYR OXT HXT  sing N N 289 
VAL N   CA   sing N N 290 
VAL N   H    sing N N 291 
VAL N   H2   sing N N 292 
VAL CA  C    sing N N 293 
VAL CA  CB   sing N N 294 
VAL CA  HA   sing N N 295 
VAL C   O    doub N N 296 
VAL C   OXT  sing N N 297 
VAL CB  CG1  sing N N 298 
VAL CB  CG2  sing N N 299 
VAL CB  HB   sing N N 300 
VAL CG1 HG11 sing N N 301 
VAL CG1 HG12 sing N N 302 
VAL CG1 HG13 sing N N 303 
VAL CG2 HG21 sing N N 304 
VAL CG2 HG22 sing N N 305 
VAL CG2 HG23 sing N N 306 
VAL OXT HXT  sing N N 307 
# 
_atom_sites.entry_id                    3BYB 
_atom_sites.fract_transf_matrix[1][1]   0.00482054 
_atom_sites.fract_transf_matrix[1][2]   -0.00051776 
_atom_sites.fract_transf_matrix[1][3]   -0.00875525 
_atom_sites.fract_transf_matrix[2][1]   0.00532582 
_atom_sites.fract_transf_matrix[2][2]   0.00811048 
_atom_sites.fract_transf_matrix[2][3]   0.00245271 
_atom_sites.fract_transf_matrix[3][1]   0.00895973 
_atom_sites.fract_transf_matrix[3][2]   -0.00750961 
_atom_sites.fract_transf_matrix[3][3]   0.00537722 
_atom_sites.fract_transf_vector[1]      0.456326 
_atom_sites.fract_transf_vector[2]      0.251835 
_atom_sites.fract_transf_vector[3]      0.324472 
# 
loop_
_atom_type.symbol 
C 
N 
O 
S 
# 
loop_
_atom_site.group_PDB 
_atom_site.id 
_atom_site.type_symbol 
_atom_site.label_atom_id 
_atom_site.label_alt_id 
_atom_site.label_comp_id 
_atom_site.label_asym_id 
_atom_site.label_entity_id 
_atom_site.label_seq_id 
_atom_site.pdbx_PDB_ins_code 
_atom_site.Cartn_x 
_atom_site.Cartn_y 
_atom_site.Cartn_z 
_atom_site.occupancy 
_atom_site.B_iso_or_equiv 
_atom_site.pdbx_formal_charge 
_atom_site.auth_seq_id 
_atom_site.auth_comp_id 
_atom_site.auth_asym_id 
_atom_site.auth_atom_id 
_atom_site.pdbx_PDB_model_num 
ATOM   1    N N   . LYS A 1 1  ? -17.031 22.066  -9.864  1.00 37.38 ? 1   LYS A N   1 
ATOM   2    C CA  . LYS A 1 1  ? -15.932 21.054  -9.836  1.00 37.35 ? 1   LYS A CA  1 
ATOM   3    C C   . LYS A 1 1  ? -16.204 19.951  -8.825  1.00 36.79 ? 1   LYS A C   1 
ATOM   4    O O   . LYS A 1 1  ? -16.666 20.209  -7.711  1.00 36.98 ? 1   LYS A O   1 
ATOM   5    C CB  . LYS A 1 1  ? -14.585 21.705  -9.527  1.00 37.66 ? 1   LYS A CB  1 
ATOM   6    C CG  . LYS A 1 1  ? -13.717 21.931  -10.750 1.00 38.86 ? 1   LYS A CG  1 
ATOM   7    C CD  . LYS A 1 1  ? -12.236 21.965  -10.396 1.00 39.61 ? 1   LYS A CD  1 
ATOM   8    C CE  . LYS A 1 1  ? -11.878 23.194  -9.578  1.00 39.97 ? 1   LYS A CE  1 
ATOM   9    N NZ  . LYS A 1 1  ? -10.447 23.536  -9.740  1.00 39.48 ? 1   LYS A NZ  1 
ATOM   10   N N   . ASP A 1 2  ? -15.897 18.723  -9.230  1.00 35.98 ? 2   ASP A N   1 
ATOM   11   C CA  . ASP A 1 2  ? -16.133 17.549  -8.401  1.00 35.33 ? 2   ASP A CA  1 
ATOM   12   C C   . ASP A 1 2  ? -15.106 17.398  -7.279  1.00 34.04 ? 2   ASP A C   1 
ATOM   13   O O   . ASP A 1 2  ? -15.412 16.826  -6.225  1.00 34.31 ? 2   ASP A O   1 
ATOM   14   C CB  . ASP A 1 2  ? -16.171 16.290  -9.273  1.00 35.86 ? 2   ASP A CB  1 
ATOM   15   C CG  . ASP A 1 2  ? -17.293 16.327  -10.300 1.00 37.51 ? 2   ASP A CG  1 
ATOM   16   O OD1 . ASP A 1 2  ? -18.415 16.757  -9.946  1.00 39.81 ? 2   ASP A OD1 1 
ATOM   17   O OD2 . ASP A 1 2  ? -17.055 15.927  -11.459 1.00 39.10 ? 2   ASP A OD2 1 
ATOM   18   N N   . ARG A 1 3  ? -13.899 17.921  -7.498  1.00 32.20 ? 3   ARG A N   1 
ATOM   19   C CA  . ARG A 1 3  ? -12.813 17.775  -6.532  1.00 30.27 ? 3   ARG A CA  1 
ATOM   20   C C   . ARG A 1 3  ? -11.711 18.813  -6.749  1.00 28.89 ? 3   ARG A C   1 
ATOM   21   O O   . ARG A 1 3  ? -11.589 19.365  -7.846  1.00 28.83 ? 3   ARG A O   1 
ATOM   22   C CB  . ARG A 1 3  ? -12.232 16.358  -6.613  1.00 30.35 ? 3   ARG A CB  1 
ATOM   23   C CG  . ARG A 1 3  ? -11.530 16.039  -7.929  1.00 30.20 ? 3   ARG A CG  1 
ATOM   24   C CD  . ARG A 1 3  ? -11.250 14.560  -8.064  1.00 31.28 ? 3   ARG A CD  1 
ATOM   25   N NE  . ARG A 1 3  ? -12.470 13.762  -7.990  1.00 31.77 ? 3   ARG A NE  1 
ATOM   26   C CZ  . ARG A 1 3  ? -13.245 13.476  -9.035  1.00 33.92 ? 3   ARG A CZ  1 
ATOM   27   N NH1 . ARG A 1 3  ? -12.925 13.915  -10.248 1.00 34.71 ? 3   ARG A NH1 1 
ATOM   28   N NH2 . ARG A 1 3  ? -14.338 12.744  -8.868  1.00 33.04 ? 3   ARG A NH2 1 
ATOM   29   N N   . PRO A 1 4  ? -10.905 19.084  -5.704  1.00 27.45 ? 4   PRO A N   1 
ATOM   30   C CA  . PRO A 1 4  ? -9.741  19.962  -5.855  1.00 26.47 ? 4   PRO A CA  1 
ATOM   31   C C   . PRO A 1 4  ? -8.759  19.441  -6.909  1.00 25.59 ? 4   PRO A C   1 
ATOM   32   O O   . PRO A 1 4  ? -8.640  18.226  -7.103  1.00 25.02 ? 4   PRO A O   1 
ATOM   33   C CB  . PRO A 1 4  ? -9.094  19.927  -4.471  1.00 26.31 ? 4   PRO A CB  1 
ATOM   34   C CG  . PRO A 1 4  ? -10.182 19.520  -3.546  1.00 27.23 ? 4   PRO A CG  1 
ATOM   35   C CD  . PRO A 1 4  ? -11.052 18.603  -4.317  1.00 27.01 ? 4   PRO A CD  1 
ATOM   36   N N   . ASP A 1 5  ? -8.070  20.354  -7.589  1.00 24.54 ? 5   ASP A N   1 
ATOM   37   C CA  . ASP A 1 5  ? -7.133  19.977  -8.638  1.00 23.52 ? 5   ASP A CA  1 
ATOM   38   C C   . ASP A 1 5  ? -5.962  19.133  -8.107  1.00 22.40 ? 5   ASP A C   1 
ATOM   39   O O   . ASP A 1 5  ? -5.383  18.343  -8.863  1.00 21.96 ? 5   ASP A O   1 
ATOM   40   C CB  . ASP A 1 5  ? -6.599  21.214  -9.367  1.00 24.22 ? 5   ASP A CB  1 
ATOM   41   C CG  . ASP A 1 5  ? -7.588  21.777  -10.395 1.00 26.21 ? 5   ASP A CG  1 
ATOM   42   O OD1 . ASP A 1 5  ? -8.692  21.214  -10.573 1.00 27.22 ? 5   ASP A OD1 1 
ATOM   43   O OD2 . ASP A 1 5  ? -7.229  22.788  -11.044 1.00 28.07 ? 5   ASP A OD2 1 
ATOM   44   N N   . PHE A 1 6  ? -5.640  19.291  -6.820  1.00 21.39 ? 6   PHE A N   1 
ATOM   45   C CA  . PHE A 1 6  ? -4.513  18.544  -6.224  1.00 20.54 ? 6   PHE A CA  1 
ATOM   46   C C   . PHE A 1 6  ? -4.758  17.038  -6.181  1.00 20.16 ? 6   PHE A C   1 
ATOM   47   O O   . PHE A 1 6  ? -3.814  16.252  -6.086  1.00 18.94 ? 6   PHE A O   1 
ATOM   48   C CB  . PHE A 1 6  ? -4.106  19.108  -4.856  1.00 21.54 ? 6   PHE A CB  1 
ATOM   49   C CG  . PHE A 1 6  ? -5.056  18.779  -3.725  1.00 21.24 ? 6   PHE A CG  1 
ATOM   50   C CD1 . PHE A 1 6  ? -5.075  17.508  -3.148  1.00 22.39 ? 6   PHE A CD1 1 
ATOM   51   C CD2 . PHE A 1 6  ? -5.891  19.760  -3.195  1.00 22.53 ? 6   PHE A CD2 1 
ATOM   52   C CE1 . PHE A 1 6  ? -5.934  17.214  -2.091  1.00 23.51 ? 6   PHE A CE1 1 
ATOM   53   C CE2 . PHE A 1 6  ? -6.752  19.473  -2.136  1.00 23.74 ? 6   PHE A CE2 1 
ATOM   54   C CZ  . PHE A 1 6  ? -6.781  18.195  -1.585  1.00 23.68 ? 6   PHE A CZ  1 
ATOM   55   N N   . CYS A 1 7  ? -6.022  16.640  -6.281  1.00 18.67 ? 7   CYS A N   1 
ATOM   56   C CA  . CYS A 1 7  ? -6.403  15.231  -6.349  1.00 18.42 ? 7   CYS A CA  1 
ATOM   57   C C   . CYS A 1 7  ? -5.833  14.504  -7.568  1.00 17.96 ? 7   CYS A C   1 
ATOM   58   O O   . CYS A 1 7  ? -5.819  13.279  -7.617  1.00 18.13 ? 7   CYS A O   1 
ATOM   59   C CB  . CYS A 1 7  ? -7.933  15.098  -6.325  1.00 18.93 ? 7   CYS A CB  1 
ATOM   60   S SG  . CYS A 1 7  ? -8.690  15.668  -4.783  1.00 17.86 ? 7   CYS A SG  1 
ATOM   61   N N   . GLU A 1 8  ? -5.380  15.277  -8.552  1.00 18.47 ? 8   GLU A N   1 
ATOM   62   C CA  . GLU A 1 8  ? -4.821  14.745  -9.780  1.00 19.14 ? 8   GLU A CA  1 
ATOM   63   C C   . GLU A 1 8  ? -3.303  14.628  -9.753  1.00 18.38 ? 8   GLU A C   1 
ATOM   64   O O   . GLU A 1 8  ? -2.714  14.141  -10.704 1.00 18.53 ? 8   GLU A O   1 
ATOM   65   C CB  . GLU A 1 8  ? -5.252  15.607  -10.963 1.00 20.27 ? 8   GLU A CB  1 
ATOM   66   C CG  . GLU A 1 8  ? -6.744  15.531  -11.211 1.00 25.03 ? 8   GLU A CG  1 
ATOM   67   C CD  . GLU A 1 8  ? -7.116  15.999  -12.599 1.00 30.75 ? 8   GLU A CD  1 
ATOM   68   O OE1 . GLU A 1 8  ? -8.209  15.618  -13.071 1.00 34.06 ? 8   GLU A OE1 1 
ATOM   69   O OE2 . GLU A 1 8  ? -6.313  16.738  -13.211 1.00 32.84 ? 8   GLU A OE2 1 
ATOM   70   N N   . LEU A 1 9  ? -2.674  15.074  -8.672  1.00 16.94 ? 9   LEU A N   1 
ATOM   71   C CA  . LEU A 1 9  ? -1.213  14.930  -8.557  1.00 16.53 ? 9   LEU A CA  1 
ATOM   72   C C   . LEU A 1 9  ? -0.816  13.455  -8.428  1.00 15.81 ? 9   LEU A C   1 
ATOM   73   O O   . LEU A 1 9  ? -1.576  12.646  -7.902  1.00 15.23 ? 9   LEU A O   1 
ATOM   74   C CB  . LEU A 1 9  ? -0.690  15.726  -7.372  1.00 17.23 ? 9   LEU A CB  1 
ATOM   75   C CG  . LEU A 1 9  ? -0.844  17.252  -7.439  1.00 17.67 ? 9   LEU A CG  1 
ATOM   76   C CD1 . LEU A 1 9  ? -0.542  17.856  -6.087  1.00 17.87 ? 9   LEU A CD1 1 
ATOM   77   C CD2 . LEU A 1 9  ? 0.049   17.845  -8.521  1.00 20.68 ? 9   LEU A CD2 1 
ATOM   78   N N   . PRO A 1 10 ? 0.386   13.096  -8.915  1.00 15.28 ? 10  PRO A N   1 
ATOM   79   C CA  . PRO A 1 10 ? 0.813   11.706  -8.734  1.00 14.78 ? 10  PRO A CA  1 
ATOM   80   C C   . PRO A 1 10 ? 1.071   11.375  -7.262  1.00 14.08 ? 10  PRO A C   1 
ATOM   81   O O   . PRO A 1 10 ? 1.409   12.272  -6.464  1.00 14.16 ? 10  PRO A O   1 
ATOM   82   C CB  . PRO A 1 10 ? 2.147   11.654  -9.487  1.00 14.49 ? 10  PRO A CB  1 
ATOM   83   C CG  . PRO A 1 10 ? 2.656   13.064  -9.430  1.00 16.40 ? 10  PRO A CG  1 
ATOM   84   C CD  . PRO A 1 10 ? 1.402   13.899  -9.617  1.00 15.92 ? 10  PRO A CD  1 
ATOM   85   N N   . ALA A 1 11 ? 0.926   10.099  -6.908  1.00 12.73 ? 11  ALA A N   1 
ATOM   86   C CA  . ALA A 1 11 ? 1.417   9.621   -5.605  1.00 12.26 ? 11  ALA A CA  1 
ATOM   87   C C   . ALA A 1 11 ? 2.892   9.999   -5.486  1.00 12.13 ? 11  ALA A C   1 
ATOM   88   O O   . ALA A 1 11 ? 3.638   9.877   -6.455  1.00 12.94 ? 11  ALA A O   1 
ATOM   89   C CB  . ALA A 1 11 ? 1.270   8.110   -5.513  1.00 12.03 ? 11  ALA A CB  1 
ATOM   90   N N   . ASP A 1 12 ? 3.316   10.415  -4.297  1.00 12.31 ? 12  ASP A N   1 
ATOM   91   C CA  . ASP A 1 12 ? 4.721   10.780  -4.093  1.00 11.47 ? 12  ASP A CA  1 
ATOM   92   C C   . ASP A 1 12 ? 5.158   10.346  -2.704  1.00 11.56 ? 12  ASP A C   1 
ATOM   93   O O   . ASP A 1 12 ? 4.682   10.859  -1.692  1.00 11.07 ? 12  ASP A O   1 
ATOM   94   C CB  . ASP A 1 12 ? 4.942   12.289  -4.289  1.00 11.67 ? 12  ASP A CB  1 
ATOM   95   C CG  . ASP A 1 12 ? 6.434   12.679  -4.253  1.00 13.28 ? 12  ASP A CG  1 
ATOM   96   O OD1 . ASP A 1 12 ? 7.286   11.798  -3.999  1.00 13.64 ? 12  ASP A OD1 1 
ATOM   97   O OD2 . ASP A 1 12 ? 6.740   13.873  -4.506  1.00 15.41 ? 12  ASP A OD2 1 
ATOM   98   N N   . THR A 1 13 ? 6.043   9.357   -2.669  1.00 10.62 ? 13  THR A N   1 
ATOM   99   C CA  . THR A 1 13 ? 6.541   8.835   -1.419  1.00 10.87 ? 13  THR A CA  1 
ATOM   100  C C   . THR A 1 13 ? 7.400   9.874   -0.694  1.00 11.03 ? 13  THR A C   1 
ATOM   101  O O   . THR A 1 13 ? 7.581   9.809   0.524   1.00 10.91 ? 13  THR A O   1 
ATOM   102  C CB  . THR A 1 13 ? 7.316   7.518   -1.685  1.00 9.94  ? 13  THR A CB  1 
ATOM   103  O OG1 . THR A 1 13 ? 6.410   6.583   -2.286  1.00 10.44 ? 13  THR A OG1 1 
ATOM   104  C CG2 . THR A 1 13 ? 7.925   6.936   -0.391  1.00 11.21 ? 13  THR A CG2 1 
ATOM   105  N N   . GLY A 1 14 ? 7.935   10.834  -1.445  1.00 11.65 ? 14  GLY A N   1 
ATOM   106  C CA  . GLY A 1 14 ? 8.893   11.789  -0.877  1.00 12.10 ? 14  GLY A CA  1 
ATOM   107  C C   . GLY A 1 14 ? 10.261  11.171  -0.641  1.00 12.61 ? 14  GLY A C   1 
ATOM   108  O O   . GLY A 1 14 ? 10.485  10.008  -0.972  1.00 11.66 ? 14  GLY A O   1 
ATOM   109  N N   . PRO A 1 15 ? 11.191  11.969  -0.087  1.00 13.18 ? 15  PRO A N   1 
ATOM   110  C CA  . PRO A 1 15 ? 12.579  11.549  0.101   1.00 14.07 ? 15  PRO A CA  1 
ATOM   111  C C   . PRO A 1 15 ? 12.936  10.834  1.401   1.00 14.73 ? 15  PRO A C   1 
ATOM   112  O O   . PRO A 1 15 ? 14.078  10.383  1.544   1.00 15.07 ? 15  PRO A O   1 
ATOM   113  C CB  . PRO A 1 15 ? 13.335  12.877  0.010   1.00 14.25 ? 15  PRO A CB  1 
ATOM   114  C CG  . PRO A 1 15 ? 12.391  13.882  0.578   1.00 13.89 ? 15  PRO A CG  1 
ATOM   115  C CD  . PRO A 1 15 ? 10.984  13.384  0.282   1.00 14.01 ? 15  PRO A CD  1 
ATOM   116  N N   . CYS A 1 16 ? 12.002  10.755  2.350   1.00 13.99 ? 16  CYS A N   1 
ATOM   117  C CA  . CYS A 1 16 ? 12.258  10.133  3.657   1.00 14.73 ? 16  CYS A CA  1 
ATOM   118  C C   . CYS A 1 16 ? 11.923  8.635   3.688   1.00 15.27 ? 16  CYS A C   1 
ATOM   119  O O   . CYS A 1 16 ? 11.295  8.122   2.764   1.00 15.16 ? 16  CYS A O   1 
ATOM   120  C CB  . CYS A 1 16 ? 11.511  10.897  4.737   1.00 15.28 ? 16  CYS A CB  1 
ATOM   121  S SG  . CYS A 1 16 ? 12.241  12.536  5.010   1.00 17.76 ? 16  CYS A SG  1 
ATOM   122  N N   . ARG A 1 17 ? 12.338  7.937   4.749   1.00 16.77 ? 17  ARG A N   1 
ATOM   123  C CA  . ARG A 1 17 ? 12.178  6.473   4.746   1.00 18.49 ? 17  ARG A CA  1 
ATOM   124  C C   . ARG A 1 17 ? 11.437  5.925   5.969   1.00 18.50 ? 17  ARG A C   1 
ATOM   125  O O   . ARG A 1 17 ? 11.680  4.792   6.430   1.00 19.79 ? 17  ARG A O   1 
ATOM   126  C CB  . ARG A 1 17 ? 13.515  5.759   4.473   1.00 19.99 ? 17  ARG A CB  1 
ATOM   127  C CG  . ARG A 1 17 ? 14.106  6.129   3.103   1.00 23.98 ? 17  ARG A CG  1 
ATOM   128  C CD  . ARG A 1 17 ? 15.031  5.052   2.537   1.00 30.31 ? 17  ARG A CD  1 
ATOM   129  N NE  . ARG A 1 17 ? 15.788  5.526   1.368   1.00 34.24 ? 17  ARG A NE  1 
ATOM   130  C CZ  . ARG A 1 17 ? 16.801  6.391   1.427   1.00 35.52 ? 17  ARG A CZ  1 
ATOM   131  N NH1 . ARG A 1 17 ? 17.189  6.898   2.596   1.00 35.97 ? 17  ARG A NH1 1 
ATOM   132  N NH2 . ARG A 1 17 ? 17.426  6.757   0.315   1.00 36.47 ? 17  ARG A NH2 1 
ATOM   133  N N   . VAL A 1 18 ? 10.494  6.723   6.463   1.00 16.67 ? 18  VAL A N   1 
ATOM   134  C CA  . VAL A 1 18 ? 9.564   6.274   7.499   1.00 16.11 ? 18  VAL A CA  1 
ATOM   135  C C   . VAL A 1 18 ? 8.294   5.823   6.779   1.00 15.96 ? 18  VAL A C   1 
ATOM   136  O O   . VAL A 1 18 ? 7.499   6.658   6.355   1.00 16.41 ? 18  VAL A O   1 
ATOM   137  C CB  . VAL A 1 18 ? 9.232   7.388   8.526   1.00 16.33 ? 18  VAL A CB  1 
ATOM   138  C CG1 . VAL A 1 18 ? 8.329   6.832   9.611   1.00 17.19 ? 18  VAL A CG1 1 
ATOM   139  C CG2 . VAL A 1 18 ? 10.511  7.936   9.157   1.00 17.57 ? 18  VAL A CG2 1 
ATOM   140  N N   . ARG A 1 19 ? 8.120   4.509   6.624   1.00 14.11 ? 19  ARG A N   1 
ATOM   141  C CA  . ARG A 1 19 ? 7.108   4.014   5.677   1.00 13.51 ? 19  ARG A CA  1 
ATOM   142  C C   . ARG A 1 19 ? 5.704   3.981   6.278   1.00 12.67 ? 19  ARG A C   1 
ATOM   143  O O   . ARG A 1 19 ? 5.377   3.103   7.068   1.00 12.40 ? 19  ARG A O   1 
ATOM   144  C CB  . ARG A 1 19 ? 7.528   2.657   5.131   1.00 14.74 ? 19  ARG A CB  1 
ATOM   145  C CG  . ARG A 1 19 ? 8.847   2.737   4.345   1.00 16.72 ? 19  ARG A CG  1 
ATOM   146  C CD  . ARG A 1 19 ? 9.373   1.352   4.051   1.00 23.21 ? 19  ARG A CD  1 
ATOM   147  N NE  . ARG A 1 19 ? 9.854   0.726   5.281   1.00 26.27 ? 19  ARG A NE  1 
ATOM   148  C CZ  . ARG A 1 19 ? 10.440  -0.467  5.342   1.00 29.50 ? 19  ARG A CZ  1 
ATOM   149  N NH1 . ARG A 1 19 ? 10.619  -1.183  4.238   1.00 30.93 ? 19  ARG A NH1 1 
ATOM   150  N NH2 . ARG A 1 19 ? 10.847  -0.942  6.514   1.00 30.59 ? 19  ARG A NH2 1 
ATOM   151  N N   . PHE A 1 20 ? 4.893   4.969   5.900   1.00 11.54 ? 20  PHE A N   1 
ATOM   152  C CA  . PHE A 1 20 ? 3.502   5.054   6.345   1.00 11.38 ? 20  PHE A CA  1 
ATOM   153  C C   . PHE A 1 20 ? 2.589   4.593   5.212   1.00 11.86 ? 20  PHE A C   1 
ATOM   154  O O   . PHE A 1 20 ? 2.507   5.269   4.181   1.00 11.88 ? 20  PHE A O   1 
ATOM   155  C CB  . PHE A 1 20 ? 3.100   6.518   6.549   1.00 11.63 ? 20  PHE A CB  1 
ATOM   156  C CG  . PHE A 1 20 ? 3.684   7.190   7.757   1.00 11.90 ? 20  PHE A CG  1 
ATOM   157  C CD1 . PHE A 1 20 ? 2.975   7.232   8.954   1.00 12.30 ? 20  PHE A CD1 1 
ATOM   158  C CD2 . PHE A 1 20 ? 4.904   7.857   7.662   1.00 12.17 ? 20  PHE A CD2 1 
ATOM   159  C CE1 . PHE A 1 20 ? 3.484   7.908   10.066  1.00 12.58 ? 20  PHE A CE1 1 
ATOM   160  C CE2 . PHE A 1 20 ? 5.415   8.542   8.761   1.00 10.45 ? 20  PHE A CE2 1 
ATOM   161  C CZ  . PHE A 1 20 ? 4.700   8.565   9.968   1.00 11.12 ? 20  PHE A CZ  1 
ATOM   162  N N   . PRO A 1 21 ? 1.880   3.477   5.394   1.00 11.84 ? 21  PRO A N   1 
ATOM   163  C CA  . PRO A 1 21 ? 0.811   3.137   4.450   1.00 12.02 ? 21  PRO A CA  1 
ATOM   164  C C   . PRO A 1 21 ? -0.193  4.288   4.397   1.00 12.20 ? 21  PRO A C   1 
ATOM   165  O O   . PRO A 1 21 ? -0.664  4.762   5.448   1.00 12.10 ? 21  PRO A O   1 
ATOM   166  C CB  . PRO A 1 21 ? 0.181   1.885   5.061   1.00 12.35 ? 21  PRO A CB  1 
ATOM   167  C CG  . PRO A 1 21 ? 1.274   1.291   5.913   1.00 12.95 ? 21  PRO A CG  1 
ATOM   168  C CD  . PRO A 1 21 ? 2.040   2.467   6.456   1.00 12.19 ? 21  PRO A CD  1 
ATOM   169  N N   . SER A 1 22 ? -0.485  4.753   3.185   1.00 11.58 ? 22  SER A N   1 
ATOM   170  C CA  . SER A 1 22 ? -1.258  5.980   2.982   1.00 11.83 ? 22  SER A CA  1 
ATOM   171  C C   . SER A 1 22 ? -2.134  5.816   1.754   1.00 12.41 ? 22  SER A C   1 
ATOM   172  O O   . SER A 1 22 ? -2.066  4.800   1.081   1.00 12.88 ? 22  SER A O   1 
ATOM   173  C CB  . SER A 1 22 ? -0.285  7.143   2.776   1.00 12.08 ? 22  SER A CB  1 
ATOM   174  O OG  . SER A 1 22 ? 0.547   7.269   3.920   1.00 10.64 ? 22  SER A OG  1 
ATOM   175  N N   . PHE A 1 23 ? -2.972  6.816   1.484   1.00 12.10 ? 23  PHE A N   1 
ATOM   176  C CA  . PHE A 1 23 ? -3.858  6.770   0.318   1.00 12.74 ? 23  PHE A CA  1 
ATOM   177  C C   . PHE A 1 23 ? -3.745  8.003   -0.570  1.00 12.62 ? 23  PHE A C   1 
ATOM   178  O O   . PHE A 1 23 ? -3.491  9.109   -0.088  1.00 13.21 ? 23  PHE A O   1 
ATOM   179  C CB  . PHE A 1 23 ? -5.301  6.563   0.794   1.00 13.35 ? 23  PHE A CB  1 
ATOM   180  C CG  . PHE A 1 23 ? -5.546  5.174   1.287   1.00 14.68 ? 23  PHE A CG  1 
ATOM   181  C CD1 . PHE A 1 23 ? -6.093  4.219   0.437   1.00 16.99 ? 23  PHE A CD1 1 
ATOM   182  C CD2 . PHE A 1 23 ? -5.177  4.801   2.578   1.00 16.98 ? 23  PHE A CD2 1 
ATOM   183  C CE1 . PHE A 1 23 ? -6.273  2.909   0.862   1.00 17.92 ? 23  PHE A CE1 1 
ATOM   184  C CE2 . PHE A 1 23 ? -5.374  3.486   3.012   1.00 17.69 ? 23  PHE A CE2 1 
ATOM   185  C CZ  . PHE A 1 23 ? -5.919  2.561   2.152   1.00 16.55 ? 23  PHE A CZ  1 
ATOM   186  N N   . TYR A 1 24 ? -3.942  7.796   -1.872  1.00 12.50 ? 24  TYR A N   1 
ATOM   187  C CA  . TYR A 1 24 ? -3.936  8.886   -2.856  1.00 12.98 ? 24  TYR A CA  1 
ATOM   188  C C   . TYR A 1 24 ? -5.085  8.656   -3.810  1.00 13.72 ? 24  TYR A C   1 
ATOM   189  O O   . TYR A 1 24 ? -5.462  7.508   -4.075  1.00 13.41 ? 24  TYR A O   1 
ATOM   190  C CB  . TYR A 1 24 ? -2.611  8.937   -3.645  1.00 13.21 ? 24  TYR A CB  1 
ATOM   191  C CG  . TYR A 1 24 ? -2.454  7.833   -4.697  1.00 12.90 ? 24  TYR A CG  1 
ATOM   192  C CD1 . TYR A 1 24 ? -2.590  8.114   -6.059  1.00 13.19 ? 24  TYR A CD1 1 
ATOM   193  C CD2 . TYR A 1 24 ? -2.158  6.510   -4.330  1.00 14.18 ? 24  TYR A CD2 1 
ATOM   194  C CE1 . TYR A 1 24 ? -2.450  7.105   -7.040  1.00 13.36 ? 24  TYR A CE1 1 
ATOM   195  C CE2 . TYR A 1 24 ? -2.000  5.498   -5.298  1.00 12.95 ? 24  TYR A CE2 1 
ATOM   196  C CZ  . TYR A 1 24 ? -2.160  5.804   -6.653  1.00 14.32 ? 24  TYR A CZ  1 
ATOM   197  O OH  . TYR A 1 24 ? -2.030  4.826   -7.627  1.00 14.91 ? 24  TYR A OH  1 
ATOM   198  N N   . TYR A 1 25 ? -5.620  9.748   -4.351  1.00 14.85 ? 25  TYR A N   1 
ATOM   199  C CA  . TYR A 1 25 ? -6.650  9.644   -5.382  1.00 15.62 ? 25  TYR A CA  1 
ATOM   200  C C   . TYR A 1 25 ? -6.008  9.380   -6.739  1.00 15.98 ? 25  TYR A C   1 
ATOM   201  O O   . TYR A 1 25 ? -5.101  10.114  -7.141  1.00 15.62 ? 25  TYR A O   1 
ATOM   202  C CB  . TYR A 1 25 ? -7.471  10.927  -5.431  1.00 16.27 ? 25  TYR A CB  1 
ATOM   203  C CG  . TYR A 1 25 ? -8.617  10.838  -6.401  1.00 16.89 ? 25  TYR A CG  1 
ATOM   204  C CD1 . TYR A 1 25 ? -9.702  9.999   -6.145  1.00 17.26 ? 25  TYR A CD1 1 
ATOM   205  C CD2 . TYR A 1 25 ? -8.610  11.585  -7.578  1.00 17.78 ? 25  TYR A CD2 1 
ATOM   206  C CE1 . TYR A 1 25 ? -10.762 9.911   -7.044  1.00 18.24 ? 25  TYR A CE1 1 
ATOM   207  C CE2 . TYR A 1 25 ? -9.666  11.497  -8.487  1.00 18.49 ? 25  TYR A CE2 1 
ATOM   208  C CZ  . TYR A 1 25 ? -10.730 10.665  -8.206  1.00 18.64 ? 25  TYR A CZ  1 
ATOM   209  O OH  . TYR A 1 25 ? -11.770 10.578  -9.116  1.00 21.00 ? 25  TYR A OH  1 
ATOM   210  N N   . ASN A 1 26 ? -6.488  8.341   -7.421  1.00 16.38 ? 26  ASN A N   1 
ATOM   211  C CA  . ASN A 1 26 ? -6.049  7.995   -8.773  1.00 17.06 ? 26  ASN A CA  1 
ATOM   212  C C   . ASN A 1 26 ? -7.140  8.448   -9.744  1.00 18.36 ? 26  ASN A C   1 
ATOM   213  O O   . ASN A 1 26 ? -8.202  7.836   -9.773  1.00 18.36 ? 26  ASN A O   1 
ATOM   214  C CB  . ASN A 1 26 ? -5.814  6.484   -8.864  1.00 17.23 ? 26  ASN A CB  1 
ATOM   215  C CG  . ASN A 1 26 ? -5.303  6.039   -10.219 1.00 19.12 ? 26  ASN A CG  1 
ATOM   216  O OD1 . ASN A 1 26 ? -5.906  6.333   -11.258 1.00 20.35 ? 26  ASN A OD1 1 
ATOM   217  N ND2 . ASN A 1 26 ? -4.209  5.278   -10.215 1.00 17.86 ? 26  ASN A ND2 1 
ATOM   218  N N   . PRO A 1 27 ? -6.905  9.550   -10.481 1.00 19.49 ? 27  PRO A N   1 
ATOM   219  C CA  . PRO A 1 27 ? -7.987  10.107  -11.317 1.00 21.18 ? 27  PRO A CA  1 
ATOM   220  C C   . PRO A 1 27 ? -8.369  9.218   -12.507 1.00 22.65 ? 27  PRO A C   1 
ATOM   221  O O   . PRO A 1 27 ? -9.518  9.264   -12.975 1.00 23.06 ? 27  PRO A O   1 
ATOM   222  C CB  . PRO A 1 27 ? -7.415  11.450  -11.786 1.00 20.87 ? 27  PRO A CB  1 
ATOM   223  C CG  . PRO A 1 27 ? -5.918  11.266  -11.736 1.00 21.14 ? 27  PRO A CG  1 
ATOM   224  C CD  . PRO A 1 27 ? -5.679  10.373  -10.550 1.00 19.47 ? 27  PRO A CD  1 
ATOM   225  N N   . ASP A 1 28 ? -7.419  8.416   -12.982 1.00 23.64 ? 28  ASP A N   1 
ATOM   226  C CA  . ASP A 1 28 ? -7.655  7.500   -14.085 1.00 24.90 ? 28  ASP A CA  1 
ATOM   227  C C   . ASP A 1 28 ? -8.699  6.468   -13.679 1.00 24.35 ? 28  ASP A C   1 
ATOM   228  O O   . ASP A 1 28 ? -9.679  6.246   -14.399 1.00 24.79 ? 28  ASP A O   1 
ATOM   229  C CB  . ASP A 1 28 ? -6.343  6.808   -14.473 1.00 25.88 ? 28  ASP A CB  1 
ATOM   230  C CG  . ASP A 1 28 ? -6.091  6.816   -15.964 1.00 28.86 ? 28  ASP A CG  1 
ATOM   231  O OD1 . ASP A 1 28 ? -5.739  5.743   -16.512 1.00 31.17 ? 28  ASP A OD1 1 
ATOM   232  O OD2 . ASP A 1 28 ? -6.238  7.895   -16.592 1.00 34.29 ? 28  ASP A OD2 1 
ATOM   233  N N   . GLU A 1 29 ? -8.504  5.871   -12.502 1.00 23.42 ? 29  GLU A N   1 
ATOM   234  C CA  . GLU A 1 29 ? -9.372  4.819   -11.976 1.00 22.58 ? 29  GLU A CA  1 
ATOM   235  C C   . GLU A 1 29 ? -10.567 5.373   -11.193 1.00 21.69 ? 29  GLU A C   1 
ATOM   236  O O   . GLU A 1 29 ? -11.528 4.644   -10.921 1.00 21.63 ? 29  GLU A O   1 
ATOM   237  C CB  . GLU A 1 29 ? -8.559  3.866   -11.084 1.00 22.91 ? 29  GLU A CB  1 
ATOM   238  C CG  . GLU A 1 29 ? -7.338  3.256   -11.783 1.00 23.69 ? 29  GLU A CG  1 
ATOM   239  C CD  . GLU A 1 29 ? -7.715  2.427   -13.005 1.00 24.85 ? 29  GLU A CD  1 
ATOM   240  O OE1 . GLU A 1 29 ? -8.590  1.545   -12.874 1.00 25.51 ? 29  GLU A OE1 1 
ATOM   241  O OE2 . GLU A 1 29 ? -7.141  2.667   -14.096 1.00 27.77 ? 29  GLU A OE2 1 
ATOM   242  N N   . LYS A 1 30 ? -10.493 6.657   -10.847 1.00 21.27 ? 30  LYS A N   1 
ATOM   243  C CA  . LYS A 1 30 ? -11.460 7.332   -9.968  1.00 21.44 ? 30  LYS A CA  1 
ATOM   244  C C   . LYS A 1 30 ? -11.627 6.593   -8.630  1.00 21.03 ? 30  LYS A C   1 
ATOM   245  O O   . LYS A 1 30 ? -12.740 6.381   -8.140  1.00 21.72 ? 30  LYS A O   1 
ATOM   246  C CB  . LYS A 1 30 ? -12.809 7.557   -10.675 1.00 21.58 ? 30  LYS A CB  1 
ATOM   247  C CG  . LYS A 1 30 ? -12.731 8.442   -11.906 1.00 24.51 ? 30  LYS A CG  1 
ATOM   248  C CD  . LYS A 1 30 ? -14.130 8.907   -12.316 1.00 28.24 ? 30  LYS A CD  1 
ATOM   249  C CE  . LYS A 1 30 ? -14.128 9.437   -13.742 1.00 30.93 ? 30  LYS A CE  1 
ATOM   250  N NZ  . LYS A 1 30 ? -13.807 8.363   -14.727 1.00 33.89 ? 30  LYS A NZ  1 
ATOM   251  N N   . LYS A 1 31 ? -10.489 6.220   -8.037  1.00 19.83 ? 31  LYS A N   1 
ATOM   252  C CA  . LYS A 1 31 ? -10.448 5.435   -6.802  1.00 18.94 ? 31  LYS A CA  1 
ATOM   253  C C   . LYS A 1 31 ? -9.351  5.979   -5.910  1.00 18.00 ? 31  LYS A C   1 
ATOM   254  O O   . LYS A 1 31 ? -8.353  6.482   -6.417  1.00 18.28 ? 31  LYS A O   1 
ATOM   255  C CB  . LYS A 1 31 ? -10.095 3.973   -7.096  1.00 18.77 ? 31  LYS A CB  1 
ATOM   256  C CG  . LYS A 1 31 ? -10.987 3.248   -8.076  1.00 21.29 ? 31  LYS A CG  1 
ATOM   257  C CD  . LYS A 1 31 ? -12.112 2.538   -7.382  1.00 24.61 ? 31  LYS A CD  1 
ATOM   258  C CE  . LYS A 1 31 ? -13.180 2.154   -8.389  1.00 26.42 ? 31  LYS A CE  1 
ATOM   259  N NZ  . LYS A 1 31 ? -14.326 1.521   -7.695  1.00 29.06 ? 31  LYS A NZ  1 
ATOM   260  N N   . CYS A 1 32 ? -9.553  5.870   -4.594  1.00 16.02 ? 32  CYS A N   1 
ATOM   261  C CA  . CYS A 1 32 ? -8.498  6.138   -3.595  1.00 15.58 ? 32  CYS A CA  1 
ATOM   262  C C   . CYS A 1 32 ? -7.735  4.839   -3.348  1.00 15.18 ? 32  CYS A C   1 
ATOM   263  O O   . CYS A 1 32 ? -8.318  3.829   -2.942  1.00 15.79 ? 32  CYS A O   1 
ATOM   264  C CB  . CYS A 1 32 ? -9.114  6.670   -2.302  1.00 15.30 ? 32  CYS A CB  1 
ATOM   265  S SG  . CYS A 1 32 ? -9.632  8.409   -2.417  1.00 18.05 ? 32  CYS A SG  1 
ATOM   266  N N   . LEU A 1 33 ? -6.428  4.872   -3.611  1.00 14.36 ? 33  LEU A N   1 
ATOM   267  C CA  . LEU A 1 33 ? -5.608  3.669   -3.661  1.00 14.40 ? 33  LEU A CA  1 
ATOM   268  C C   . LEU A 1 33 ? -4.447  3.814   -2.683  1.00 14.29 ? 33  LEU A C   1 
ATOM   269  O O   . LEU A 1 33 ? -4.094  4.917   -2.290  1.00 14.26 ? 33  LEU A O   1 
ATOM   270  C CB  . LEU A 1 33 ? -5.079  3.433   -5.078  1.00 14.61 ? 33  LEU A CB  1 
ATOM   271  C CG  . LEU A 1 33 ? -6.178  3.349   -6.161  1.00 15.24 ? 33  LEU A CG  1 
ATOM   272  C CD1 . LEU A 1 33 ? -5.557  3.210   -7.540  1.00 17.62 ? 33  LEU A CD1 1 
ATOM   273  C CD2 . LEU A 1 33 ? -7.123  2.201   -5.883  1.00 16.30 ? 33  LEU A CD2 1 
ATOM   274  N N   . GLU A 1 34 ? -3.885  2.689   -2.266  1.00 13.53 ? 34  GLU A N   1 
ATOM   275  C CA  . GLU A 1 34 ? -2.845  2.717   -1.245  1.00 12.96 ? 34  GLU A CA  1 
ATOM   276  C C   . GLU A 1 34 ? -1.453  2.918   -1.838  1.00 13.26 ? 34  GLU A C   1 
ATOM   277  O O   . GLU A 1 34 ? -1.134  2.361   -2.895  1.00 14.61 ? 34  GLU A O   1 
ATOM   278  C CB  . GLU A 1 34 ? -2.888  1.405   -0.469  1.00 13.45 ? 34  GLU A CB  1 
ATOM   279  C CG  . GLU A 1 34 ? -2.203  1.490   0.886   1.00 16.69 ? 34  GLU A CG  1 
ATOM   280  C CD  . GLU A 1 34 ? -2.481  0.285   1.771   1.00 19.66 ? 34  GLU A CD  1 
ATOM   281  O OE1 . GLU A 1 34 ? -3.093  -0.692  1.303   1.00 20.69 ? 34  GLU A OE1 1 
ATOM   282  O OE2 . GLU A 1 34 ? -2.071  0.324   2.950   1.00 23.54 ? 34  GLU A OE2 1 
ATOM   283  N N   . PHE A 1 35 ? -0.633  3.703   -1.138  1.00 12.19 ? 35  PHE A N   1 
ATOM   284  C CA  . PHE A 1 35 ? 0.781   3.881   -1.494  1.00 11.91 ? 35  PHE A CA  1 
ATOM   285  C C   . PHE A 1 35 ? 1.596   4.050   -0.228  1.00 11.91 ? 35  PHE A C   1 
ATOM   286  O O   . PHE A 1 35 ? 1.043   4.199   0.863   1.00 11.62 ? 35  PHE A O   1 
ATOM   287  C CB  . PHE A 1 35 ? 1.007   5.052   -2.468  1.00 11.35 ? 35  PHE A CB  1 
ATOM   288  C CG  . PHE A 1 35 ? 1.040   6.417   -1.818  1.00 11.79 ? 35  PHE A CG  1 
ATOM   289  C CD1 . PHE A 1 35 ? 2.217   7.166   -1.788  1.00 11.60 ? 35  PHE A CD1 1 
ATOM   290  C CD2 . PHE A 1 35 ? -0.110  6.966   -1.275  1.00 10.78 ? 35  PHE A CD2 1 
ATOM   291  C CE1 . PHE A 1 35 ? 2.249   8.436   -1.194  1.00 11.71 ? 35  PHE A CE1 1 
ATOM   292  C CE2 . PHE A 1 35 ? -0.090  8.244   -0.684  1.00 10.62 ? 35  PHE A CE2 1 
ATOM   293  C CZ  . PHE A 1 35 ? 1.085   8.977   -0.653  1.00 9.89  ? 35  PHE A CZ  1 
ATOM   294  N N   . ILE A 1 36 ? 2.918   3.966   -0.372  1.00 11.45 ? 36  ILE A N   1 
ATOM   295  C CA  . ILE A 1 36 ? 3.797   4.237   0.768   1.00 10.95 ? 36  ILE A CA  1 
ATOM   296  C C   . ILE A 1 36 ? 4.226   5.701   0.774   1.00 10.80 ? 36  ILE A C   1 
ATOM   297  O O   . ILE A 1 36 ? 4.790   6.186   -0.204  1.00 10.63 ? 36  ILE A O   1 
ATOM   298  C CB  . ILE A 1 36 ? 5.069   3.352   0.743   1.00 10.96 ? 36  ILE A CB  1 
ATOM   299  C CG1 . ILE A 1 36 ? 4.694   1.856   0.696   1.00 11.60 ? 36  ILE A CG1 1 
ATOM   300  C CG2 . ILE A 1 36 ? 5.985   3.727   1.944   1.00 11.69 ? 36  ILE A CG2 1 
ATOM   301  C CD1 . ILE A 1 36 ? 3.857   1.400   1.904   1.00 14.53 ? 36  ILE A CD1 1 
ATOM   302  N N   . TYR A 1 37 ? 3.983   6.389   1.888   1.00 10.65 ? 37  TYR A N   1 
ATOM   303  C CA  . TYR A 1 37 ? 4.525   7.729   2.081   1.00 10.63 ? 37  TYR A CA  1 
ATOM   304  C C   . TYR A 1 37 ? 5.697   7.668   3.054   1.00 11.39 ? 37  TYR A C   1 
ATOM   305  O O   . TYR A 1 37 ? 5.597   7.014   4.085   1.00 11.50 ? 37  TYR A O   1 
ATOM   306  C CB  . TYR A 1 37 ? 3.433   8.655   2.603   1.00 12.08 ? 37  TYR A CB  1 
ATOM   307  C CG  . TYR A 1 37 ? 3.921   10.042  2.916   1.00 11.00 ? 37  TYR A CG  1 
ATOM   308  C CD1 . TYR A 1 37 ? 4.501   10.854  1.926   1.00 12.12 ? 37  TYR A CD1 1 
ATOM   309  C CD2 . TYR A 1 37 ? 3.776   10.565  4.188   1.00 11.33 ? 37  TYR A CD2 1 
ATOM   310  C CE1 . TYR A 1 37 ? 4.949   12.143  2.224   1.00 11.50 ? 37  TYR A CE1 1 
ATOM   311  C CE2 . TYR A 1 37 ? 4.229   11.847  4.498   1.00 13.03 ? 37  TYR A CE2 1 
ATOM   312  C CZ  . TYR A 1 37 ? 4.792   12.632  3.506   1.00 13.86 ? 37  TYR A CZ  1 
ATOM   313  O OH  . TYR A 1 37 ? 5.215   13.903  3.820   1.00 14.32 ? 37  TYR A OH  1 
ATOM   314  N N   . GLY A 1 38 ? 6.795   8.350   2.710   1.00 11.88 ? 38  GLY A N   1 
ATOM   315  C CA  . GLY A 1 38 ? 8.057   8.239   3.462   1.00 12.18 ? 38  GLY A CA  1 
ATOM   316  C C   . GLY A 1 38 ? 8.185   9.139   4.680   1.00 12.68 ? 38  GLY A C   1 
ATOM   317  O O   . GLY A 1 38 ? 9.188   9.082   5.398   1.00 12.66 ? 38  GLY A O   1 
ATOM   318  N N   . GLY A 1 39 ? 7.181   9.980   4.917   1.00 12.59 ? 39  GLY A N   1 
ATOM   319  C CA  . GLY A 1 39 ? 7.136   10.740  6.159   1.00 12.82 ? 39  GLY A CA  1 
ATOM   320  C C   . GLY A 1 39 ? 7.464   12.210  6.008   1.00 13.89 ? 39  GLY A C   1 
ATOM   321  O O   . GLY A 1 39 ? 7.261   12.973  6.943   1.00 14.41 ? 39  GLY A O   1 
ATOM   322  N N   . CYS A 1 40 ? 8.005   12.619  4.863   1.00 14.24 ? 40  CYS A N   1 
ATOM   323  C CA  . CYS A 1 40 ? 8.308   14.030  4.680   1.00 14.67 ? 40  CYS A CA  1 
ATOM   324  C C   . CYS A 1 40 ? 8.037   14.470  3.243   1.00 14.01 ? 40  CYS A C   1 
ATOM   325  O O   . CYS A 1 40 ? 8.030   13.660  2.313   1.00 13.42 ? 40  CYS A O   1 
ATOM   326  C CB  . CYS A 1 40 ? 9.744   14.355  5.112   1.00 16.08 ? 40  CYS A CB  1 
ATOM   327  S SG  . CYS A 1 40 ? 11.009  13.813  3.950   1.00 19.21 ? 40  CYS A SG  1 
ATOM   328  N N   . GLU A 1 41 ? 7.780   15.764  3.076   1.00 14.82 ? 41  GLU A N   1 
ATOM   329  C CA  . GLU A 1 41 ? 7.595   16.347  1.755   1.00 15.08 ? 41  GLU A CA  1 
ATOM   330  C C   . GLU A 1 41 ? 6.476   15.642  0.976   1.00 14.97 ? 41  GLU A C   1 
ATOM   331  O O   . GLU A 1 41 ? 5.417   15.364  1.556   1.00 15.15 ? 41  GLU A O   1 
ATOM   332  C CB  . GLU A 1 41 ? 8.932   16.458  1.005   1.00 15.73 ? 41  GLU A CB  1 
ATOM   333  C CG  . GLU A 1 41 ? 9.957   17.238  1.840   1.00 18.90 ? 41  GLU A CG  1 
ATOM   334  C CD  . GLU A 1 41 ? 11.226  17.595  1.093   1.00 24.04 ? 41  GLU A CD  1 
ATOM   335  O OE1 . GLU A 1 41 ? 12.121  18.192  1.744   1.00 27.81 ? 41  GLU A OE1 1 
ATOM   336  O OE2 . GLU A 1 41 ? 11.342  17.299  -0.119  1.00 26.90 ? 41  GLU A OE2 1 
ATOM   337  N N   . GLY A 1 42 ? 6.681   15.358  -0.306  1.00 14.82 ? 42  GLY A N   1 
ATOM   338  C CA  . GLY A 1 42 ? 5.599   14.827  -1.134  1.00 15.49 ? 42  GLY A CA  1 
ATOM   339  C C   . GLY A 1 42 ? 4.628   15.929  -1.539  1.00 15.61 ? 42  GLY A C   1 
ATOM   340  O O   . GLY A 1 42 ? 5.007   17.099  -1.651  1.00 16.65 ? 42  GLY A O   1 
ATOM   341  N N   . ASN A 1 43 ? 3.378   15.552  -1.772  1.00 14.51 ? 43  ASN A N   1 
ATOM   342  C CA  . ASN A 1 43 ? 2.390   16.534  -2.229  1.00 14.09 ? 43  ASN A CA  1 
ATOM   343  C C   . ASN A 1 43 ? 1.047   16.411  -1.519  1.00 14.39 ? 43  ASN A C   1 
ATOM   344  O O   . ASN A 1 43 ? 0.896   15.624  -0.592  1.00 13.78 ? 43  ASN A O   1 
ATOM   345  C CB  . ASN A 1 43 ? 2.276   16.512  -3.760  1.00 14.41 ? 43  ASN A CB  1 
ATOM   346  C CG  . ASN A 1 43 ? 1.722   15.200  -4.309  1.00 14.42 ? 43  ASN A CG  1 
ATOM   347  O OD1 . ASN A 1 43 ? 0.768   14.631  -3.774  1.00 14.77 ? 43  ASN A OD1 1 
ATOM   348  N ND2 . ASN A 1 43 ? 2.315   14.728  -5.409  1.00 14.82 ? 43  ASN A ND2 1 
ATOM   349  N N   . ALA A 1 44 ? 0.064   17.188  -1.968  1.00 14.63 ? 44  ALA A N   1 
ATOM   350  C CA  . ALA A 1 44 ? -1.210  17.284  -1.266  1.00 14.61 ? 44  ALA A CA  1 
ATOM   351  C C   . ALA A 1 44 ? -2.100  16.056  -1.441  1.00 14.02 ? 44  ALA A C   1 
ATOM   352  O O   . ALA A 1 44 ? -3.038  15.857  -0.674  1.00 13.98 ? 44  ALA A O   1 
ATOM   353  C CB  . ALA A 1 44 ? -1.964  18.554  -1.718  1.00 14.78 ? 44  ALA A CB  1 
ATOM   354  N N   . ASN A 1 45 ? -1.812  15.231  -2.448  1.00 13.39 ? 45  ASN A N   1 
ATOM   355  C CA  . ASN A 1 45 ? -2.635  14.059  -2.714  1.00 13.43 ? 45  ASN A CA  1 
ATOM   356  C C   . ASN A 1 45 ? -2.147  12.906  -1.839  1.00 13.13 ? 45  ASN A C   1 
ATOM   357  O O   . ASN A 1 45 ? -1.561  11.949  -2.327  1.00 12.80 ? 45  ASN A O   1 
ATOM   358  C CB  . ASN A 1 45 ? -2.599  13.714  -4.196  1.00 13.82 ? 45  ASN A CB  1 
ATOM   359  C CG  . ASN A 1 45 ? -3.612  12.658  -4.576  1.00 14.35 ? 45  ASN A CG  1 
ATOM   360  O OD1 . ASN A 1 45 ? -4.480  12.289  -3.773  1.00 13.74 ? 45  ASN A OD1 1 
ATOM   361  N ND2 . ASN A 1 45 ? -3.488  12.133  -5.798  1.00 13.61 ? 45  ASN A ND2 1 
ATOM   362  N N   . ASN A 1 46 ? -2.423  13.018  -0.544  1.00 13.53 ? 46  ASN A N   1 
ATOM   363  C CA  . ASN A 1 46 ? -1.769  12.190  0.473   1.00 13.26 ? 46  ASN A CA  1 
ATOM   364  C C   . ASN A 1 46 ? -2.667  12.203  1.697   1.00 13.15 ? 46  ASN A C   1 
ATOM   365  O O   . ASN A 1 46 ? -2.822  13.240  2.340   1.00 12.72 ? 46  ASN A O   1 
ATOM   366  C CB  . ASN A 1 46 ? -0.394  12.799  0.792   1.00 12.79 ? 46  ASN A CB  1 
ATOM   367  C CG  . ASN A 1 46 ? 0.347   12.084  1.913   1.00 14.99 ? 46  ASN A CG  1 
ATOM   368  O OD1 . ASN A 1 46 ? -0.236  11.395  2.741   1.00 19.06 ? 46  ASN A OD1 1 
ATOM   369  N ND2 . ASN A 1 46 ? 1.663   12.260  1.936   1.00 14.71 ? 46  ASN A ND2 1 
ATOM   370  N N   . PHE A 1 47 ? -3.282  11.054  1.977   1.00 13.51 ? 47  PHE A N   1 
ATOM   371  C CA  . PHE A 1 47 ? -4.259  10.919  3.061   1.00 13.17 ? 47  PHE A CA  1 
ATOM   372  C C   . PHE A 1 47 ? -3.880  9.799   4.016   1.00 13.71 ? 47  PHE A C   1 
ATOM   373  O O   . PHE A 1 47 ? -3.297  8.789   3.609   1.00 13.12 ? 47  PHE A O   1 
ATOM   374  C CB  . PHE A 1 47 ? -5.634  10.647  2.441   1.00 13.58 ? 47  PHE A CB  1 
ATOM   375  C CG  . PHE A 1 47 ? -6.062  11.719  1.503   1.00 14.58 ? 47  PHE A CG  1 
ATOM   376  C CD1 . PHE A 1 47 ? -6.688  12.860  1.977   1.00 16.04 ? 47  PHE A CD1 1 
ATOM   377  C CD2 . PHE A 1 47 ? -5.758  11.632  0.146   1.00 15.32 ? 47  PHE A CD2 1 
ATOM   378  C CE1 . PHE A 1 47 ? -7.046  13.881  1.103   1.00 16.19 ? 47  PHE A CE1 1 
ATOM   379  C CE2 . PHE A 1 47 ? -6.103  12.657  -0.734  1.00 15.98 ? 47  PHE A CE2 1 
ATOM   380  C CZ  . PHE A 1 47 ? -6.750  13.783  -0.246  1.00 15.17 ? 47  PHE A CZ  1 
ATOM   381  N N   . ILE A 1 48 ? -4.232  9.979   5.292   1.00 12.91 ? 48  ILE A N   1 
ATOM   382  C CA  . ILE A 1 48 ? -3.890  8.977   6.323   1.00 13.55 ? 48  ILE A CA  1 
ATOM   383  C C   . ILE A 1 48 ? -4.813  7.753   6.325   1.00 13.78 ? 48  ILE A C   1 
ATOM   384  O O   . ILE A 1 48 ? -4.457  6.690   6.864   1.00 14.30 ? 48  ILE A O   1 
ATOM   385  C CB  . ILE A 1 48 ? -3.835  9.603   7.737   1.00 13.14 ? 48  ILE A CB  1 
ATOM   386  C CG1 . ILE A 1 48 ? -5.197  10.196  8.136   1.00 13.81 ? 48  ILE A CG1 1 
ATOM   387  C CG2 . ILE A 1 48 ? -2.689  10.664  7.824   1.00 13.94 ? 48  ILE A CG2 1 
ATOM   388  C CD1 . ILE A 1 48 ? -5.294  10.588  9.612   1.00 14.90 ? 48  ILE A CD1 1 
ATOM   389  N N   . THR A 1 49 ? -5.993  7.893   5.721   1.00 14.19 ? 49  THR A N   1 
ATOM   390  C CA  . THR A 1 49 ? -6.931  6.772   5.624   1.00 14.53 ? 49  THR A CA  1 
ATOM   391  C C   . THR A 1 49 ? -7.638  6.843   4.275   1.00 14.47 ? 49  THR A C   1 
ATOM   392  O O   . THR A 1 49 ? -7.682  7.906   3.654   1.00 14.25 ? 49  THR A O   1 
ATOM   393  C CB  . THR A 1 49 ? -8.031  6.809   6.707   1.00 15.02 ? 49  THR A CB  1 
ATOM   394  O OG1 . THR A 1 49 ? -8.784  8.018   6.563   1.00 15.03 ? 49  THR A OG1 1 
ATOM   395  C CG2 . THR A 1 49 ? -7.447  6.721   8.136   1.00 14.51 ? 49  THR A CG2 1 
ATOM   396  N N   . LYS A 1 50 ? -8.198  5.718   3.841   1.00 14.97 ? 50  LYS A N   1 
ATOM   397  C CA  . LYS A 1 50 ? -8.951  5.686   2.578   1.00 14.89 ? 50  LYS A CA  1 
ATOM   398  C C   . LYS A 1 50 ? -10.186 6.584   2.697   1.00 15.35 ? 50  LYS A C   1 
ATOM   399  O O   . LYS A 1 50 ? -10.568 7.261   1.748   1.00 14.75 ? 50  LYS A O   1 
ATOM   400  C CB  . LYS A 1 50 ? -9.370  4.251   2.256   1.00 15.28 ? 50  LYS A CB  1 
ATOM   401  C CG  . LYS A 1 50 ? -10.067 4.081   0.928   1.00 15.66 ? 50  LYS A CG  1 
ATOM   402  C CD  . LYS A 1 50 ? -10.134 2.614   0.582   1.00 18.47 ? 50  LYS A CD  1 
ATOM   403  C CE  . LYS A 1 50 ? -10.696 2.403   -0.807  1.00 21.45 ? 50  LYS A CE  1 
ATOM   404  N NZ  . LYS A 1 50 ? -12.190 2.360   -0.800  1.00 24.73 ? 50  LYS A NZ  1 
ATOM   405  N N   . GLU A 1 51 ? -10.783 6.590   3.885   1.00 15.93 ? 51  GLU A N   1 
ATOM   406  C CA  . GLU A 1 51 ? -11.990 7.382   4.149   1.00 16.96 ? 51  GLU A CA  1 
ATOM   407  C C   . GLU A 1 51 ? -11.743 8.890   3.996   1.00 17.35 ? 51  GLU A C   1 
ATOM   408  O O   . GLU A 1 51 ? -12.569 9.622   3.424   1.00 17.82 ? 51  GLU A O   1 
ATOM   409  C CB  . GLU A 1 51 ? -12.517 7.058   5.549   1.00 17.43 ? 51  GLU A CB  1 
ATOM   410  C CG  . GLU A 1 51 ? -13.060 5.621   5.691   1.00 19.50 ? 51  GLU A CG  1 
ATOM   411  C CD  . GLU A 1 51 ? -11.965 4.545   5.756   1.00 22.29 ? 51  GLU A CD  1 
ATOM   412  O OE1 . GLU A 1 51 ? -10.837 4.848   6.202   1.00 21.42 ? 51  GLU A OE1 1 
ATOM   413  O OE2 . GLU A 1 51 ? -12.241 3.380   5.374   1.00 24.93 ? 51  GLU A OE2 1 
ATOM   414  N N   . GLU A 1 52 ? -10.606 9.363   4.507   1.00 17.49 ? 52  GLU A N   1 
ATOM   415  C CA  . GLU A 1 52 ? -10.228 10.772  4.354   1.00 17.98 ? 52  GLU A CA  1 
ATOM   416  C C   . GLU A 1 52 ? -10.019 11.119  2.873   1.00 17.16 ? 52  GLU A C   1 
ATOM   417  O O   . GLU A 1 52 ? -10.477 12.154  2.398   1.00 16.96 ? 52  GLU A O   1 
ATOM   418  C CB  . GLU A 1 52 ? -8.990  11.088  5.224   1.00 17.75 ? 52  GLU A CB  1 
ATOM   419  C CG  . GLU A 1 52 ? -8.337  12.448  4.999   1.00 21.03 ? 52  GLU A CG  1 
ATOM   420  C CD  . GLU A 1 52 ? -7.161  12.700  5.941   1.00 21.58 ? 52  GLU A CD  1 
ATOM   421  O OE1 . GLU A 1 52 ? -5.959  12.481  5.555   1.00 21.44 ? 52  GLU A OE1 1 
ATOM   422  O OE2 . GLU A 1 52 ? -7.446  13.107  7.089   1.00 26.95 ? 52  GLU A OE2 1 
ATOM   423  N N   . CYS A 1 53 ? -9.359  10.235  2.129   1.00 16.20 ? 53  CYS A N   1 
ATOM   424  C CA  . CYS A 1 53 ? -9.160  10.440  0.694   1.00 16.67 ? 53  CYS A CA  1 
ATOM   425  C C   . CYS A 1 53 ? -10.508 10.519  -0.038  1.00 17.15 ? 53  CYS A C   1 
ATOM   426  O O   . CYS A 1 53 ? -10.725 11.392  -0.886  1.00 17.88 ? 53  CYS A O   1 
ATOM   427  C CB  . CYS A 1 53 ? -8.294  9.310   0.119   1.00 16.84 ? 53  CYS A CB  1 
ATOM   428  S SG  . CYS A 1 53 ? -7.980  9.399   -1.651  1.00 16.84 ? 53  CYS A SG  1 
ATOM   429  N N   . GLU A 1 54 ? -11.419 9.617   0.313   1.00 17.47 ? 54  GLU A N   1 
ATOM   430  C CA  . GLU A 1 54 ? -12.698 9.530   -0.397  1.00 18.93 ? 54  GLU A CA  1 
ATOM   431  C C   . GLU A 1 54 ? -13.587 10.741  -0.143  1.00 19.99 ? 54  GLU A C   1 
ATOM   432  O O   . GLU A 1 54 ? -14.353 11.152  -1.024  1.00 20.88 ? 54  GLU A O   1 
ATOM   433  C CB  . GLU A 1 54 ? -13.406 8.211   -0.072  1.00 18.75 ? 54  GLU A CB  1 
ATOM   434  C CG  . GLU A 1 54 ? -12.686 7.030   -0.703  1.00 19.00 ? 54  GLU A CG  1 
ATOM   435  C CD  . GLU A 1 54 ? -13.337 5.682   -0.468  1.00 20.04 ? 54  GLU A CD  1 
ATOM   436  O OE1 . GLU A 1 54 ? -14.084 5.512   0.519   1.00 20.56 ? 54  GLU A OE1 1 
ATOM   437  O OE2 . GLU A 1 54 ? -13.061 4.767   -1.269  1.00 19.63 ? 54  GLU A OE2 1 
ATOM   438  N N   . SER A 1 55 ? -13.472 11.314  1.048   1.00 20.56 ? 55  SER A N   1 
ATOM   439  C CA  . SER A 1 55 ? -14.242 12.516  1.374   1.00 21.82 ? 55  SER A CA  1 
ATOM   440  C C   . SER A 1 55 ? -13.687 13.732  0.642   1.00 22.13 ? 55  SER A C   1 
ATOM   441  O O   . SER A 1 55 ? -14.446 14.529  0.076   1.00 23.38 ? 55  SER A O   1 
ATOM   442  C CB  . SER A 1 55 ? -14.303 12.745  2.889   1.00 21.99 ? 55  SER A CB  1 
ATOM   443  O OG  . SER A 1 55 ? -13.012 12.928  3.446   1.00 25.76 ? 55  SER A OG  1 
ATOM   444  N N   . THR A 1 56 ? -12.362 13.857  0.618   1.00 21.55 ? 56  THR A N   1 
ATOM   445  C CA  . THR A 1 56 ? -11.713 15.051  0.068   1.00 21.90 ? 56  THR A CA  1 
ATOM   446  C C   . THR A 1 56 ? -11.695 15.038  -1.455  1.00 21.95 ? 56  THR A C   1 
ATOM   447  O O   . THR A 1 56 ? -11.965 16.068  -2.105  1.00 21.59 ? 56  THR A O   1 
ATOM   448  C CB  . THR A 1 56 ? -10.277 15.190  0.608   1.00 21.96 ? 56  THR A CB  1 
ATOM   449  O OG1 . THR A 1 56 ? -10.312 15.156  2.037   1.00 22.67 ? 56  THR A OG1 1 
ATOM   450  C CG2 . THR A 1 56 ? -9.639  16.508  0.142   1.00 21.96 ? 56  THR A CG2 1 
ATOM   451  N N   . CYS A 1 57 ? -11.395 13.873  -2.018  1.00 21.95 ? 57  CYS A N   1 
ATOM   452  C CA  . CYS A 1 57 ? -11.236 13.734  -3.458  1.00 22.90 ? 57  CYS A CA  1 
ATOM   453  C C   . CYS A 1 57 ? -12.419 13.066  -4.184  1.00 24.28 ? 57  CYS A C   1 
ATOM   454  O O   . CYS A 1 57 ? -12.372 12.897  -5.398  1.00 24.58 ? 57  CYS A O   1 
ATOM   455  C CB  . CYS A 1 57 ? -9.895  13.057  -3.792  1.00 21.90 ? 57  CYS A CB  1 
ATOM   456  S SG  . CYS A 1 57 ? -8.458  14.132  -3.466  1.00 19.94 ? 57  CYS A SG  1 
ATOM   457  N N   . ALA A 1 58 ? -13.475 12.716  -3.446  1.00 26.49 ? 58  ALA A N   1 
ATOM   458  C CA  . ALA A 1 58 ? -14.714 12.117  -4.015  1.00 28.23 ? 58  ALA A CA  1 
ATOM   459  C C   . ALA A 1 58 ? -14.727 10.592  -4.104  1.00 28.90 ? 58  ALA A C   1 
ATOM   460  O O   . ALA A 1 58 ? -13.707 9.923   -4.226  1.00 30.24 ? 58  ALA A O   1 
ATOM   461  C CB  . ALA A 1 58 ? -15.071 12.730  -5.372  1.00 28.50 ? 58  ALA A CB  1 
ATOM   462  N N   . ASP B 1 2  ? 1.037   -22.209 0.320   1.00 32.08 ? 2   ASP B N   1 
ATOM   463  C CA  . ASP B 1 2  ? -0.295  -21.950 -0.306  1.00 31.36 ? 2   ASP B CA  1 
ATOM   464  C C   . ASP B 1 2  ? -0.865  -20.578 0.071   1.00 29.99 ? 2   ASP B C   1 
ATOM   465  O O   . ASP B 1 2  ? -1.577  -19.959 -0.726  1.00 30.81 ? 2   ASP B O   1 
ATOM   466  C CB  . ASP B 1 2  ? -1.275  -23.070 0.059   1.00 32.43 ? 2   ASP B CB  1 
ATOM   467  C CG  . ASP B 1 2  ? -2.729  -22.649 -0.076  1.00 34.51 ? 2   ASP B CG  1 
ATOM   468  O OD1 . ASP B 1 2  ? -3.165  -22.313 -1.204  1.00 37.61 ? 2   ASP B OD1 1 
ATOM   469  O OD2 . ASP B 1 2  ? -3.435  -22.656 0.955   1.00 38.18 ? 2   ASP B OD2 1 
ATOM   470  N N   . ARG B 1 3  ? -0.569  -20.122 1.286   1.00 27.48 ? 3   ARG B N   1 
ATOM   471  C CA  . ARG B 1 3  ? -0.955  -18.776 1.746   1.00 25.11 ? 3   ARG B CA  1 
ATOM   472  C C   . ARG B 1 3  ? 0.292   -17.877 1.766   1.00 22.36 ? 3   ARG B C   1 
ATOM   473  O O   . ARG B 1 3  ? 1.403   -18.399 1.778   1.00 22.02 ? 3   ARG B O   1 
ATOM   474  C CB  . ARG B 1 3  ? -1.563  -18.851 3.142   1.00 25.63 ? 3   ARG B CB  1 
ATOM   475  C CG  . ARG B 1 3  ? -2.952  -19.480 3.179   1.00 28.41 ? 3   ARG B CG  1 
ATOM   476  C CD  . ARG B 1 3  ? -3.246  -20.036 4.550   1.00 32.75 ? 3   ARG B CD  1 
ATOM   477  N NE  . ARG B 1 3  ? -2.629  -21.344 4.758   1.00 37.30 ? 3   ARG B NE  1 
ATOM   478  C CZ  . ARG B 1 3  ? -2.487  -21.942 5.940   1.00 39.11 ? 3   ARG B CZ  1 
ATOM   479  N NH1 . ARG B 1 3  ? -2.898  -21.347 7.057   1.00 39.16 ? 3   ARG B NH1 1 
ATOM   480  N NH2 . ARG B 1 3  ? -1.917  -23.141 6.006   1.00 40.39 ? 3   ARG B NH2 1 
ATOM   481  N N   . PRO B 1 4  ? 0.119   -16.539 1.776   1.00 20.20 ? 4   PRO B N   1 
ATOM   482  C CA  . PRO B 1 4  ? 1.309   -15.667 1.762   1.00 18.63 ? 4   PRO B CA  1 
ATOM   483  C C   . PRO B 1 4  ? 2.309   -15.941 2.874   1.00 17.43 ? 4   PRO B C   1 
ATOM   484  O O   . PRO B 1 4  ? 1.932   -16.322 3.992   1.00 17.16 ? 4   PRO B O   1 
ATOM   485  C CB  . PRO B 1 4  ? 0.719   -14.269 1.938   1.00 18.74 ? 4   PRO B CB  1 
ATOM   486  C CG  . PRO B 1 4  ? -0.649  -14.378 1.337   1.00 20.28 ? 4   PRO B CG  1 
ATOM   487  C CD  . PRO B 1 4  ? -1.120  -15.736 1.766   1.00 20.36 ? 4   PRO B CD  1 
ATOM   488  N N   . ASP B 1 5  ? 3.591   -15.747 2.563   1.00 16.06 ? 5   ASP B N   1 
ATOM   489  C CA  . ASP B 1 5  ? 4.637   -15.864 3.575   1.00 15.31 ? 5   ASP B CA  1 
ATOM   490  C C   . ASP B 1 5  ? 4.443   -14.895 4.744   1.00 14.47 ? 5   ASP B C   1 
ATOM   491  O O   . ASP B 1 5  ? 4.789   -15.226 5.876   1.00 15.32 ? 5   ASP B O   1 
ATOM   492  C CB  . ASP B 1 5  ? 6.008   -15.565 2.956   1.00 14.67 ? 5   ASP B CB  1 
ATOM   493  C CG  . ASP B 1 5  ? 6.539   -16.692 2.098   1.00 16.48 ? 5   ASP B CG  1 
ATOM   494  O OD1 . ASP B 1 5  ? 5.892   -17.756 1.984   1.00 17.26 ? 5   ASP B OD1 1 
ATOM   495  O OD2 . ASP B 1 5  ? 7.636   -16.475 1.529   1.00 16.87 ? 5   ASP B OD2 1 
ATOM   496  N N   . PHE B 1 6  ? 3.911   -13.697 4.475   1.00 14.62 ? 6   PHE B N   1 
ATOM   497  C CA  . PHE B 1 6  ? 3.823   -12.708 5.548   1.00 14.66 ? 6   PHE B CA  1 
ATOM   498  C C   . PHE B 1 6  ? 2.896   -13.154 6.681   1.00 14.52 ? 6   PHE B C   1 
ATOM   499  O O   . PHE B 1 6  ? 2.982   -12.633 7.793   1.00 14.92 ? 6   PHE B O   1 
ATOM   500  C CB  . PHE B 1 6  ? 3.471   -11.297 5.049   1.00 14.82 ? 6   PHE B CB  1 
ATOM   501  C CG  . PHE B 1 6  ? 2.220   -11.218 4.213   1.00 15.16 ? 6   PHE B CG  1 
ATOM   502  C CD1 . PHE B 1 6  ? 0.956   -11.406 4.780   1.00 15.75 ? 6   PHE B CD1 1 
ATOM   503  C CD2 . PHE B 1 6  ? 2.306   -10.885 2.867   1.00 16.75 ? 6   PHE B CD2 1 
ATOM   504  C CE1 . PHE B 1 6  ? -0.204  -11.300 3.994   1.00 16.29 ? 6   PHE B CE1 1 
ATOM   505  C CE2 . PHE B 1 6  ? 1.166   -10.765 2.071   1.00 16.76 ? 6   PHE B CE2 1 
ATOM   506  C CZ  . PHE B 1 6  ? -0.098  -10.987 2.643   1.00 17.20 ? 6   PHE B CZ  1 
ATOM   507  N N   . CYS B 1 7  ? 2.028   -14.131 6.404   1.00 14.87 ? 7   CYS B N   1 
ATOM   508  C CA  . CYS B 1 7  ? 1.167   -14.716 7.442   1.00 14.76 ? 7   CYS B CA  1 
ATOM   509  C C   . CYS B 1 7  ? 1.955   -15.327 8.600   1.00 15.12 ? 7   CYS B C   1 
ATOM   510  O O   . CYS B 1 7  ? 1.414   -15.541 9.682   1.00 16.23 ? 7   CYS B O   1 
ATOM   511  C CB  . CYS B 1 7  ? 0.260   -15.795 6.838   1.00 15.02 ? 7   CYS B CB  1 
ATOM   512  S SG  . CYS B 1 7  ? -0.801  -15.220 5.546   1.00 16.04 ? 7   CYS B SG  1 
ATOM   513  N N   . GLU B 1 8  ? 3.233   -15.637 8.343   1.00 15.01 ? 8   GLU B N   1 
ATOM   514  C CA  . GLU B 1 8  ? 4.106   -16.264 9.322   1.00 15.47 ? 8   GLU B CA  1 
ATOM   515  C C   . GLU B 1 8  ? 4.973   -15.270 10.082  1.00 15.24 ? 8   GLU B C   1 
ATOM   516  O O   . GLU B 1 8  ? 5.752   -15.664 10.961  1.00 15.71 ? 8   GLU B O   1 
ATOM   517  C CB  . GLU B 1 8  ? 5.035   -17.277 8.634   1.00 16.89 ? 8   GLU B CB  1 
ATOM   518  C CG  . GLU B 1 8  ? 4.325   -18.514 8.094   1.00 19.77 ? 8   GLU B CG  1 
ATOM   519  C CD  . GLU B 1 8  ? 3.741   -19.373 9.204   1.00 25.75 ? 8   GLU B CD  1 
ATOM   520  O OE1 . GLU B 1 8  ? 4.474   -19.765 10.147  1.00 27.66 ? 8   GLU B OE1 1 
ATOM   521  O OE2 . GLU B 1 8  ? 2.528   -19.644 9.139   1.00 29.12 ? 8   GLU B OE2 1 
ATOM   522  N N   . LEU B 1 9  ? 4.869   -13.990 9.727   1.00 14.22 ? 9   LEU B N   1 
ATOM   523  C CA  . LEU B 1 9  ? 5.644   -12.958 10.425  1.00 14.30 ? 9   LEU B CA  1 
ATOM   524  C C   . LEU B 1 9  ? 4.977   -12.566 11.741  1.00 15.08 ? 9   LEU B C   1 
ATOM   525  O O   . LEU B 1 9  ? 3.755   -12.624 11.840  1.00 15.10 ? 9   LEU B O   1 
ATOM   526  C CB  . LEU B 1 9  ? 5.809   -11.728 9.545   1.00 13.98 ? 9   LEU B CB  1 
ATOM   527  C CG  . LEU B 1 9  ? 6.581   -11.888 8.241   1.00 13.48 ? 9   LEU B CG  1 
ATOM   528  C CD1 . LEU B 1 9  ? 6.366   -10.671 7.391   1.00 13.73 ? 9   LEU B CD1 1 
ATOM   529  C CD2 . LEU B 1 9  ? 8.064   -12.137 8.496   1.00 13.28 ? 9   LEU B CD2 1 
ATOM   530  N N   . PRO B 1 10 ? 5.777   -12.172 12.754  1.00 15.41 ? 10  PRO B N   1 
ATOM   531  C CA  . PRO B 1 10 ? 5.179   -11.722 14.011  1.00 15.08 ? 10  PRO B CA  1 
ATOM   532  C C   . PRO B 1 10 ? 4.415   -10.415 13.825  1.00 14.13 ? 10  PRO B C   1 
ATOM   533  O O   . PRO B 1 10 ? 4.722   -9.631  12.925  1.00 14.53 ? 10  PRO B O   1 
ATOM   534  C CB  . PRO B 1 10 ? 6.390   -11.474 14.920  1.00 15.85 ? 10  PRO B CB  1 
ATOM   535  C CG  . PRO B 1 10 ? 7.536   -12.215 14.276  1.00 17.84 ? 10  PRO B CG  1 
ATOM   536  C CD  . PRO B 1 10 ? 7.255   -12.148 12.803  1.00 15.60 ? 10  PRO B CD  1 
ATOM   537  N N   . ALA B 1 11 ? 3.423   -10.186 14.678  1.00 13.66 ? 11  ALA B N   1 
ATOM   538  C CA  . ALA B 1 11 ? 2.778   -8.880  14.750  1.00 12.73 ? 11  ALA B CA  1 
ATOM   539  C C   . ALA B 1 11 ? 3.841   -7.824  15.026  1.00 12.15 ? 11  ALA B C   1 
ATOM   540  O O   . ALA B 1 11 ? 4.774   -8.056  15.804  1.00 12.75 ? 11  ALA B O   1 
ATOM   541  C CB  . ALA B 1 11 ? 1.752   -8.872  15.876  1.00 13.56 ? 11  ALA B CB  1 
ATOM   542  N N   . ASP B 1 12 ? 3.688   -6.660  14.404  1.00 11.29 ? 12  ASP B N   1 
ATOM   543  C CA  . ASP B 1 12 ? 4.629   -5.560  14.654  1.00 10.74 ? 12  ASP B CA  1 
ATOM   544  C C   . ASP B 1 12 ? 3.905   -4.214  14.677  1.00 11.10 ? 12  ASP B C   1 
ATOM   545  O O   . ASP B 1 12 ? 3.447   -3.714  13.658  1.00 11.12 ? 12  ASP B O   1 
ATOM   546  C CB  . ASP B 1 12 ? 5.762   -5.573  13.600  1.00 11.41 ? 12  ASP B CB  1 
ATOM   547  C CG  . ASP B 1 12 ? 6.920   -4.632  13.950  1.00 11.98 ? 12  ASP B CG  1 
ATOM   548  O OD1 . ASP B 1 12 ? 6.851   -3.923  14.979  1.00 12.86 ? 12  ASP B OD1 1 
ATOM   549  O OD2 . ASP B 1 12 ? 7.911   -4.611  13.172  1.00 12.85 ? 12  ASP B OD2 1 
ATOM   550  N N   . THR B 1 13 ? 3.824   -3.626  15.862  1.00 10.33 ? 13  THR B N   1 
ATOM   551  C CA  . THR B 1 13 ? 3.215   -2.320  16.043  1.00 10.79 ? 13  THR B CA  1 
ATOM   552  C C   . THR B 1 13 ? 4.025   -1.224  15.348  1.00 11.11 ? 13  THR B C   1 
ATOM   553  O O   . THR B 1 13 ? 3.468   -0.193  14.949  1.00 10.98 ? 13  THR B O   1 
ATOM   554  C CB  . THR B 1 13 ? 3.089   -2.010  17.549  1.00 11.50 ? 13  THR B CB  1 
ATOM   555  O OG1 . THR B 1 13 ? 2.107   -2.880  18.127  1.00 11.91 ? 13  THR B OG1 1 
ATOM   556  C CG2 . THR B 1 13 ? 2.720   -0.532  17.800  1.00 10.20 ? 13  THR B CG2 1 
ATOM   557  N N   . GLY B 1 14 ? 5.331   -1.455  15.216  1.00 10.68 ? 14  GLY B N   1 
ATOM   558  C CA  . GLY B 1 14 ? 6.230   -0.441  14.684  1.00 10.85 ? 14  GLY B CA  1 
ATOM   559  C C   . GLY B 1 14 ? 6.441   0.708   15.666  1.00 10.64 ? 14  GLY B C   1 
ATOM   560  O O   . GLY B 1 14 ? 5.916   0.689   16.791  1.00 10.75 ? 14  GLY B O   1 
ATOM   561  N N   . PRO B 1 15 ? 7.231   1.707   15.249  1.00 11.15 ? 15  PRO B N   1 
ATOM   562  C CA  . PRO B 1 15 ? 7.687   2.791   16.126  1.00 11.70 ? 15  PRO B CA  1 
ATOM   563  C C   . PRO B 1 15 ? 6.843   4.057   16.120  1.00 11.62 ? 15  PRO B C   1 
ATOM   564  O O   . PRO B 1 15 ? 7.135   4.982   16.889  1.00 12.15 ? 15  PRO B O   1 
ATOM   565  C CB  . PRO B 1 15 ? 9.065   3.130   15.550  1.00 11.74 ? 15  PRO B CB  1 
ATOM   566  C CG  . PRO B 1 15 ? 8.903   2.873   14.053  1.00 11.63 ? 15  PRO B CG  1 
ATOM   567  C CD  . PRO B 1 15 ? 7.845   1.769   13.907  1.00 11.31 ? 15  PRO B CD  1 
ATOM   568  N N   . CYS B 1 16 ? 5.848   4.134   15.243  1.00 11.75 ? 16  CYS B N   1 
ATOM   569  C CA  . CYS B 1 16 ? 5.049   5.361   15.195  1.00 12.18 ? 16  CYS B CA  1 
ATOM   570  C C   . CYS B 1 16 ? 4.011   5.388   16.310  1.00 12.37 ? 16  CYS B C   1 
ATOM   571  O O   . CYS B 1 16 ? 3.773   4.376   16.975  1.00 12.29 ? 16  CYS B O   1 
ATOM   572  C CB  . CYS B 1 16 ? 4.485   5.577   13.813  1.00 12.82 ? 16  CYS B CB  1 
ATOM   573  S SG  . CYS B 1 16 ? 5.767   6.183   12.658  1.00 13.18 ? 16  CYS B SG  1 
ATOM   574  N N   . ARG B 1 17 ? 3.421   6.558   16.536  1.00 11.92 ? 17  ARG B N   1 
ATOM   575  C CA  . ARG B 1 17 ? 2.686   6.796   17.763  1.00 13.69 ? 17  ARG B CA  1 
ATOM   576  C C   . ARG B 1 17 ? 1.264   7.271   17.502  1.00 13.88 ? 17  ARG B C   1 
ATOM   577  O O   . ARG B 1 17 ? 0.738   8.138   18.224  1.00 14.17 ? 17  ARG B O   1 
ATOM   578  C CB  . ARG B 1 17 ? 3.448   7.791   18.643  1.00 13.51 ? 17  ARG B CB  1 
ATOM   579  C CG  . ARG B 1 17 ? 4.842   7.314   19.063  1.00 14.51 ? 17  ARG B CG  1 
ATOM   580  C CD  . ARG B 1 17 ? 5.575   8.437   19.813  1.00 16.88 ? 17  ARG B CD  1 
ATOM   581  N NE  . ARG B 1 17 ? 4.965   8.736   21.116  1.00 21.88 ? 17  ARG B NE  1 
ATOM   582  C CZ  . ARG B 1 17 ? 4.851   9.953   21.670  1.00 23.32 ? 17  ARG B CZ  1 
ATOM   583  N NH1 . ARG B 1 17 ? 5.262   11.059  21.049  1.00 20.78 ? 17  ARG B NH1 1 
ATOM   584  N NH2 . ARG B 1 17 ? 4.292   10.072  22.868  1.00 23.17 ? 17  ARG B NH2 1 
ATOM   585  N N   . VAL B 1 18 ? 0.656   6.730   16.447  1.00 13.59 ? 18  VAL B N   1 
ATOM   586  C CA  . VAL B 1 18 ? -0.785  6.875   16.245  1.00 13.87 ? 18  VAL B CA  1 
ATOM   587  C C   . VAL B 1 18 ? -1.436  5.510   16.460  1.00 14.35 ? 18  VAL B C   1 
ATOM   588  O O   . VAL B 1 18 ? -0.746  4.567   16.821  1.00 14.68 ? 18  VAL B O   1 
ATOM   589  C CB  . VAL B 1 18 ? -1.125  7.548   14.899  1.00 13.77 ? 18  VAL B CB  1 
ATOM   590  C CG1 . VAL B 1 18 ? -0.695  9.019   14.956  1.00 13.29 ? 18  VAL B CG1 1 
ATOM   591  C CG2 . VAL B 1 18 ? -0.445  6.853   13.732  1.00 14.97 ? 18  VAL B CG2 1 
ATOM   592  N N   . ARG B 1 19 ? -2.745  5.393   16.259  1.00 14.39 ? 19  ARG B N   1 
ATOM   593  C CA  . ARG B 1 19 ? -3.424  4.159   16.673  1.00 15.29 ? 19  ARG B CA  1 
ATOM   594  C C   . ARG B 1 19 ? -4.357  3.624   15.603  1.00 15.09 ? 19  ARG B C   1 
ATOM   595  O O   . ARG B 1 19 ? -5.397  4.228   15.292  1.00 15.07 ? 19  ARG B O   1 
ATOM   596  C CB  . ARG B 1 19 ? -4.169  4.362   17.995  1.00 15.64 ? 19  ARG B CB  1 
ATOM   597  C CG  . ARG B 1 19 ? -4.957  3.139   18.465  1.00 16.21 ? 19  ARG B CG  1 
ATOM   598  C CD  . ARG B 1 19 ? -5.842  3.519   19.668  1.00 17.41 ? 19  ARG B CD  1 
ATOM   599  N NE  . ARG B 1 19 ? -5.051  3.798   20.854  1.00 20.22 ? 19  ARG B NE  1 
ATOM   600  C CZ  . ARG B 1 19 ? -5.502  4.489   21.906  1.00 19.21 ? 19  ARG B CZ  1 
ATOM   601  N NH1 . ARG B 1 19 ? -6.737  4.968   21.910  1.00 21.75 ? 19  ARG B NH1 1 
ATOM   602  N NH2 . ARG B 1 19 ? -4.711  4.699   22.945  1.00 19.86 ? 19  ARG B NH2 1 
ATOM   603  N N   . PHE B 1 20 ? -3.955  2.491   15.040  1.00 14.88 ? 20  PHE B N   1 
ATOM   604  C CA  . PHE B 1 20 ? -4.756  1.795   14.028  1.00 14.60 ? 20  PHE B CA  1 
ATOM   605  C C   . PHE B 1 20 ? -5.024  0.382   14.522  1.00 15.33 ? 20  PHE B C   1 
ATOM   606  O O   . PHE B 1 20 ? -4.160  -0.497  14.393  1.00 14.83 ? 20  PHE B O   1 
ATOM   607  C CB  . PHE B 1 20 ? -4.000  1.737   12.700  1.00 15.07 ? 20  PHE B CB  1 
ATOM   608  C CG  . PHE B 1 20 ? -3.977  3.030   11.965  1.00 15.36 ? 20  PHE B CG  1 
ATOM   609  C CD1 . PHE B 1 20 ? -5.010  3.369   11.095  1.00 19.55 ? 20  PHE B CD1 1 
ATOM   610  C CD2 . PHE B 1 20 ? -2.918  3.902   12.113  1.00 17.09 ? 20  PHE B CD2 1 
ATOM   611  C CE1 . PHE B 1 20 ? -4.983  4.576   10.393  1.00 19.47 ? 20  PHE B CE1 1 
ATOM   612  C CE2 . PHE B 1 20 ? -2.886  5.110   11.420  1.00 17.34 ? 20  PHE B CE2 1 
ATOM   613  C CZ  . PHE B 1 20 ? -3.920  5.452   10.562  1.00 17.23 ? 20  PHE B CZ  1 
ATOM   614  N N   . PRO B 1 21 ? -6.203  0.152   15.128  1.00 15.98 ? 21  PRO B N   1 
ATOM   615  C CA  . PRO B 1 21 ? -6.548  -1.204  15.558  1.00 16.19 ? 21  PRO B CA  1 
ATOM   616  C C   . PRO B 1 21 ? -6.578  -2.114  14.339  1.00 16.16 ? 21  PRO B C   1 
ATOM   617  O O   . PRO B 1 21 ? -7.182  -1.777  13.311  1.00 16.42 ? 21  PRO B O   1 
ATOM   618  C CB  . PRO B 1 21 ? -7.950  -1.036  16.165  1.00 16.91 ? 21  PRO B CB  1 
ATOM   619  C CG  . PRO B 1 21 ? -8.015  0.424   16.545  1.00 17.34 ? 21  PRO B CG  1 
ATOM   620  C CD  . PRO B 1 21 ? -7.263  1.121   15.457  1.00 16.54 ? 21  PRO B CD  1 
ATOM   621  N N   . SER B 1 22 ? -5.883  -3.241  14.450  1.00 15.76 ? 22  SER B N   1 
ATOM   622  C CA  . SER B 1 22 ? -5.639  -4.113  13.307  1.00 15.28 ? 22  SER B CA  1 
ATOM   623  C C   . SER B 1 22 ? -5.700  -5.582  13.714  1.00 15.18 ? 22  SER B C   1 
ATOM   624  O O   . SER B 1 22 ? -5.880  -5.898  14.884  1.00 15.43 ? 22  SER B O   1 
ATOM   625  C CB  . SER B 1 22 ? -4.261  -3.785  12.714  1.00 15.83 ? 22  SER B CB  1 
ATOM   626  O OG  . SER B 1 22 ? -4.204  -2.412  12.350  1.00 15.40 ? 22  SER B OG  1 
ATOM   627  N N   . PHE B 1 23 ? -5.541  -6.469  12.732  1.00 15.28 ? 23  PHE B N   1 
ATOM   628  C CA  . PHE B 1 23 ? -5.508  -7.920  12.977  1.00 15.47 ? 23  PHE B CA  1 
ATOM   629  C C   . PHE B 1 23 ? -4.280  -8.523  12.327  1.00 14.84 ? 23  PHE B C   1 
ATOM   630  O O   . PHE B 1 23 ? -3.854  -8.046  11.290  1.00 14.46 ? 23  PHE B O   1 
ATOM   631  C CB  . PHE B 1 23 ? -6.789  -8.585  12.448  1.00 15.90 ? 23  PHE B CB  1 
ATOM   632  C CG  . PHE B 1 23 ? -7.980  -8.317  13.321  1.00 17.41 ? 23  PHE B CG  1 
ATOM   633  C CD1 . PHE B 1 23 ? -8.324  -9.212  14.335  1.00 19.44 ? 23  PHE B CD1 1 
ATOM   634  C CD2 . PHE B 1 23 ? -8.711  -7.145  13.172  1.00 19.64 ? 23  PHE B CD2 1 
ATOM   635  C CE1 . PHE B 1 23 ? -9.417  -8.948  15.177  1.00 20.48 ? 23  PHE B CE1 1 
ATOM   636  C CE2 . PHE B 1 23 ? -9.787  -6.872  14.008  1.00 20.61 ? 23  PHE B CE2 1 
ATOM   637  C CZ  . PHE B 1 23 ? -10.128 -7.763  15.002  1.00 18.55 ? 23  PHE B CZ  1 
ATOM   638  N N   . TYR B 1 24 ? -3.706  -9.527  12.980  1.00 14.67 ? 24  TYR B N   1 
ATOM   639  C CA  . TYR B 1 24 ? -2.595  -10.279 12.404  1.00 15.00 ? 24  TYR B CA  1 
ATOM   640  C C   . TYR B 1 24 ? -2.902  -11.760 12.561  1.00 15.56 ? 24  TYR B C   1 
ATOM   641  O O   . TYR B 1 24 ? -3.628  -12.157 13.473  1.00 15.14 ? 24  TYR B O   1 
ATOM   642  C CB  . TYR B 1 24 ? -1.272  -9.931  13.100  1.00 15.58 ? 24  TYR B CB  1 
ATOM   643  C CG  . TYR B 1 24 ? -1.077  -10.582 14.450  1.00 15.79 ? 24  TYR B CG  1 
ATOM   644  C CD1 . TYR B 1 24 ? -0.258  -11.711 14.585  1.00 15.73 ? 24  TYR B CD1 1 
ATOM   645  C CD2 . TYR B 1 24 ? -1.694  -10.079 15.597  1.00 17.59 ? 24  TYR B CD2 1 
ATOM   646  C CE1 . TYR B 1 24 ? -0.069  -12.321 15.817  1.00 17.68 ? 24  TYR B CE1 1 
ATOM   647  C CE2 . TYR B 1 24 ? -1.511  -10.690 16.840  1.00 18.31 ? 24  TYR B CE2 1 
ATOM   648  C CZ  . TYR B 1 24 ? -0.701  -11.819 16.937  1.00 18.13 ? 24  TYR B CZ  1 
ATOM   649  O OH  . TYR B 1 24 ? -0.480  -12.449 18.152  1.00 20.36 ? 24  TYR B OH  1 
ATOM   650  N N   . TYR B 1 25 ? -2.321  -12.575 11.681  1.00 16.01 ? 25  TYR B N   1 
ATOM   651  C CA  . TYR B 1 25 ? -2.463  -14.017 11.803  1.00 17.07 ? 25  TYR B CA  1 
ATOM   652  C C   . TYR B 1 25 ? -1.430  -14.592 12.766  1.00 18.00 ? 25  TYR B C   1 
ATOM   653  O O   . TYR B 1 25 ? -0.226  -14.340 12.627  1.00 17.61 ? 25  TYR B O   1 
ATOM   654  C CB  . TYR B 1 25 ? -2.338  -14.667 10.434  1.00 17.68 ? 25  TYR B CB  1 
ATOM   655  C CG  . TYR B 1 25 ? -2.600  -16.148 10.468  1.00 18.71 ? 25  TYR B CG  1 
ATOM   656  C CD1 . TYR B 1 25 ? -3.887  -16.634 10.681  1.00 19.22 ? 25  TYR B CD1 1 
ATOM   657  C CD2 . TYR B 1 25 ? -1.565  -17.060 10.279  1.00 19.26 ? 25  TYR B CD2 1 
ATOM   658  C CE1 . TYR B 1 25 ? -4.138  -18.005 10.717  1.00 20.46 ? 25  TYR B CE1 1 
ATOM   659  C CE2 . TYR B 1 25 ? -1.805  -18.442 10.322  1.00 19.38 ? 25  TYR B CE2 1 
ATOM   660  C CZ  . TYR B 1 25 ? -3.090  -18.901 10.533  1.00 20.50 ? 25  TYR B CZ  1 
ATOM   661  O OH  . TYR B 1 25 ? -3.339  -20.268 10.561  1.00 20.87 ? 25  TYR B OH  1 
ATOM   662  N N   . ASN B 1 26 ? -1.908  -15.360 13.746  1.00 18.51 ? 26  ASN B N   1 
ATOM   663  C CA  . ASN B 1 26 ? -1.042  -16.060 14.693  1.00 20.12 ? 26  ASN B CA  1 
ATOM   664  C C   . ASN B 1 26 ? -1.029  -17.556 14.373  1.00 21.17 ? 26  ASN B C   1 
ATOM   665  O O   . ASN B 1 26 ? -1.974  -18.257 14.724  1.00 21.40 ? 26  ASN B O   1 
ATOM   666  C CB  . ASN B 1 26 ? -1.550  -15.837 16.124  1.00 20.53 ? 26  ASN B CB  1 
ATOM   667  C CG  . ASN B 1 26 ? -0.602  -16.373 17.169  1.00 21.97 ? 26  ASN B CG  1 
ATOM   668  O OD1 . ASN B 1 26 ? -0.270  -17.566 17.181  1.00 24.70 ? 26  ASN B OD1 1 
ATOM   669  N ND2 . ASN B 1 26 ? -0.167  -15.500 18.068  1.00 22.79 ? 26  ASN B ND2 1 
ATOM   670  N N   . PRO B 1 27 ? 0.037   -18.049 13.701  1.00 22.18 ? 27  PRO B N   1 
ATOM   671  C CA  . PRO B 1 27 ? 0.021   -19.468 13.308  1.00 23.66 ? 27  PRO B CA  1 
ATOM   672  C C   . PRO B 1 27 ? -0.051  -20.477 14.470  1.00 24.92 ? 27  PRO B C   1 
ATOM   673  O O   . PRO B 1 27 ? -0.569  -21.586 14.272  1.00 25.26 ? 27  PRO B O   1 
ATOM   674  C CB  . PRO B 1 27 ? 1.328   -19.636 12.512  1.00 23.25 ? 27  PRO B CB  1 
ATOM   675  C CG  . PRO B 1 27 ? 1.714   -18.250 12.087  1.00 23.51 ? 27  PRO B CG  1 
ATOM   676  C CD  . PRO B 1 27 ? 1.255   -17.363 13.224  1.00 22.30 ? 27  PRO B CD  1 
ATOM   677  N N   . ASP B 1 28 ? 0.448   -20.110 15.653  1.00 26.10 ? 28  ASP B N   1 
ATOM   678  C CA  . ASP B 1 28 ? 0.383   -21.012 16.818  1.00 28.03 ? 28  ASP B CA  1 
ATOM   679  C C   . ASP B 1 28 ? -1.062  -21.237 17.246  1.00 28.34 ? 28  ASP B C   1 
ATOM   680  O O   . ASP B 1 28 ? -1.447  -22.345 17.653  1.00 28.49 ? 28  ASP B O   1 
ATOM   681  C CB  . ASP B 1 28 ? 1.167   -20.455 18.002  1.00 28.44 ? 28  ASP B CB  1 
ATOM   682  C CG  . ASP B 1 28 ? 2.647   -20.327 17.725  1.00 31.34 ? 28  ASP B CG  1 
ATOM   683  O OD1 . ASP B 1 28 ? 3.219   -19.292 18.128  1.00 35.53 ? 28  ASP B OD1 1 
ATOM   684  O OD2 . ASP B 1 28 ? 3.247   -21.247 17.118  1.00 33.82 ? 28  ASP B OD2 1 
ATOM   685  N N   . GLU B 1 29 ? -1.854  -20.171 17.162  1.00 28.61 ? 29  GLU B N   1 
ATOM   686  C CA  . GLU B 1 29 ? -3.265  -20.212 17.530  1.00 28.70 ? 29  GLU B CA  1 
ATOM   687  C C   . GLU B 1 29 ? -4.152  -20.622 16.359  1.00 28.45 ? 29  GLU B C   1 
ATOM   688  O O   . GLU B 1 29 ? -5.311  -20.990 16.556  1.00 28.49 ? 29  GLU B O   1 
ATOM   689  C CB  . GLU B 1 29 ? -3.709  -18.850 18.077  1.00 28.99 ? 29  GLU B CB  1 
ATOM   690  C CG  . GLU B 1 29 ? -3.001  -18.418 19.360  1.00 31.29 ? 29  GLU B CG  1 
ATOM   691  C CD  . GLU B 1 29 ? -3.509  -19.140 20.607  1.00 34.59 ? 29  GLU B CD  1 
ATOM   692  O OE1 . GLU B 1 29 ? -4.554  -19.829 20.530  1.00 36.90 ? 29  GLU B OE1 1 
ATOM   693  O OE2 . GLU B 1 29 ? -2.863  -19.006 21.670  1.00 36.03 ? 29  GLU B OE2 1 
ATOM   694  N N   . LYS B 1 30 ? -3.597  -20.573 15.146  1.00 27.85 ? 30  LYS B N   1 
ATOM   695  C CA  . LYS B 1 30 ? -4.341  -20.811 13.903  1.00 27.31 ? 30  LYS B CA  1 
ATOM   696  C C   . LYS B 1 30 ? -5.544  -19.866 13.743  1.00 26.37 ? 30  LYS B C   1 
ATOM   697  O O   . LYS B 1 30 ? -6.584  -20.236 13.177  1.00 25.95 ? 30  LYS B O   1 
ATOM   698  C CB  . LYS B 1 30 ? -4.752  -22.294 13.766  1.00 27.37 ? 30  LYS B CB  1 
ATOM   699  C CG  . LYS B 1 30 ? -3.577  -23.233 13.453  1.00 28.40 ? 30  LYS B CG  1 
ATOM   700  C CD  . LYS B 1 30 ? -4.050  -24.658 13.143  1.00 29.27 ? 30  LYS B CD  1 
ATOM   701  C CE  . LYS B 1 30 ? -4.726  -24.766 11.772  1.00 31.93 ? 30  LYS B CE  1 
ATOM   702  N NZ  . LYS B 1 30 ? -3.793  -24.526 10.621  1.00 34.61 ? 30  LYS B NZ  1 
ATOM   703  N N   . LYS B 1 31 ? -5.377  -18.634 14.226  1.00 25.07 ? 31  LYS B N   1 
ATOM   704  C CA  . LYS B 1 31 ? -6.418  -17.615 14.134  1.00 24.47 ? 31  LYS B CA  1 
ATOM   705  C C   . LYS B 1 31 ? -5.830  -16.208 14.054  1.00 23.02 ? 31  LYS B C   1 
ATOM   706  O O   . LYS B 1 31 ? -4.660  -15.980 14.407  1.00 21.82 ? 31  LYS B O   1 
ATOM   707  C CB  . LYS B 1 31 ? -7.389  -17.705 15.325  1.00 24.62 ? 31  LYS B CB  1 
ATOM   708  C CG  . LYS B 1 31 ? -6.716  -17.723 16.696  1.00 25.70 ? 31  LYS B CG  1 
ATOM   709  C CD  . LYS B 1 31 ? -7.693  -18.043 17.848  1.00 26.87 ? 31  LYS B CD  1 
ATOM   710  C CE  . LYS B 1 31 ? -8.108  -19.521 17.913  1.00 30.66 ? 31  LYS B CE  1 
ATOM   711  N NZ  . LYS B 1 31 ? -7.089  -20.410 18.567  1.00 32.83 ? 31  LYS B NZ  1 
ATOM   712  N N   . CYS B 1 32 ? -6.659  -15.279 13.587  1.00 21.36 ? 32  CYS B N   1 
ATOM   713  C CA  . CYS B 1 32 ? -6.316  -13.860 13.579  1.00 20.63 ? 32  CYS B CA  1 
ATOM   714  C C   . CYS B 1 32 ? -6.643  -13.188 14.915  1.00 20.27 ? 32  CYS B C   1 
ATOM   715  O O   . CYS B 1 32 ? -7.697  -13.436 15.519  1.00 20.65 ? 32  CYS B O   1 
ATOM   716  C CB  . CYS B 1 32 ? -7.002  -13.159 12.419  1.00 20.37 ? 32  CYS B CB  1 
ATOM   717  S SG  . CYS B 1 32 ? -6.336  -13.701 10.820  1.00 22.06 ? 32  CYS B SG  1 
ATOM   718  N N   . LEU B 1 33 ? -5.724  -12.335 15.364  1.00 19.30 ? 33  LEU B N   1 
ATOM   719  C CA  . LEU B 1 33 ? -5.796  -11.729 16.688  1.00 18.69 ? 33  LEU B CA  1 
ATOM   720  C C   . LEU B 1 33 ? -5.590  -10.237 16.556  1.00 18.56 ? 33  LEU B C   1 
ATOM   721  O O   . LEU B 1 33 ? -4.943  -9.774  15.606  1.00 17.96 ? 33  LEU B O   1 
ATOM   722  C CB  . LEU B 1 33 ? -4.731  -12.318 17.626  1.00 19.60 ? 33  LEU B CB  1 
ATOM   723  C CG  . LEU B 1 33 ? -4.838  -13.802 17.994  1.00 21.38 ? 33  LEU B CG  1 
ATOM   724  C CD1 . LEU B 1 33 ? -3.742  -14.166 18.977  1.00 23.72 ? 33  LEU B CD1 1 
ATOM   725  C CD2 . LEU B 1 33 ? -6.214  -14.119 18.575  1.00 24.12 ? 33  LEU B CD2 1 
ATOM   726  N N   . GLU B 1 34 ? -6.164  -9.496  17.494  1.00 17.98 ? 34  GLU B N   1 
ATOM   727  C CA  . GLU B 1 34 ? -6.063  -8.037  17.495  1.00 18.41 ? 34  GLU B CA  1 
ATOM   728  C C   . GLU B 1 34 ? -4.690  -7.570  17.913  1.00 17.32 ? 34  GLU B C   1 
ATOM   729  O O   . GLU B 1 34 ? -4.068  -8.157  18.802  1.00 17.94 ? 34  GLU B O   1 
ATOM   730  C CB  . GLU B 1 34 ? -7.094  -7.444  18.455  1.00 19.30 ? 34  GLU B CB  1 
ATOM   731  C CG  . GLU B 1 34 ? -8.385  -7.037  17.780  1.00 24.07 ? 34  GLU B CG  1 
ATOM   732  C CD  . GLU B 1 34 ? -8.526  -5.525  17.629  1.00 29.15 ? 34  GLU B CD  1 
ATOM   733  O OE1 . GLU B 1 34 ? -7.893  -4.916  16.730  1.00 28.51 ? 34  GLU B OE1 1 
ATOM   734  O OE2 . GLU B 1 34 ? -9.293  -4.938  18.417  1.00 32.06 ? 34  GLU B OE2 1 
ATOM   735  N N   . PHE B 1 35 ? -4.241  -6.496  17.269  1.00 15.62 ? 35  PHE B N   1 
ATOM   736  C CA  . PHE B 1 35 ? -3.111  -5.706  17.761  1.00 14.93 ? 35  PHE B CA  1 
ATOM   737  C C   . PHE B 1 35 ? -3.250  -4.246  17.333  1.00 14.76 ? 35  PHE B C   1 
ATOM   738  O O   . PHE B 1 35 ? -4.096  -3.924  16.516  1.00 14.86 ? 35  PHE B O   1 
ATOM   739  C CB  . PHE B 1 35 ? -1.766  -6.301  17.326  1.00 14.08 ? 35  PHE B CB  1 
ATOM   740  C CG  . PHE B 1 35 ? -1.354  -5.957  15.913  1.00 14.49 ? 35  PHE B CG  1 
ATOM   741  C CD1 . PHE B 1 35 ? -0.228  -5.169  15.692  1.00 13.81 ? 35  PHE B CD1 1 
ATOM   742  C CD2 . PHE B 1 35 ? -2.063  -6.432  14.813  1.00 13.88 ? 35  PHE B CD2 1 
ATOM   743  C CE1 . PHE B 1 35 ? 0.179   -4.847  14.384  1.00 12.66 ? 35  PHE B CE1 1 
ATOM   744  C CE2 . PHE B 1 35 ? -1.670  -6.127  13.515  1.00 13.07 ? 35  PHE B CE2 1 
ATOM   745  C CZ  . PHE B 1 35 ? -0.542  -5.324  13.301  1.00 13.20 ? 35  PHE B CZ  1 
ATOM   746  N N   . ILE B 1 36 ? -2.440  -3.370  17.921  1.00 13.87 ? 36  ILE B N   1 
ATOM   747  C CA  . ILE B 1 36 ? -2.428  -1.952  17.516  1.00 13.80 ? 36  ILE B CA  1 
ATOM   748  C C   . ILE B 1 36 ? -1.259  -1.728  16.571  1.00 13.21 ? 36  ILE B C   1 
ATOM   749  O O   . ILE B 1 36 ? -0.108  -2.031  16.916  1.00 13.43 ? 36  ILE B O   1 
ATOM   750  C CB  . ILE B 1 36 ? -2.277  -1.002  18.746  1.00 13.66 ? 36  ILE B CB  1 
ATOM   751  C CG1 . ILE B 1 36 ? -3.449  -1.166  19.728  1.00 16.18 ? 36  ILE B CG1 1 
ATOM   752  C CG2 . ILE B 1 36 ? -2.066  0.460   18.309  1.00 15.01 ? 36  ILE B CG2 1 
ATOM   753  C CD1 . ILE B 1 36 ? -4.833  -0.874  19.154  1.00 20.44 ? 36  ILE B CD1 1 
ATOM   754  N N   . TYR B 1 37 ? -1.546  -1.207  15.381  1.00 12.33 ? 37  TYR B N   1 
ATOM   755  C CA  . TYR B 1 37 ? -0.485  -0.752  14.473  1.00 12.19 ? 37  TYR B CA  1 
ATOM   756  C C   . TYR B 1 37 ? -0.248  0.740   14.734  1.00 12.28 ? 37  TYR B C   1 
ATOM   757  O O   . TYR B 1 37 ? -1.200  1.522   14.807  1.00 12.89 ? 37  TYR B O   1 
ATOM   758  C CB  . TYR B 1 37 ? -0.900  -0.958  13.029  1.00 12.52 ? 37  TYR B CB  1 
ATOM   759  C CG  . TYR B 1 37 ? 0.113   -0.524  12.006  1.00 12.39 ? 37  TYR B CG  1 
ATOM   760  C CD1 . TYR B 1 37 ? 1.438   -0.983  12.072  1.00 12.02 ? 37  TYR B CD1 1 
ATOM   761  C CD2 . TYR B 1 37 ? -0.246  0.336   10.972  1.00 12.47 ? 37  TYR B CD2 1 
ATOM   762  C CE1 . TYR B 1 37 ? 2.380   -0.602  11.104  1.00 12.32 ? 37  TYR B CE1 1 
ATOM   763  C CE2 . TYR B 1 37 ? 0.680   0.732   10.007  1.00 12.72 ? 37  TYR B CE2 1 
ATOM   764  C CZ  . TYR B 1 37 ? 1.986   0.253   10.075  1.00 12.16 ? 37  TYR B CZ  1 
ATOM   765  O OH  . TYR B 1 37 ? 2.866   0.659   9.096   1.00 11.87 ? 37  TYR B OH  1 
ATOM   766  N N   . GLY B 1 38 ? 1.014   1.126   14.889  1.00 12.09 ? 38  GLY B N   1 
ATOM   767  C CA  . GLY B 1 38 ? 1.362   2.515   15.240  1.00 11.51 ? 38  GLY B CA  1 
ATOM   768  C C   . GLY B 1 38 ? 1.403   3.504   14.079  1.00 11.01 ? 38  GLY B C   1 
ATOM   769  O O   . GLY B 1 38 ? 1.604   4.712   14.300  1.00 10.89 ? 38  GLY B O   1 
ATOM   770  N N   . GLY B 1 39 ? 1.218   3.003   12.851  1.00 10.82 ? 39  GLY B N   1 
ATOM   771  C CA  . GLY B 1 39 ? 1.030   3.841   11.661  1.00 11.06 ? 39  GLY B CA  1 
ATOM   772  C C   . GLY B 1 39 ? 2.160   3.795   10.647  1.00 10.97 ? 39  GLY B C   1 
ATOM   773  O O   . GLY B 1 39 ? 1.984   4.215   9.502   1.00 12.30 ? 39  GLY B O   1 
ATOM   774  N N   . CYS B 1 40 ? 3.330   3.307   11.063  1.00 11.03 ? 40  CYS B N   1 
ATOM   775  C CA  . CYS B 1 40 ? 4.458   3.207   10.136  1.00 10.51 ? 40  CYS B CA  1 
ATOM   776  C C   . CYS B 1 40 ? 5.280   1.945   10.370  1.00 10.52 ? 40  CYS B C   1 
ATOM   777  O O   . CYS B 1 40 ? 5.190   1.301   11.416  1.00 10.44 ? 40  CYS B O   1 
ATOM   778  C CB  . CYS B 1 40 ? 5.358   4.448   10.204  1.00 11.01 ? 40  CYS B CB  1 
ATOM   779  S SG  . CYS B 1 40 ? 6.401   4.494   11.693  1.00 12.72 ? 40  CYS B SG  1 
ATOM   780  N N   . GLU B 1 41 ? 6.087   1.604   9.367   1.00 10.63 ? 41  GLU B N   1 
ATOM   781  C CA  . GLU B 1 41 ? 6.924   0.419   9.410   1.00 10.72 ? 41  GLU B CA  1 
ATOM   782  C C   . GLU B 1 41 ? 6.076   -0.844  9.657   1.00 10.60 ? 41  GLU B C   1 
ATOM   783  O O   . GLU B 1 41 ? 4.969   -0.963  9.107   1.00 10.99 ? 41  GLU B O   1 
ATOM   784  C CB  . GLU B 1 41 ? 8.079   0.610   10.413  1.00 11.33 ? 41  GLU B CB  1 
ATOM   785  C CG  . GLU B 1 41 ? 8.947   1.840   10.079  1.00 12.70 ? 41  GLU B CG  1 
ATOM   786  C CD  . GLU B 1 41 ? 9.759   1.648   8.807   1.00 18.40 ? 41  GLU B CD  1 
ATOM   787  O OE1 . GLU B 1 41 ? 10.752  0.887   8.850   1.00 21.28 ? 41  GLU B OE1 1 
ATOM   788  O OE2 . GLU B 1 41 ? 9.437   2.256   7.764   1.00 19.86 ? 41  GLU B OE2 1 
ATOM   789  N N   . GLY B 1 42 ? 6.576   -1.768  10.481  1.00 10.02 ? 42  GLY B N   1 
ATOM   790  C CA  . GLY B 1 42 ? 5.895   -3.054  10.655  1.00 10.96 ? 42  GLY B CA  1 
ATOM   791  C C   . GLY B 1 42 ? 5.982   -3.907  9.400   1.00 11.46 ? 42  GLY B C   1 
ATOM   792  O O   . GLY B 1 42 ? 6.972   -3.848  8.648   1.00 11.99 ? 42  GLY B O   1 
ATOM   793  N N   . ASN B 1 43 ? 4.954   -4.728  9.181   1.00 11.35 ? 43  ASN B N   1 
ATOM   794  C CA  . ASN B 1 43 ? 5.001   -5.710  8.108   1.00 11.95 ? 43  ASN B CA  1 
ATOM   795  C C   . ASN B 1 43 ? 3.613   -6.011  7.591   1.00 12.03 ? 43  ASN B C   1 
ATOM   796  O O   . ASN B 1 43 ? 2.630   -5.468  8.086   1.00 12.57 ? 43  ASN B O   1 
ATOM   797  C CB  . ASN B 1 43 ? 5.732   -6.994  8.554   1.00 11.49 ? 43  ASN B CB  1 
ATOM   798  C CG  . ASN B 1 43 ? 5.033   -7.714  9.700   1.00 13.03 ? 43  ASN B CG  1 
ATOM   799  O OD1 . ASN B 1 43 ? 3.829   -7.976  9.637   1.00 12.84 ? 43  ASN B OD1 1 
ATOM   800  N ND2 . ASN B 1 43 ? 5.792   -8.067  10.726  1.00 12.63 ? 43  ASN B ND2 1 
ATOM   801  N N   . ALA B 1 44 ? 3.541   -6.889  6.602   1.00 12.62 ? 44  ALA B N   1 
ATOM   802  C CA  . ALA B 1 44 ? 2.308   -7.107  5.867   1.00 12.87 ? 44  ALA B CA  1 
ATOM   803  C C   . ALA B 1 44 ? 1.303   -7.998  6.611   1.00 13.01 ? 44  ALA B C   1 
ATOM   804  O O   . ALA B 1 44 ? 0.173   -8.200  6.132   1.00 13.38 ? 44  ALA B O   1 
ATOM   805  C CB  . ALA B 1 44 ? 2.628   -7.686  4.508   1.00 13.72 ? 44  ALA B CB  1 
ATOM   806  N N   . ASN B 1 45 ? 1.696   -8.535  7.762   1.00 13.09 ? 45  ASN B N   1 
ATOM   807  C CA  . ASN B 1 45 ? 0.769   -9.340  8.564   1.00 12.75 ? 45  ASN B CA  1 
ATOM   808  C C   . ASN B 1 45 ? -0.068  -8.372  9.400   1.00 12.79 ? 45  ASN B C   1 
ATOM   809  O O   . ASN B 1 45 ? 0.111   -8.263  10.611  1.00 13.57 ? 45  ASN B O   1 
ATOM   810  C CB  . ASN B 1 45 ? 1.511   -10.347 9.439   1.00 12.80 ? 45  ASN B CB  1 
ATOM   811  C CG  . ASN B 1 45 ? 0.581   -11.418 10.014  1.00 13.04 ? 45  ASN B CG  1 
ATOM   812  O OD1 . ASN B 1 45 ? -0.615  -11.456 9.693   1.00 13.46 ? 45  ASN B OD1 1 
ATOM   813  N ND2 . ASN B 1 45 ? 1.136   -12.309 10.817  1.00 13.73 ? 45  ASN B ND2 1 
ATOM   814  N N   . ASN B 1 46 ? -0.957  -7.668  8.707   1.00 13.21 ? 46  ASN B N   1 
ATOM   815  C CA  . ASN B 1 46 ? -1.515  -6.416  9.223   1.00 12.91 ? 46  ASN B CA  1 
ATOM   816  C C   . ASN B 1 46 ? -2.734  -6.076  8.409   1.00 13.50 ? 46  ASN B C   1 
ATOM   817  O O   . ASN B 1 46 ? -2.621  -5.665  7.260   1.00 13.42 ? 46  ASN B O   1 
ATOM   818  C CB  . ASN B 1 46 ? -0.444  -5.320  9.084   1.00 12.44 ? 46  ASN B CB  1 
ATOM   819  C CG  . ASN B 1 46 ? -0.864  -4.003  9.657   1.00 13.31 ? 46  ASN B CG  1 
ATOM   820  O OD1 . ASN B 1 46 ? -2.065  -3.682  9.712   1.00 14.07 ? 46  ASN B OD1 1 
ATOM   821  N ND2 . ASN B 1 46 ? 0.131   -3.198  10.078  1.00 14.14 ? 46  ASN B ND2 1 
ATOM   822  N N   . PHE B 1 47 ? -3.898  -6.320  9.005   1.00 14.69 ? 47  PHE B N   1 
ATOM   823  C CA  . PHE B 1 47 ? -5.168  -6.219  8.295   1.00 15.99 ? 47  PHE B CA  1 
ATOM   824  C C   . PHE B 1 47 ? -6.127  -5.344  9.071   1.00 16.46 ? 47  PHE B C   1 
ATOM   825  O O   . PHE B 1 47 ? -6.107  -5.319  10.297  1.00 15.96 ? 47  PHE B O   1 
ATOM   826  C CB  . PHE B 1 47 ? -5.792  -7.598  8.142   1.00 16.15 ? 47  PHE B CB  1 
ATOM   827  C CG  . PHE B 1 47 ? -4.925  -8.590  7.417   1.00 16.54 ? 47  PHE B CG  1 
ATOM   828  C CD1 . PHE B 1 47 ? -5.040  -8.755  6.038   1.00 18.92 ? 47  PHE B CD1 1 
ATOM   829  C CD2 . PHE B 1 47 ? -4.012  -9.368  8.112   1.00 15.93 ? 47  PHE B CD2 1 
ATOM   830  C CE1 . PHE B 1 47 ? -4.242  -9.685  5.363   1.00 18.48 ? 47  PHE B CE1 1 
ATOM   831  C CE2 . PHE B 1 47 ? -3.206  -10.304 7.444   1.00 16.84 ? 47  PHE B CE2 1 
ATOM   832  C CZ  . PHE B 1 47 ? -3.325  -10.447 6.065   1.00 16.87 ? 47  PHE B CZ  1 
ATOM   833  N N   . ILE B 1 48 ? -6.970  -4.638  8.338   1.00 17.78 ? 48  ILE B N   1 
ATOM   834  C CA  . ILE B 1 48 ? -7.968  -3.769  8.946   1.00 20.12 ? 48  ILE B CA  1 
ATOM   835  C C   . ILE B 1 48 ? -9.115  -4.573  9.557   1.00 20.53 ? 48  ILE B C   1 
ATOM   836  O O   . ILE B 1 48 ? -9.687  -4.168  10.582  1.00 22.08 ? 48  ILE B O   1 
ATOM   837  C CB  . ILE B 1 48 ? -8.480  -2.735  7.915   1.00 19.86 ? 48  ILE B CB  1 
ATOM   838  C CG1 . ILE B 1 48 ? -7.366  -1.711  7.658   1.00 21.68 ? 48  ILE B CG1 1 
ATOM   839  C CG2 . ILE B 1 48 ? -9.763  -2.047  8.429   1.00 22.00 ? 48  ILE B CG2 1 
ATOM   840  C CD1 . ILE B 1 48 ? -7.596  -0.782  6.464   1.00 21.47 ? 48  ILE B CD1 1 
ATOM   841  N N   . THR B 1 49 ? -9.464  -5.696  8.933   1.00 20.72 ? 49  THR B N   1 
ATOM   842  C CA  . THR B 1 49 ? -10.541 -6.549  9.458   1.00 21.15 ? 49  THR B CA  1 
ATOM   843  C C   . THR B 1 49 ? -10.070 -7.963  9.754   1.00 21.06 ? 49  THR B C   1 
ATOM   844  O O   . THR B 1 49 ? -9.194  -8.497  9.056   1.00 20.50 ? 49  THR B O   1 
ATOM   845  C CB  . THR B 1 49 ? -11.769 -6.631  8.501   1.00 21.50 ? 49  THR B CB  1 
ATOM   846  O OG1 . THR B 1 49 ? -11.357 -7.146  7.232   1.00 23.23 ? 49  THR B OG1 1 
ATOM   847  C CG2 . THR B 1 49 ? -12.406 -5.254  8.303   1.00 21.82 ? 49  THR B CG2 1 
ATOM   848  N N   . LYS B 1 50 ? -10.671 -8.570  10.774  1.00 20.75 ? 50  LYS B N   1 
ATOM   849  C CA  . LYS B 1 50 ? -10.424 -9.965  11.098  1.00 20.95 ? 50  LYS B CA  1 
ATOM   850  C C   . LYS B 1 50 ? -10.775 -10.862 9.917   1.00 21.84 ? 50  LYS B C   1 
ATOM   851  O O   . LYS B 1 50 ? -10.029 -11.783 9.600   1.00 21.14 ? 50  LYS B O   1 
ATOM   852  C CB  . LYS B 1 50 ? -11.197 -10.406 12.343  1.00 21.49 ? 50  LYS B CB  1 
ATOM   853  C CG  . LYS B 1 50 ? -10.826 -11.794 12.799  1.00 21.07 ? 50  LYS B CG  1 
ATOM   854  C CD  . LYS B 1 50 ? -11.579 -12.205 14.051  1.00 23.76 ? 50  LYS B CD  1 
ATOM   855  C CE  . LYS B 1 50 ? -11.004 -13.487 14.635  1.00 27.84 ? 50  LYS B CE  1 
ATOM   856  N NZ  . LYS B 1 50 ? -11.689 -13.826 15.921  1.00 31.83 ? 50  LYS B NZ  1 
ATOM   857  N N   . GLU B 1 51 ? -11.893 -10.569 9.255   1.00 22.48 ? 51  GLU B N   1 
ATOM   858  C CA  . GLU B 1 51 ? -12.321 -11.391 8.132   1.00 23.75 ? 51  GLU B CA  1 
ATOM   859  C C   . GLU B 1 51 ? -11.304 -11.421 6.978   1.00 23.33 ? 51  GLU B C   1 
ATOM   860  O O   . GLU B 1 51 ? -11.054 -12.499 6.423   1.00 23.45 ? 51  GLU B O   1 
ATOM   861  C CB  . GLU B 1 51 ? -13.739 -11.022 7.661   1.00 24.68 ? 51  GLU B CB  1 
ATOM   862  C CG  . GLU B 1 51 ? -13.905 -9.652  7.035   1.00 28.85 ? 51  GLU B CG  1 
ATOM   863  C CD  . GLU B 1 51 ? -15.165 -9.555  6.191   1.00 33.27 ? 51  GLU B CD  1 
ATOM   864  O OE1 . GLU B 1 51 ? -15.837 -10.596 6.002   1.00 36.10 ? 51  GLU B OE1 1 
ATOM   865  O OE2 . GLU B 1 51 ? -15.482 -8.440  5.715   1.00 36.44 ? 51  GLU B OE2 1 
ATOM   866  N N   . GLU B 1 52 ? -10.699 -10.273 6.655   1.00 22.70 ? 52  GLU B N   1 
ATOM   867  C CA  . GLU B 1 52 ? -9.674  -10.226 5.598   1.00 23.55 ? 52  GLU B CA  1 
ATOM   868  C C   . GLU B 1 52 ? -8.425  -11.009 6.006   1.00 22.51 ? 52  GLU B C   1 
ATOM   869  O O   . GLU B 1 52 ? -7.858  -11.770 5.208   1.00 22.51 ? 52  GLU B O   1 
ATOM   870  C CB  . GLU B 1 52 ? -9.301  -8.796  5.191   1.00 23.35 ? 52  GLU B CB  1 
ATOM   871  C CG  . GLU B 1 52 ? -8.307  -8.807  4.028   1.00 25.48 ? 52  GLU B CG  1 
ATOM   872  C CD  . GLU B 1 52 ? -7.919  -7.443  3.471   1.00 26.14 ? 52  GLU B CD  1 
ATOM   873  O OE1 . GLU B 1 52 ? -8.117  -6.398  4.134   1.00 30.58 ? 52  GLU B OE1 1 
ATOM   874  O OE2 . GLU B 1 52 ? -7.385  -7.430  2.338   1.00 30.43 ? 52  GLU B OE2 1 
ATOM   875  N N   . CYS B 1 53 ? -8.011  -10.837 7.253   1.00 21.33 ? 53  CYS B N   1 
ATOM   876  C CA  . CYS B 1 53 ? -6.899  -11.603 7.792   1.00 21.20 ? 53  CYS B CA  1 
ATOM   877  C C   . CYS B 1 53 ? -7.153  -13.113 7.692   1.00 21.84 ? 53  CYS B C   1 
ATOM   878  O O   . CYS B 1 53 ? -6.279  -13.875 7.260   1.00 21.34 ? 53  CYS B O   1 
ATOM   879  C CB  . CYS B 1 53 ? -6.629  -11.168 9.239   1.00 21.12 ? 53  CYS B CB  1 
ATOM   880  S SG  . CYS B 1 53 ? -5.337  -12.060 10.120  1.00 19.40 ? 53  CYS B SG  1 
ATOM   881  N N   . GLU B 1 54 ? -8.361  -13.538 8.066   1.00 22.56 ? 54  GLU B N   1 
ATOM   882  C CA  . GLU B 1 54 ? -8.727  -14.956 8.009   1.00 23.62 ? 54  GLU B CA  1 
ATOM   883  C C   . GLU B 1 54 ? -8.778  -15.464 6.565   1.00 23.77 ? 54  GLU B C   1 
ATOM   884  O O   . GLU B 1 54 ? -8.315  -16.565 6.285   1.00 24.18 ? 54  GLU B O   1 
ATOM   885  C CB  . GLU B 1 54 ? -10.051 -15.220 8.746   1.00 24.01 ? 54  GLU B CB  1 
ATOM   886  C CG  . GLU B 1 54 ? -10.008 -14.921 10.250  1.00 25.08 ? 54  GLU B CG  1 
ATOM   887  C CD  . GLU B 1 54 ? -9.333  -15.996 11.100  1.00 28.46 ? 54  GLU B CD  1 
ATOM   888  O OE1 . GLU B 1 54 ? -8.957  -17.066 10.564  1.00 31.33 ? 54  GLU B OE1 1 
ATOM   889  O OE2 . GLU B 1 54 ? -9.200  -15.789 12.328  1.00 28.21 ? 54  GLU B OE2 1 
ATOM   890  N N   . SER B 1 55 ? -9.311  -14.645 5.659   1.00 24.29 ? 55  SER B N   1 
ATOM   891  C CA  . SER B 1 55 ? -9.441  -15.000 4.239   1.00 24.92 ? 55  SER B CA  1 
ATOM   892  C C   . SER B 1 55 ? -8.074  -15.231 3.617   1.00 25.03 ? 55  SER B C   1 
ATOM   893  O O   . SER B 1 55 ? -7.864  -16.178 2.847   1.00 25.28 ? 55  SER B O   1 
ATOM   894  C CB  . SER B 1 55 ? -10.148 -13.882 3.482   1.00 25.15 ? 55  SER B CB  1 
ATOM   895  O OG  . SER B 1 55 ? -10.299 -14.179 2.102   1.00 27.15 ? 55  SER B OG  1 
ATOM   896  N N   . THR B 1 56 ? -7.144  -14.353 3.970   1.00 24.15 ? 56  THR B N   1 
ATOM   897  C CA  . THR B 1 56 ? -5.802  -14.379 3.399   1.00 23.55 ? 56  THR B CA  1 
ATOM   898  C C   . THR B 1 56 ? -4.902  -15.432 4.054   1.00 23.43 ? 56  THR B C   1 
ATOM   899  O O   . THR B 1 56 ? -4.157  -16.125 3.354   1.00 23.10 ? 56  THR B O   1 
ATOM   900  C CB  . THR B 1 56 ? -5.147  -12.974 3.488   1.00 23.70 ? 56  THR B CB  1 
ATOM   901  O OG1 . THR B 1 56 ? -5.940  -12.028 2.756   1.00 24.18 ? 56  THR B OG1 1 
ATOM   902  C CG2 . THR B 1 56 ? -3.732  -12.974 2.925   1.00 23.11 ? 56  THR B CG2 1 
ATOM   903  N N   . CYS B 1 57 ? -4.965  -15.560 5.378   1.00 23.47 ? 57  CYS B N   1 
ATOM   904  C CA  . CYS B 1 57 ? -3.946  -16.311 6.121   1.00 23.23 ? 57  CYS B CA  1 
ATOM   905  C C   . CYS B 1 57 ? -4.362  -17.623 6.783   1.00 24.79 ? 57  CYS B C   1 
ATOM   906  O O   . CYS B 1 57 ? -3.513  -18.470 7.066   1.00 25.06 ? 57  CYS B O   1 
ATOM   907  C CB  . CYS B 1 57 ? -3.300  -15.409 7.181   1.00 23.02 ? 57  CYS B CB  1 
ATOM   908  S SG  . CYS B 1 57 ? -2.193  -14.144 6.531   1.00 18.47 ? 57  CYS B SG  1 
ATOM   909  N N   . ALA B 1 58 ? -5.650  -17.792 7.077   1.00 26.48 ? 58  ALA B N   1 
ATOM   910  C CA  . ALA B 1 58 ? -6.086  -19.021 7.728   1.00 28.23 ? 58  ALA B CA  1 
ATOM   911  C C   . ALA B 1 58 ? -6.203  -20.125 6.680   1.00 29.43 ? 58  ALA B C   1 
ATOM   912  O O   . ALA B 1 58 ? -6.462  -19.843 5.506   1.00 29.79 ? 58  ALA B O   1 
ATOM   913  C CB  . ALA B 1 58 ? -7.403  -18.810 8.470   1.00 28.18 ? 58  ALA B CB  1 
ATOM   914  N N   . ALA B 1 59 ? -5.978  -21.371 7.101   1.00 31.26 ? 59  ALA B N   1 
ATOM   915  C CA  . ALA B 1 59 ? -6.054  -22.525 6.193   1.00 32.42 ? 59  ALA B CA  1 
ATOM   916  C C   . ALA B 1 59 ? -7.478  -22.784 5.702   1.00 33.00 ? 59  ALA B C   1 
ATOM   917  O O   . ALA B 1 59 ? -8.447  -22.254 6.255   1.00 34.10 ? 59  ALA B O   1 
ATOM   918  C CB  . ALA B 1 59 ? -5.475  -23.778 6.859   1.00 32.76 ? 59  ALA B CB  1 
ATOM   919  N N   . LYS C 1 1  ? -2.331  -19.249 -3.106  1.00 30.96 ? 1   LYS C N   1 
ATOM   920  C CA  . LYS C 1 1  ? -2.144  -17.851 -3.588  1.00 30.46 ? 1   LYS C CA  1 
ATOM   921  C C   . LYS C 1 1  ? -1.845  -17.830 -5.091  1.00 30.31 ? 1   LYS C C   1 
ATOM   922  O O   . LYS C 1 1  ? -1.294  -18.800 -5.638  1.00 31.10 ? 1   LYS C O   1 
ATOM   923  C CB  . LYS C 1 1  ? -1.054  -17.136 -2.778  1.00 30.64 ? 1   LYS C CB  1 
ATOM   924  C CG  . LYS C 1 1  ? 0.361   -17.653 -3.003  1.00 29.65 ? 1   LYS C CG  1 
ATOM   925  C CD  . LYS C 1 1  ? 1.344   -16.962 -2.082  1.00 29.59 ? 1   LYS C CD  1 
ATOM   926  C CE  . LYS C 1 1  ? 2.748   -17.087 -2.632  1.00 27.21 ? 1   LYS C CE  1 
ATOM   927  N NZ  . LYS C 1 1  ? 3.738   -16.424 -1.747  1.00 23.18 ? 1   LYS C NZ  1 
ATOM   928  N N   . ASP C 1 2  ? -2.206  -16.722 -5.742  1.00 29.52 ? 2   ASP C N   1 
ATOM   929  C CA  . ASP C 1 2  ? -2.156  -16.593 -7.205  1.00 28.35 ? 2   ASP C CA  1 
ATOM   930  C C   . ASP C 1 2  ? -0.968  -15.764 -7.725  1.00 26.72 ? 2   ASP C C   1 
ATOM   931  O O   . ASP C 1 2  ? -0.815  -15.570 -8.943  1.00 26.59 ? 2   ASP C O   1 
ATOM   932  C CB  . ASP C 1 2  ? -3.464  -15.963 -7.709  1.00 29.06 ? 2   ASP C CB  1 
ATOM   933  C CG  . ASP C 1 2  ? -4.703  -16.713 -7.241  1.00 31.63 ? 2   ASP C CG  1 
ATOM   934  O OD1 . ASP C 1 2  ? -5.758  -16.064 -7.076  1.00 34.50 ? 2   ASP C OD1 1 
ATOM   935  O OD2 . ASP C 1 2  ? -4.627  -17.942 -7.033  1.00 34.20 ? 2   ASP C OD2 1 
ATOM   936  N N   . ARG C 1 3  ? -0.134  -15.283 -6.804  1.00 24.34 ? 3   ARG C N   1 
ATOM   937  C CA  . ARG C 1 3  ? 0.931   -14.328 -7.137  1.00 22.08 ? 3   ARG C CA  1 
ATOM   938  C C   . ARG C 1 3  ? 1.919   -14.199 -5.982  1.00 20.08 ? 3   ARG C C   1 
ATOM   939  O O   . ARG C 1 3  ? 1.582   -14.519 -4.843  1.00 19.69 ? 3   ARG C O   1 
ATOM   940  C CB  . ARG C 1 3  ? 0.316   -12.956 -7.459  1.00 21.92 ? 3   ARG C CB  1 
ATOM   941  C CG  . ARG C 1 3  ? -0.465  -12.317 -6.309  1.00 21.51 ? 3   ARG C CG  1 
ATOM   942  C CD  . ARG C 1 3  ? -1.258  -11.082 -6.743  1.00 22.67 ? 3   ARG C CD  1 
ATOM   943  N NE  . ARG C 1 3  ? -2.180  -11.372 -7.844  1.00 24.66 ? 3   ARG C NE  1 
ATOM   944  C CZ  . ARG C 1 3  ? -3.359  -11.980 -7.713  1.00 28.05 ? 3   ARG C CZ  1 
ATOM   945  N NH1 . ARG C 1 3  ? -3.799  -12.361 -6.521  1.00 29.34 ? 3   ARG C NH1 1 
ATOM   946  N NH2 . ARG C 1 3  ? -4.101  -12.209 -8.788  1.00 29.72 ? 3   ARG C NH2 1 
ATOM   947  N N   . PRO C 1 4  ? 3.159   -13.739 -6.273  1.00 18.26 ? 4   PRO C N   1 
ATOM   948  C CA  . PRO C 1 4  ? 4.100   -13.514 -5.178  1.00 17.29 ? 4   PRO C CA  1 
ATOM   949  C C   . PRO C 1 4  ? 3.650   -12.385 -4.252  1.00 16.48 ? 4   PRO C C   1 
ATOM   950  O O   . PRO C 1 4  ? 2.983   -11.438 -4.705  1.00 16.08 ? 4   PRO C O   1 
ATOM   951  C CB  . PRO C 1 4  ? 5.403   -13.144 -5.894  1.00 17.74 ? 4   PRO C CB  1 
ATOM   952  C CG  . PRO C 1 4  ? 5.017   -12.730 -7.248  1.00 18.33 ? 4   PRO C CG  1 
ATOM   953  C CD  . PRO C 1 4  ? 3.747   -13.452 -7.595  1.00 18.37 ? 4   PRO C CD  1 
ATOM   954  N N   . ASP C 1 5  ? 4.039   -12.486 -2.980  1.00 15.92 ? 5   ASP C N   1 
ATOM   955  C CA  . ASP C 1 5  ? 3.621   -11.526 -1.949  1.00 15.83 ? 5   ASP C CA  1 
ATOM   956  C C   . ASP C 1 5  ? 3.977   -10.095 -2.328  1.00 15.20 ? 5   ASP C C   1 
ATOM   957  O O   . ASP C 1 5  ? 3.242   -9.171  -1.977  1.00 15.58 ? 5   ASP C O   1 
ATOM   958  C CB  . ASP C 1 5  ? 4.269   -11.838 -0.594  1.00 15.93 ? 5   ASP C CB  1 
ATOM   959  C CG  . ASP C 1 5  ? 3.825   -13.165 0.000   1.00 16.69 ? 5   ASP C CG  1 
ATOM   960  O OD1 . ASP C 1 5  ? 3.014   -13.887 -0.608  1.00 17.24 ? 5   ASP C OD1 1 
ATOM   961  O OD2 . ASP C 1 5  ? 4.283   -13.455 1.120   1.00 19.21 ? 5   ASP C OD2 1 
ATOM   962  N N   . PHE C 1 6  ? 5.093   -9.887  -3.036  1.00 14.97 ? 6   PHE C N   1 
ATOM   963  C CA  . PHE C 1 6  ? 5.482   -8.499  -3.358  1.00 14.27 ? 6   PHE C CA  1 
ATOM   964  C C   . PHE C 1 6  ? 4.472   -7.766  -4.242  1.00 14.07 ? 6   PHE C C   1 
ATOM   965  O O   . PHE C 1 6  ? 4.431   -6.537  -4.258  1.00 13.88 ? 6   PHE C O   1 
ATOM   966  C CB  . PHE C 1 6  ? 6.924   -8.363  -3.887  1.00 14.51 ? 6   PHE C CB  1 
ATOM   967  C CG  . PHE C 1 6  ? 7.190   -9.068  -5.210  1.00 14.24 ? 6   PHE C CG  1 
ATOM   968  C CD1 . PHE C 1 6  ? 6.839   -8.473  -6.425  1.00 15.92 ? 6   PHE C CD1 1 
ATOM   969  C CD2 . PHE C 1 6  ? 7.843   -10.300 -5.232  1.00 14.40 ? 6   PHE C CD2 1 
ATOM   970  C CE1 . PHE C 1 6  ? 7.117   -9.105  -7.631  1.00 14.78 ? 6   PHE C CE1 1 
ATOM   971  C CE2 . PHE C 1 6  ? 8.128   -10.941 -6.455  1.00 14.46 ? 6   PHE C CE2 1 
ATOM   972  C CZ  . PHE C 1 6  ? 7.766   -10.344 -7.640  1.00 14.44 ? 6   PHE C CZ  1 
ATOM   973  N N   . CYS C 1 7  ? 3.608   -8.526  -4.925  1.00 14.01 ? 7   CYS C N   1 
ATOM   974  C CA  . CYS C 1 7  ? 2.556   -7.937  -5.755  1.00 14.78 ? 7   CYS C CA  1 
ATOM   975  C C   . CYS C 1 7  ? 1.540   -7.173  -4.910  1.00 14.80 ? 7   CYS C C   1 
ATOM   976  O O   . CYS C 1 7  ? 0.803   -6.349  -5.439  1.00 14.78 ? 7   CYS C O   1 
ATOM   977  C CB  . CYS C 1 7  ? 1.828   -9.022  -6.552  1.00 14.67 ? 7   CYS C CB  1 
ATOM   978  S SG  . CYS C 1 7  ? 2.863   -9.819  -7.795  1.00 16.75 ? 7   CYS C SG  1 
ATOM   979  N N   . GLU C 1 8  ? 1.514   -7.462  -3.609  1.00 14.19 ? 8   GLU C N   1 
ATOM   980  C CA  . GLU C 1 8  ? 0.559   -6.846  -2.685  1.00 15.52 ? 8   GLU C CA  1 
ATOM   981  C C   . GLU C 1 8  ? 1.104   -5.575  -2.028  1.00 15.26 ? 8   GLU C C   1 
ATOM   982  O O   . GLU C 1 8  ? 0.397   -4.892  -1.278  1.00 16.03 ? 8   GLU C O   1 
ATOM   983  C CB  . GLU C 1 8  ? 0.142   -7.833  -1.592  1.00 16.41 ? 8   GLU C CB  1 
ATOM   984  C CG  . GLU C 1 8  ? -0.522  -9.107  -2.099  1.00 18.82 ? 8   GLU C CG  1 
ATOM   985  C CD  . GLU C 1 8  ? -1.676  -9.536  -1.210  1.00 24.44 ? 8   GLU C CD  1 
ATOM   986  O OE1 . GLU C 1 8  ? -2.460  -10.406 -1.649  1.00 27.84 ? 8   GLU C OE1 1 
ATOM   987  O OE2 . GLU C 1 8  ? -1.811  -8.991  -0.079  1.00 25.91 ? 8   GLU C OE2 1 
ATOM   988  N N   . LEU C 1 9  ? 2.377   -5.281  -2.253  1.00 14.44 ? 9   LEU C N   1 
ATOM   989  C CA  . LEU C 1 9  ? 2.952   -4.080  -1.654  1.00 13.86 ? 9   LEU C CA  1 
ATOM   990  C C   . LEU C 1 9  ? 2.357   -2.822  -2.269  1.00 13.69 ? 9   LEU C C   1 
ATOM   991  O O   . LEU C 1 9  ? 2.247   -2.718  -3.484  1.00 13.56 ? 9   LEU C O   1 
ATOM   992  C CB  . LEU C 1 9  ? 4.466   -4.063  -1.830  1.00 14.04 ? 9   LEU C CB  1 
ATOM   993  C CG  . LEU C 1 9  ? 5.224   -5.211  -1.167  1.00 14.68 ? 9   LEU C CG  1 
ATOM   994  C CD1 . LEU C 1 9  ? 6.676   -5.176  -1.625  1.00 15.56 ? 9   LEU C CD1 1 
ATOM   995  C CD2 . LEU C 1 9  ? 5.110   -5.172  0.352   1.00 17.16 ? 9   LEU C CD2 1 
ATOM   996  N N   . PRO C 1 10 ? 1.983   -1.844  -1.428  1.00 14.16 ? 10  PRO C N   1 
ATOM   997  C CA  . PRO C 1 10 ? 1.545   -0.565  -2.005  1.00 13.92 ? 10  PRO C CA  1 
ATOM   998  C C   . PRO C 1 10 ? 2.635   0.104   -2.868  1.00 13.44 ? 10  PRO C C   1 
ATOM   999  O O   . PRO C 1 10 ? 3.823   -0.106  -2.622  1.00 13.40 ? 10  PRO C O   1 
ATOM   1000 C CB  . PRO C 1 10 ? 1.256   0.291   -0.765  1.00 14.73 ? 10  PRO C CB  1 
ATOM   1001 C CG  . PRO C 1 10 ? 0.927   -0.722  0.318   1.00 15.15 ? 10  PRO C CG  1 
ATOM   1002 C CD  . PRO C 1 10 ? 1.891   -1.851  0.047   1.00 15.05 ? 10  PRO C CD  1 
ATOM   1003 N N   . ALA C 1 11 ? 2.241   0.896   -3.865  1.00 13.10 ? 11  ALA C N   1 
ATOM   1004 C CA  . ALA C 1 11 ? 3.205   1.621   -4.710  1.00 12.28 ? 11  ALA C CA  1 
ATOM   1005 C C   . ALA C 1 11 ? 4.176   2.432   -3.869  1.00 12.21 ? 11  ALA C C   1 
ATOM   1006 O O   . ALA C 1 11 ? 3.765   3.109   -2.923  1.00 11.92 ? 11  ALA C O   1 
ATOM   1007 C CB  . ALA C 1 11 ? 2.476   2.568   -5.650  1.00 13.13 ? 11  ALA C CB  1 
ATOM   1008 N N   . ASP C 1 12 ? 5.460   2.384   -4.235  1.00 12.18 ? 12  ASP C N   1 
ATOM   1009 C CA  . ASP C 1 12 ? 6.494   3.169   -3.543  1.00 11.98 ? 12  ASP C CA  1 
ATOM   1010 C C   . ASP C 1 12 ? 7.263   3.891   -4.630  1.00 11.88 ? 12  ASP C C   1 
ATOM   1011 O O   . ASP C 1 12 ? 7.851   3.252   -5.504  1.00 12.36 ? 12  ASP C O   1 
ATOM   1012 C CB  . ASP C 1 12 ? 7.415   2.216   -2.766  1.00 12.27 ? 12  ASP C CB  1 
ATOM   1013 C CG  . ASP C 1 12 ? 8.388   2.934   -1.849  1.00 14.25 ? 12  ASP C CG  1 
ATOM   1014 O OD1 . ASP C 1 12 ? 8.933   3.990   -2.226  1.00 12.37 ? 12  ASP C OD1 1 
ATOM   1015 O OD2 . ASP C 1 12 ? 8.619   2.439   -0.719  1.00 17.45 ? 12  ASP C OD2 1 
ATOM   1016 N N   . THR C 1 13 ? 7.252   5.217   -4.612  1.00 11.44 ? 13  THR C N   1 
ATOM   1017 C CA  . THR C 1 13 ? 7.920   5.946   -5.698  1.00 10.67 ? 13  THR C CA  1 
ATOM   1018 C C   . THR C 1 13 ? 9.429   6.028   -5.502  1.00 10.56 ? 13  THR C C   1 
ATOM   1019 O O   . THR C 1 13 ? 10.154  6.508   -6.374  1.00 10.28 ? 13  THR C O   1 
ATOM   1020 C CB  . THR C 1 13 ? 7.362   7.381   -5.882  1.00 11.28 ? 13  THR C CB  1 
ATOM   1021 O OG1 . THR C 1 13 ? 7.756   8.203   -4.767  1.00 11.46 ? 13  THR C OG1 1 
ATOM   1022 C CG2 . THR C 1 13 ? 5.844   7.350   -6.012  1.00 13.47 ? 13  THR C CG2 1 
ATOM   1023 N N   . GLY C 1 14 ? 9.886   5.591   -4.336  1.00 9.50  ? 14  GLY C N   1 
ATOM   1024 C CA  . GLY C 1 14 ? 11.280  5.793   -3.920  1.00 10.63 ? 14  GLY C CA  1 
ATOM   1025 C C   . GLY C 1 14 ? 11.545  7.255   -3.608  1.00 10.66 ? 14  GLY C C   1 
ATOM   1026 O O   . GLY C 1 14 ? 10.646  8.117   -3.732  1.00 11.61 ? 14  GLY C O   1 
ATOM   1027 N N   . PRO C 1 15 ? 12.786  7.562   -3.197  1.00 11.40 ? 15  PRO C N   1 
ATOM   1028 C CA  . PRO C 1 15 ? 13.154  8.902   -2.736  1.00 11.60 ? 15  PRO C CA  1 
ATOM   1029 C C   . PRO C 1 15 ? 13.588  9.912   -3.797  1.00 11.37 ? 15  PRO C C   1 
ATOM   1030 O O   . PRO C 1 15 ? 13.761  11.099  -3.462  1.00 12.55 ? 15  PRO C O   1 
ATOM   1031 C CB  . PRO C 1 15 ? 14.323  8.621   -1.790  1.00 11.29 ? 15  PRO C CB  1 
ATOM   1032 C CG  . PRO C 1 15 ? 15.007  7.429   -2.429  1.00 12.31 ? 15  PRO C CG  1 
ATOM   1033 C CD  . PRO C 1 15 ? 13.883  6.589   -3.037  1.00 11.87 ? 15  PRO C CD  1 
ATOM   1034 N N   . CYS C 1 16 ? 13.774  9.463   -5.045  1.00 11.55 ? 16  CYS C N   1 
ATOM   1035 C CA  . CYS C 1 16 ? 14.130  10.389  -6.121  1.00 11.71 ? 16  CYS C CA  1 
ATOM   1036 C C   . CYS C 1 16 ? 12.861  11.074  -6.639  1.00 11.64 ? 16  CYS C C   1 
ATOM   1037 O O   . CYS C 1 16 ? 11.777  10.514  -6.517  1.00 12.82 ? 16  CYS C O   1 
ATOM   1038 C CB  . CYS C 1 16 ? 14.874  9.660   -7.247  1.00 11.28 ? 16  CYS C CB  1 
ATOM   1039 S SG  . CYS C 1 16 ? 16.522  9.080   -6.661  1.00 14.88 ? 16  CYS C SG  1 
ATOM   1040 N N   . ARG C 1 17 ? 13.009  12.273  -7.198  1.00 12.14 ? 17  ARG C N   1 
ATOM   1041 C CA  . ARG C 1 17 ? 11.859  13.041  -7.697  1.00 12.04 ? 17  ARG C CA  1 
ATOM   1042 C C   . ARG C 1 17 ? 11.022  12.220  -8.691  1.00 12.20 ? 17  ARG C C   1 
ATOM   1043 O O   . ARG C 1 17 ? 11.559  11.575  -9.586  1.00 11.88 ? 17  ARG C O   1 
ATOM   1044 C CB  . ARG C 1 17 ? 12.326  14.379  -8.290  1.00 13.72 ? 17  ARG C CB  1 
ATOM   1045 C CG  . ARG C 1 17 ? 11.227  15.152  -8.998  1.00 13.75 ? 17  ARG C CG  1 
ATOM   1046 C CD  . ARG C 1 17 ? 11.659  16.574  -9.312  1.00 17.61 ? 17  ARG C CD  1 
ATOM   1047 N NE  . ARG C 1 17 ? 11.066  17.070  -10.547 1.00 21.87 ? 17  ARG C NE  1 
ATOM   1048 C CZ  . ARG C 1 17 ? 11.480  18.163  -11.190 1.00 24.27 ? 17  ARG C CZ  1 
ATOM   1049 N NH1 . ARG C 1 17 ? 12.491  18.881  -10.705 1.00 24.93 ? 17  ARG C NH1 1 
ATOM   1050 N NH2 . ARG C 1 17 ? 10.903  18.549  -12.317 1.00 25.18 ? 17  ARG C NH2 1 
ATOM   1051 N N   . VAL C 1 18 ? 9.701   12.239  -8.525  1.00 12.33 ? 18  VAL C N   1 
ATOM   1052 C CA  . VAL C 1 18 ? 8.862   11.374  -9.364  1.00 12.99 ? 18  VAL C CA  1 
ATOM   1053 C C   . VAL C 1 18 ? 8.864   11.849  -10.832 1.00 13.50 ? 18  VAL C C   1 
ATOM   1054 O O   . VAL C 1 18 ? 8.383   12.935  -11.144 1.00 13.89 ? 18  VAL C O   1 
ATOM   1055 C CB  . VAL C 1 18 ? 7.425   11.190  -8.780  1.00 12.63 ? 18  VAL C CB  1 
ATOM   1056 C CG1 . VAL C 1 18 ? 7.498   10.516  -7.430  1.00 13.39 ? 18  VAL C CG1 1 
ATOM   1057 C CG2 . VAL C 1 18 ? 6.658   12.518  -8.687  1.00 14.39 ? 18  VAL C CG2 1 
ATOM   1058 N N   . ARG C 1 19 ? 9.427   11.024  -11.720 1.00 13.92 ? 19  ARG C N   1 
ATOM   1059 C CA  . ARG C 1 19 ? 9.668   11.463  -13.102 1.00 14.21 ? 19  ARG C CA  1 
ATOM   1060 C C   . ARG C 1 19 ? 9.417   10.430  -14.204 1.00 14.38 ? 19  ARG C C   1 
ATOM   1061 O O   . ARG C 1 19 ? 9.300   10.816  -15.380 1.00 15.10 ? 19  ARG C O   1 
ATOM   1062 C CB  . ARG C 1 19 ? 11.099  12.015  -13.237 1.00 14.37 ? 19  ARG C CB  1 
ATOM   1063 C CG  . ARG C 1 19 ? 11.321  13.333  -12.521 1.00 16.47 ? 19  ARG C CG  1 
ATOM   1064 C CD  . ARG C 1 19 ? 12.792  13.621  -12.269 1.00 20.96 ? 19  ARG C CD  1 
ATOM   1065 N NE  . ARG C 1 19 ? 13.507  13.914  -13.494 1.00 23.57 ? 19  ARG C NE  1 
ATOM   1066 C CZ  . ARG C 1 19 ? 14.523  13.199  -13.999 1.00 20.66 ? 19  ARG C CZ  1 
ATOM   1067 N NH1 . ARG C 1 19 ? 15.003  12.111  -13.394 1.00 21.00 ? 19  ARG C NH1 1 
ATOM   1068 N NH2 . ARG C 1 19 ? 15.061  13.603  -15.131 1.00 18.61 ? 19  ARG C NH2 1 
ATOM   1069 N N   . PHE C 1 20 ? 9.365   9.147   -13.840 1.00 13.77 ? 20  PHE C N   1 
ATOM   1070 C CA  . PHE C 1 20 ? 9.329   8.049   -14.813 1.00 14.01 ? 20  PHE C CA  1 
ATOM   1071 C C   . PHE C 1 20 ? 8.012   7.303   -14.775 1.00 14.59 ? 20  PHE C C   1 
ATOM   1072 O O   . PHE C 1 20 ? 7.498   7.009   -13.709 1.00 14.65 ? 20  PHE C O   1 
ATOM   1073 C CB  . PHE C 1 20 ? 10.441  7.030   -14.504 1.00 13.69 ? 20  PHE C CB  1 
ATOM   1074 C CG  . PHE C 1 20 ? 11.825  7.584   -14.614 1.00 13.84 ? 20  PHE C CG  1 
ATOM   1075 C CD1 . PHE C 1 20 ? 12.492  7.579   -15.838 1.00 13.75 ? 20  PHE C CD1 1 
ATOM   1076 C CD2 . PHE C 1 20 ? 12.474  8.092   -13.484 1.00 14.46 ? 20  PHE C CD2 1 
ATOM   1077 C CE1 . PHE C 1 20 ? 13.792  8.094   -15.947 1.00 12.91 ? 20  PHE C CE1 1 
ATOM   1078 C CE2 . PHE C 1 20 ? 13.767  8.613   -13.569 1.00 13.71 ? 20  PHE C CE2 1 
ATOM   1079 C CZ  . PHE C 1 20 ? 14.432  8.600   -14.809 1.00 13.64 ? 20  PHE C CZ  1 
ATOM   1080 N N   . PRO C 1 21 ? 7.478   6.946   -15.951 1.00 15.43 ? 21  PRO C N   1 
ATOM   1081 C CA  . PRO C 1 21 ? 6.302   6.096   -15.944 1.00 15.68 ? 21  PRO C CA  1 
ATOM   1082 C C   . PRO C 1 21 ? 6.690   4.654   -15.609 1.00 15.91 ? 21  PRO C C   1 
ATOM   1083 O O   . PRO C 1 21 ? 7.629   4.094   -16.206 1.00 16.21 ? 21  PRO C O   1 
ATOM   1084 C CB  . PRO C 1 21 ? 5.793   6.206   -17.393 1.00 16.06 ? 21  PRO C CB  1 
ATOM   1085 C CG  . PRO C 1 21 ? 7.016   6.441   -18.189 1.00 17.18 ? 21  PRO C CG  1 
ATOM   1086 C CD  . PRO C 1 21 ? 7.918   7.287   -17.321 1.00 16.32 ? 21  PRO C CD  1 
ATOM   1087 N N   . SER C 1 22 ? 5.987   4.069   -14.642 1.00 15.02 ? 22  SER C N   1 
ATOM   1088 C CA  . SER C 1 22 ? 6.181   2.668   -14.268 1.00 14.73 ? 22  SER C CA  1 
ATOM   1089 C C   . SER C 1 22 ? 4.824   2.055   -13.933 1.00 15.27 ? 22  SER C C   1 
ATOM   1090 O O   . SER C 1 22 ? 3.813   2.757   -13.941 1.00 15.52 ? 22  SER C O   1 
ATOM   1091 C CB  . SER C 1 22 ? 7.134   2.548   -13.069 1.00 15.02 ? 22  SER C CB  1 
ATOM   1092 O OG  . SER C 1 22 ? 8.378   3.201   -13.310 1.00 17.67 ? 22  SER C OG  1 
ATOM   1093 N N   . PHE C 1 23 ? 4.815   0.750   -13.663 1.00 14.89 ? 23  PHE C N   1 
ATOM   1094 C CA  . PHE C 1 23 ? 3.577   0.022   -13.329 1.00 14.82 ? 23  PHE C CA  1 
ATOM   1095 C C   . PHE C 1 23 ? 3.685   -0.734  -12.015 1.00 14.47 ? 23  PHE C C   1 
ATOM   1096 O O   . PHE C 1 23 ? 4.753   -1.207  -11.655 1.00 14.08 ? 23  PHE C O   1 
ATOM   1097 C CB  . PHE C 1 23 ? 3.185   -0.923  -14.475 1.00 16.27 ? 23  PHE C CB  1 
ATOM   1098 C CG  . PHE C 1 23 ? 2.814   -0.187  -15.729 1.00 17.61 ? 23  PHE C CG  1 
ATOM   1099 C CD1 . PHE C 1 23 ? 1.488   0.134   -15.995 1.00 20.05 ? 23  PHE C CD1 1 
ATOM   1100 C CD2 . PHE C 1 23 ? 3.800   0.223   -16.624 1.00 19.25 ? 23  PHE C CD2 1 
ATOM   1101 C CE1 . PHE C 1 23 ? 1.150   0.854   -17.144 1.00 20.70 ? 23  PHE C CE1 1 
ATOM   1102 C CE2 . PHE C 1 23 ? 3.476   0.938   -17.770 1.00 21.09 ? 23  PHE C CE2 1 
ATOM   1103 C CZ  . PHE C 1 23 ? 2.144   1.246   -18.032 1.00 20.75 ? 23  PHE C CZ  1 
ATOM   1104 N N   . TYR C 1 24 ? 2.575   -0.821  -11.296 1.00 13.79 ? 24  TYR C N   1 
ATOM   1105 C CA  . TYR C 1 24 ? 2.524   -1.647  -10.101 1.00 13.55 ? 24  TYR C CA  1 
ATOM   1106 C C   . TYR C 1 24 ? 1.205   -2.397  -10.071 1.00 14.10 ? 24  TYR C C   1 
ATOM   1107 O O   . TYR C 1 24 ? 0.220   -1.948  -10.678 1.00 14.31 ? 24  TYR C O   1 
ATOM   1108 C CB  . TYR C 1 24 ? 2.700   -0.805  -8.836  1.00 13.51 ? 24  TYR C CB  1 
ATOM   1109 C CG  . TYR C 1 24 ? 1.478   -0.012  -8.387  1.00 12.80 ? 24  TYR C CG  1 
ATOM   1110 C CD1 . TYR C 1 24 ? 0.725   -0.425  -7.283  1.00 14.58 ? 24  TYR C CD1 1 
ATOM   1111 C CD2 . TYR C 1 24 ? 1.088   1.154   -9.063  1.00 13.17 ? 24  TYR C CD2 1 
ATOM   1112 C CE1 . TYR C 1 24 ? -0.389  0.309   -6.853  1.00 13.72 ? 24  TYR C CE1 1 
ATOM   1113 C CE2 . TYR C 1 24 ? -0.028  1.905   -8.636  1.00 13.18 ? 24  TYR C CE2 1 
ATOM   1114 C CZ  . TYR C 1 24 ? -0.763  1.463   -7.529  1.00 13.56 ? 24  TYR C CZ  1 
ATOM   1115 O OH  . TYR C 1 24 ? -1.862  2.182   -7.083  1.00 14.32 ? 24  TYR C OH  1 
ATOM   1116 N N   . TYR C 1 25 ? 1.193   -3.529  -9.385  1.00 14.24 ? 25  TYR C N   1 
ATOM   1117 C CA  . TYR C 1 25 ? -0.049  -4.293  -9.258  1.00 14.80 ? 25  TYR C CA  1 
ATOM   1118 C C   . TYR C 1 25 ? -0.838  -3.785  -8.066  1.00 15.47 ? 25  TYR C C   1 
ATOM   1119 O O   . TYR C 1 25 ? -0.307  -3.719  -6.949  1.00 15.65 ? 25  TYR C O   1 
ATOM   1120 C CB  . TYR C 1 25 ? 0.236   -5.772  -9.063  1.00 14.97 ? 25  TYR C CB  1 
ATOM   1121 C CG  . TYR C 1 25 ? -1.022  -6.604  -8.951  1.00 16.71 ? 25  TYR C CG  1 
ATOM   1122 C CD1 . TYR C 1 25 ? -1.824  -6.836  -10.066 1.00 17.30 ? 25  TYR C CD1 1 
ATOM   1123 C CD2 . TYR C 1 25 ? -1.402  -7.155  -7.728  1.00 16.94 ? 25  TYR C CD2 1 
ATOM   1124 C CE1 . TYR C 1 25 ? -2.996  -7.612  -9.964  1.00 18.16 ? 25  TYR C CE1 1 
ATOM   1125 C CE2 . TYR C 1 25 ? -2.558  -7.922  -7.609  1.00 19.03 ? 25  TYR C CE2 1 
ATOM   1126 C CZ  . TYR C 1 25 ? -3.350  -8.147  -8.731  1.00 19.22 ? 25  TYR C CZ  1 
ATOM   1127 O OH  . TYR C 1 25 ? -4.507  -8.914  -8.599  1.00 21.31 ? 25  TYR C OH  1 
ATOM   1128 N N   . ASN C 1 26 ? -2.107  -3.449  -8.292  1.00 16.19 ? 26  ASN C N   1 
ATOM   1129 C CA  . ASN C 1 26 ? -2.964  -3.046  -7.192  1.00 16.85 ? 26  ASN C CA  1 
ATOM   1130 C C   . ASN C 1 26 ? -3.902  -4.209  -6.860  1.00 17.81 ? 26  ASN C C   1 
ATOM   1131 O O   . ASN C 1 26 ? -4.782  -4.527  -7.675  1.00 17.85 ? 26  ASN C O   1 
ATOM   1132 C CB  . ASN C 1 26 ? -3.739  -1.773  -7.555  1.00 17.13 ? 26  ASN C CB  1 
ATOM   1133 C CG  . ASN C 1 26 ? -4.601  -1.278  -6.415  1.00 17.46 ? 26  ASN C CG  1 
ATOM   1134 O OD1 . ASN C 1 26 ? -5.511  -1.974  -5.960  1.00 18.97 ? 26  ASN C OD1 1 
ATOM   1135 N ND2 . ASN C 1 26 ? -4.314  -0.080  -5.940  1.00 19.09 ? 26  ASN C ND2 1 
ATOM   1136 N N   . PRO C 1 27 ? -3.704  -4.857  -5.689  1.00 18.11 ? 27  PRO C N   1 
ATOM   1137 C CA  . PRO C 1 27 ? -4.467  -6.056  -5.363  1.00 19.08 ? 27  PRO C CA  1 
ATOM   1138 C C   . PRO C 1 27 ? -5.927  -5.768  -5.015  1.00 20.34 ? 27  PRO C C   1 
ATOM   1139 O O   . PRO C 1 27 ? -6.752  -6.684  -5.048  1.00 20.92 ? 27  PRO C O   1 
ATOM   1140 C CB  . PRO C 1 27 ? -3.726  -6.630  -4.150  1.00 18.87 ? 27  PRO C CB  1 
ATOM   1141 C CG  . PRO C 1 27 ? -3.116  -5.458  -3.482  1.00 17.52 ? 27  PRO C CG  1 
ATOM   1142 C CD  . PRO C 1 27 ? -2.741  -4.518  -4.616  1.00 18.52 ? 27  PRO C CD  1 
ATOM   1143 N N   . ASP C 1 28 ? -6.230  -4.513  -4.687  1.00 21.12 ? 28  ASP C N   1 
ATOM   1144 C CA  . ASP C 1 28 ? -7.588  -4.117  -4.309  1.00 22.29 ? 28  ASP C CA  1 
ATOM   1145 C C   . ASP C 1 28 ? -8.439  -3.993  -5.564  1.00 22.53 ? 28  ASP C C   1 
ATOM   1146 O O   . ASP C 1 28 ? -9.617  -4.380  -5.584  1.00 23.49 ? 28  ASP C O   1 
ATOM   1147 C CB  . ASP C 1 28 ? -7.547  -2.813  -3.507  1.00 22.31 ? 28  ASP C CB  1 
ATOM   1148 C CG  . ASP C 1 28 ? -6.719  -2.954  -2.235  1.00 23.32 ? 28  ASP C CG  1 
ATOM   1149 O OD1 . ASP C 1 28 ? -7.028  -3.854  -1.429  1.00 24.72 ? 28  ASP C OD1 1 
ATOM   1150 O OD2 . ASP C 1 28 ? -5.743  -2.196  -2.055  1.00 23.09 ? 28  ASP C OD2 1 
ATOM   1151 N N   . GLU C 1 29 ? -7.817  -3.481  -6.620  1.00 22.30 ? 29  GLU C N   1 
ATOM   1152 C CA  . GLU C 1 29 ? -8.462  -3.316  -7.923  1.00 22.26 ? 29  GLU C CA  1 
ATOM   1153 C C   . GLU C 1 29 ? -8.236  -4.508  -8.844  1.00 22.27 ? 29  GLU C C   1 
ATOM   1154 O O   . GLU C 1 29 ? -8.874  -4.607  -9.904  1.00 22.46 ? 29  GLU C O   1 
ATOM   1155 C CB  . GLU C 1 29 ? -7.972  -2.031  -8.594  1.00 22.27 ? 29  GLU C CB  1 
ATOM   1156 C CG  . GLU C 1 29 ? -8.416  -0.755  -7.883  1.00 23.92 ? 29  GLU C CG  1 
ATOM   1157 C CD  . GLU C 1 29 ? -9.928  -0.641  -7.794  1.00 27.37 ? 29  GLU C CD  1 
ATOM   1158 O OE1 . GLU C 1 29 ? -10.585 -0.669  -8.860  1.00 28.11 ? 29  GLU C OE1 1 
ATOM   1159 O OE2 . GLU C 1 29 ? -10.453 -0.521  -6.665  1.00 28.46 ? 29  GLU C OE2 1 
ATOM   1160 N N   . LYS C 1 30 ? -7.341  -5.415  -8.432  1.00 21.97 ? 30  LYS C N   1 
ATOM   1161 C CA  . LYS C 1 30 ? -6.957  -6.587  -9.231  1.00 22.86 ? 30  LYS C CA  1 
ATOM   1162 C C   . LYS C 1 30 ? -6.485  -6.212  -10.645 1.00 22.22 ? 30  LYS C C   1 
ATOM   1163 O O   . LYS C 1 30 ? -6.878  -6.818  -11.650 1.00 22.81 ? 30  LYS C O   1 
ATOM   1164 C CB  . LYS C 1 30 ? -8.093  -7.624  -9.253  1.00 23.29 ? 30  LYS C CB  1 
ATOM   1165 C CG  . LYS C 1 30 ? -8.413  -8.214  -7.875  1.00 26.53 ? 30  LYS C CG  1 
ATOM   1166 C CD  . LYS C 1 30 ? -9.871  -8.679  -7.783  1.00 31.54 ? 30  LYS C CD  1 
ATOM   1167 C CE  . LYS C 1 30 ? -10.273 -9.626  -8.913  1.00 33.32 ? 30  LYS C CE  1 
ATOM   1168 N NZ  . LYS C 1 30 ? -9.657  -10.988 -8.806  1.00 35.13 ? 30  LYS C NZ  1 
ATOM   1169 N N   . LYS C 1 31 ? -5.624  -5.201  -10.714 1.00 21.52 ? 31  LYS C N   1 
ATOM   1170 C CA  . LYS C 1 31 ? -5.121  -4.731  -11.998 1.00 20.99 ? 31  LYS C CA  1 
ATOM   1171 C C   . LYS C 1 31 ? -3.789  -4.016  -11.845 1.00 19.74 ? 31  LYS C C   1 
ATOM   1172 O O   . LYS C 1 31 ? -3.481  -3.485  -10.770 1.00 18.67 ? 31  LYS C O   1 
ATOM   1173 C CB  . LYS C 1 31 ? -6.142  -3.834  -12.702 1.00 22.31 ? 31  LYS C CB  1 
ATOM   1174 C CG  . LYS C 1 31 ? -6.356  -2.490  -12.068 1.00 23.88 ? 31  LYS C CG  1 
ATOM   1175 C CD  . LYS C 1 31 ? -7.726  -1.895  -12.449 1.00 28.58 ? 31  LYS C CD  1 
ATOM   1176 C CE  . LYS C 1 31 ? -7.846  -1.654  -13.951 1.00 31.28 ? 31  LYS C CE  1 
ATOM   1177 N NZ  . LYS C 1 31 ? -9.114  -0.934  -14.310 1.00 33.93 ? 31  LYS C NZ  1 
ATOM   1178 N N   . CYS C 1 32 ? -3.020  -4.029  -12.929 1.00 18.76 ? 32  CYS C N   1 
ATOM   1179 C CA  . CYS C 1 32 ? -1.742  -3.328  -12.990 1.00 17.92 ? 32  CYS C CA  1 
ATOM   1180 C C   . CYS C 1 32 ? -1.997  -1.894  -13.433 1.00 17.58 ? 32  CYS C C   1 
ATOM   1181 O O   . CYS C 1 32 ? -2.698  -1.642  -14.435 1.00 18.28 ? 32  CYS C O   1 
ATOM   1182 C CB  . CYS C 1 32 ? -0.795  -4.034  -13.959 1.00 18.23 ? 32  CYS C CB  1 
ATOM   1183 S SG  . CYS C 1 32 ? -0.083  -5.538  -13.299 1.00 20.24 ? 32  CYS C SG  1 
ATOM   1184 N N   . LEU C 1 33 ? -1.405  -0.956  -12.700 1.00 16.10 ? 33  LEU C N   1 
ATOM   1185 C CA  . LEU C 1 33 ? -1.719  0.454   -12.874 1.00 15.69 ? 33  LEU C CA  1 
ATOM   1186 C C   . LEU C 1 33 ? -0.466  1.272   -13.109 1.00 16.23 ? 33  LEU C C   1 
ATOM   1187 O O   . LEU C 1 33 ? 0.577   0.979   -12.532 1.00 16.08 ? 33  LEU C O   1 
ATOM   1188 C CB  . LEU C 1 33 ? -2.418  0.989   -11.617 1.00 15.65 ? 33  LEU C CB  1 
ATOM   1189 C CG  . LEU C 1 33 ? -3.766  0.378   -11.249 1.00 15.98 ? 33  LEU C CG  1 
ATOM   1190 C CD1 . LEU C 1 33 ? -4.281  0.981   -9.963  1.00 17.11 ? 33  LEU C CD1 1 
ATOM   1191 C CD2 . LEU C 1 33 ? -4.737  0.656   -12.375 1.00 16.23 ? 33  LEU C CD2 1 
ATOM   1192 N N   . GLU C 1 34 ? -0.573  2.303   -13.934 1.00 16.37 ? 34  GLU C N   1 
ATOM   1193 C CA  . GLU C 1 34 ? 0.549   3.219   -14.099 1.00 16.54 ? 34  GLU C CA  1 
ATOM   1194 C C   . GLU C 1 34 ? 0.732   4.081   -12.853 1.00 15.63 ? 34  GLU C C   1 
ATOM   1195 O O   . GLU C 1 34 ? -0.249  4.525   -12.250 1.00 16.04 ? 34  GLU C O   1 
ATOM   1196 C CB  . GLU C 1 34 ? 0.318   4.120   -15.309 1.00 17.84 ? 34  GLU C CB  1 
ATOM   1197 C CG  . GLU C 1 34 ? 1.562   4.873   -15.764 1.00 21.19 ? 34  GLU C CG  1 
ATOM   1198 C CD  . GLU C 1 34 ? 1.400   5.478   -17.140 1.00 25.47 ? 34  GLU C CD  1 
ATOM   1199 O OE1 . GLU C 1 34 ? 0.399   5.167   -17.814 1.00 29.84 ? 34  GLU C OE1 1 
ATOM   1200 O OE2 . GLU C 1 34 ? 2.278   6.265   -17.553 1.00 29.69 ? 34  GLU C OE2 1 
ATOM   1201 N N   . PHE C 1 35 ? 1.991   4.320   -12.477 1.00 14.75 ? 35  PHE C N   1 
ATOM   1202 C CA  . PHE C 1 35 ? 2.305   5.369   -11.500 1.00 14.16 ? 35  PHE C CA  1 
ATOM   1203 C C   . PHE C 1 35 ? 3.585   6.079   -11.927 1.00 14.48 ? 35  PHE C C   1 
ATOM   1204 O O   . PHE C 1 35 ? 4.224   5.653   -12.892 1.00 14.25 ? 35  PHE C O   1 
ATOM   1205 C CB  . PHE C 1 35 ? 2.378   4.833   -10.060 1.00 14.43 ? 35  PHE C CB  1 
ATOM   1206 C CG  . PHE C 1 35 ? 3.623   4.029   -9.726  1.00 13.19 ? 35  PHE C CG  1 
ATOM   1207 C CD1 . PHE C 1 35 ? 4.456   4.442   -8.673  1.00 13.77 ? 35  PHE C CD1 1 
ATOM   1208 C CD2 . PHE C 1 35 ? 3.932   2.852   -10.402 1.00 13.25 ? 35  PHE C CD2 1 
ATOM   1209 C CE1 . PHE C 1 35 ? 5.582   3.689   -8.311  1.00 13.99 ? 35  PHE C CE1 1 
ATOM   1210 C CE2 . PHE C 1 35 ? 5.065   2.087   -10.060 1.00 14.49 ? 35  PHE C CE2 1 
ATOM   1211 C CZ  . PHE C 1 35 ? 5.896   2.525   -9.019  1.00 13.46 ? 35  PHE C CZ  1 
ATOM   1212 N N   . ILE C 1 36 ? 3.916   7.165   -11.235 1.00 13.87 ? 36  ILE C N   1 
ATOM   1213 C CA  . ILE C 1 36 ? 5.140   7.913   -11.540 1.00 13.52 ? 36  ILE C CA  1 
ATOM   1214 C C   . ILE C 1 36 ? 6.187   7.550   -10.483 1.00 13.18 ? 36  ILE C C   1 
ATOM   1215 O O   . ILE C 1 36 ? 5.979   7.722   -9.292  1.00 13.64 ? 36  ILE C O   1 
ATOM   1216 C CB  . ILE C 1 36 ? 4.881   9.445   -11.640 1.00 14.61 ? 36  ILE C CB  1 
ATOM   1217 C CG1 . ILE C 1 36 ? 3.662   9.726   -12.541 1.00 15.91 ? 36  ILE C CG1 1 
ATOM   1218 C CG2 . ILE C 1 36 ? 6.117   10.191  -12.144 1.00 14.70 ? 36  ILE C CG2 1 
ATOM   1219 C CD1 . ILE C 1 36 ? 3.742   9.152   -13.961 1.00 20.33 ? 36  ILE C CD1 1 
ATOM   1220 N N   . TYR C 1 37 ? 7.310   7.045   -10.960 1.00 12.39 ? 37  TYR C N   1 
ATOM   1221 C CA  . TYR C 1 37 ? 8.371   6.492   -10.118 1.00 12.17 ? 37  TYR C CA  1 
ATOM   1222 C C   . TYR C 1 37 ? 9.610   7.399   -10.195 1.00 12.09 ? 37  TYR C C   1 
ATOM   1223 O O   . TYR C 1 37 ? 9.849   8.047   -11.220 1.00 12.67 ? 37  TYR C O   1 
ATOM   1224 C CB  . TYR C 1 37 ? 8.674   5.091   -10.654 1.00 12.14 ? 37  TYR C CB  1 
ATOM   1225 C CG  . TYR C 1 37 ? 9.900   4.403   -10.086 1.00 11.77 ? 37  TYR C CG  1 
ATOM   1226 C CD1 . TYR C 1 37 ? 10.049  4.217   -8.711  1.00 9.44  ? 37  TYR C CD1 1 
ATOM   1227 C CD2 . TYR C 1 37 ? 10.878  3.879   -10.941 1.00 12.74 ? 37  TYR C CD2 1 
ATOM   1228 C CE1 . TYR C 1 37 ? 11.180  3.557   -8.192  1.00 10.26 ? 37  TYR C CE1 1 
ATOM   1229 C CE2 . TYR C 1 37 ? 11.995  3.210   -10.443 1.00 12.23 ? 37  TYR C CE2 1 
ATOM   1230 C CZ  . TYR C 1 37 ? 12.147  3.064   -9.064  1.00 13.08 ? 37  TYR C CZ  1 
ATOM   1231 O OH  . TYR C 1 37 ? 13.261  2.429   -8.564  1.00 13.50 ? 37  TYR C OH  1 
ATOM   1232 N N   . GLY C 1 38 ? 10.386  7.462   -9.115  1.00 11.73 ? 38  GLY C N   1 
ATOM   1233 C CA  . GLY C 1 38 ? 11.547  8.344   -9.078  1.00 11.32 ? 38  GLY C CA  1 
ATOM   1234 C C   . GLY C 1 38 ? 12.779  7.781   -9.782  1.00 11.70 ? 38  GLY C C   1 
ATOM   1235 O O   . GLY C 1 38 ? 13.744  8.506   -10.028 1.00 12.03 ? 38  GLY C O   1 
ATOM   1236 N N   . GLY C 1 39 ? 12.743  6.488   -10.114 1.00 11.23 ? 39  GLY C N   1 
ATOM   1237 C CA  . GLY C 1 39 ? 13.891  5.849   -10.771 1.00 12.11 ? 39  GLY C CA  1 
ATOM   1238 C C   . GLY C 1 39 ? 14.845  5.096   -9.864  1.00 12.87 ? 39  GLY C C   1 
ATOM   1239 O O   . GLY C 1 39 ? 15.614  4.246   -10.339 1.00 12.74 ? 39  GLY C O   1 
ATOM   1240 N N   . CYS C 1 40 ? 14.797  5.406   -8.571  1.00 12.44 ? 40  CYS C N   1 
ATOM   1241 C CA  . CYS C 1 40 ? 15.719  4.832   -7.587  1.00 13.91 ? 40  CYS C CA  1 
ATOM   1242 C C   . CYS C 1 40 ? 14.964  4.139   -6.457  1.00 13.54 ? 40  CYS C C   1 
ATOM   1243 O O   . CYS C 1 40 ? 13.897  4.593   -6.041  1.00 13.04 ? 40  CYS C O   1 
ATOM   1244 C CB  . CYS C 1 40 ? 16.723  5.914   -7.084  1.00 15.30 ? 40  CYS C CB  1 
ATOM   1245 S SG  . CYS C 1 40 ? 16.168  7.140   -5.879  1.00 20.40 ? 40  CYS C SG  1 
ATOM   1246 N N   . GLU C 1 41 ? 15.476  2.973   -6.029  1.00 12.89 ? 41  GLU C N   1 
ATOM   1247 C CA  . GLU C 1 41 ? 14.921  2.257   -4.876  1.00 14.45 ? 41  GLU C CA  1 
ATOM   1248 C C   . GLU C 1 41 ? 13.436  1.898   -5.062  1.00 13.23 ? 41  GLU C C   1 
ATOM   1249 O O   . GLU C 1 41 ? 13.027  1.454   -6.144  1.00 13.49 ? 41  GLU C O   1 
ATOM   1250 C CB  . GLU C 1 41 ? 15.177  3.031   -3.577  1.00 14.16 ? 41  GLU C CB  1 
ATOM   1251 C CG  . GLU C 1 41 ? 16.668  3.319   -3.312  1.00 16.02 ? 41  GLU C CG  1 
ATOM   1252 C CD  . GLU C 1 41 ? 16.896  4.134   -2.033  1.00 18.26 ? 41  GLU C CD  1 
ATOM   1253 O OE1 . GLU C 1 41 ? 16.020  4.136   -1.125  1.00 24.08 ? 41  GLU C OE1 1 
ATOM   1254 O OE2 . GLU C 1 41 ? 17.954  4.786   -1.948  1.00 24.30 ? 41  GLU C OE2 1 
ATOM   1255 N N   . GLY C 1 42 ? 12.634  2.103   -4.024  1.00 13.25 ? 42  GLY C N   1 
ATOM   1256 C CA  . GLY C 1 42 ? 11.235  1.657   -4.055  1.00 13.35 ? 42  GLY C CA  1 
ATOM   1257 C C   . GLY C 1 42 ? 11.106  0.220   -3.594  1.00 14.32 ? 42  GLY C C   1 
ATOM   1258 O O   . GLY C 1 42 ? 11.871  -0.244  -2.739  1.00 14.92 ? 42  GLY C O   1 
ATOM   1259 N N   . ASN C 1 43 ? 10.125  -0.494  -4.138  1.00 13.35 ? 43  ASN C N   1 
ATOM   1260 C CA  . ASN C 1 43 ? 9.958   -1.895  -3.781  1.00 12.94 ? 43  ASN C CA  1 
ATOM   1261 C C   . ASN C 1 43 ? 9.789   -2.775  -5.019  1.00 12.87 ? 43  ASN C C   1 
ATOM   1262 O O   . ASN C 1 43 ? 9.856   -2.285  -6.153  1.00 12.82 ? 43  ASN C O   1 
ATOM   1263 C CB  . ASN C 1 43 ? 8.871   -2.097  -2.694  1.00 12.91 ? 43  ASN C CB  1 
ATOM   1264 C CG  . ASN C 1 43 ? 7.471   -1.767  -3.182  1.00 12.57 ? 43  ASN C CG  1 
ATOM   1265 O OD1 . ASN C 1 43 ? 7.125   -2.067  -4.322  1.00 12.00 ? 43  ASN C OD1 1 
ATOM   1266 N ND2 . ASN C 1 43 ? 6.665   -1.142  -2.320  1.00 13.19 ? 43  ASN C ND2 1 
ATOM   1267 N N   . ALA C 1 44 ? 9.619   -4.078  -4.796  1.00 12.37 ? 44  ALA C N   1 
ATOM   1268 C CA  . ALA C 1 44 ? 9.619   -5.044  -5.879  1.00 12.29 ? 44  ALA C CA  1 
ATOM   1269 C C   . ALA C 1 44 ? 8.360   -4.992  -6.768  1.00 11.84 ? 44  ALA C C   1 
ATOM   1270 O O   . ALA C 1 44 ? 8.313   -5.556  -7.866  1.00 13.62 ? 44  ALA C O   1 
ATOM   1271 C CB  . ALA C 1 44 ? 9.833   -6.429  -5.295  1.00 12.36 ? 44  ALA C CB  1 
ATOM   1272 N N   . ASN C 1 45 ? 7.323   -4.317  -6.279  1.00 12.43 ? 45  ASN C N   1 
ATOM   1273 C CA  . ASN C 1 45 ? 6.107   -4.140  -7.078  1.00 12.17 ? 45  ASN C CA  1 
ATOM   1274 C C   . ASN C 1 45 ? 6.281   -2.955  -8.023  1.00 12.24 ? 45  ASN C C   1 
ATOM   1275 O O   . ASN C 1 45 ? 5.671   -1.894  -7.841  1.00 11.98 ? 45  ASN C O   1 
ATOM   1276 C CB  . ASN C 1 45 ? 4.894   -3.952  -6.150  1.00 12.06 ? 45  ASN C CB  1 
ATOM   1277 C CG  . ASN C 1 45 ? 3.573   -4.042  -6.896  1.00 13.35 ? 45  ASN C CG  1 
ATOM   1278 O OD1 . ASN C 1 45 ? 3.542   -4.345  -8.092  1.00 13.18 ? 45  ASN C OD1 1 
ATOM   1279 N ND2 . ASN C 1 45 ? 2.464   -3.780  -6.183  1.00 13.99 ? 45  ASN C ND2 1 
ATOM   1280 N N   . ASN C 1 46 ? 7.114   -3.153  -9.050  1.00 12.02 ? 46  ASN C N   1 
ATOM   1281 C CA  . ASN C 1 46 ? 7.565   -2.060  -9.895  1.00 12.63 ? 46  ASN C CA  1 
ATOM   1282 C C   . ASN C 1 46 ? 8.015   -2.658  -11.217 1.00 13.55 ? 46  ASN C C   1 
ATOM   1283 O O   . ASN C 1 46 ? 8.963   -3.462  -11.249 1.00 14.43 ? 46  ASN C O   1 
ATOM   1284 C CB  . ASN C 1 46 ? 8.718   -1.349  -9.190  1.00 13.13 ? 46  ASN C CB  1 
ATOM   1285 C CG  . ASN C 1 46 ? 9.210   -0.149  -9.944  1.00 13.43 ? 46  ASN C CG  1 
ATOM   1286 O OD1 . ASN C 1 46 ? 9.445   -0.202  -11.158 1.00 15.65 ? 46  ASN C OD1 1 
ATOM   1287 N ND2 . ASN C 1 46 ? 9.427   0.944   -9.218  1.00 11.71 ? 46  ASN C ND2 1 
ATOM   1288 N N   . PHE C 1 47 ? 7.297   -2.294  -12.280 1.00 13.96 ? 47  PHE C N   1 
ATOM   1289 C CA  . PHE C 1 47 ? 7.510   -2.873  -13.612 1.00 14.20 ? 47  PHE C CA  1 
ATOM   1290 C C   . PHE C 1 47 ? 7.615   -1.831  -14.710 1.00 14.68 ? 47  PHE C C   1 
ATOM   1291 O O   . PHE C 1 47 ? 7.012   -0.760  -14.636 1.00 15.11 ? 47  PHE C O   1 
ATOM   1292 C CB  . PHE C 1 47 ? 6.363   -3.837  -13.933 1.00 14.53 ? 47  PHE C CB  1 
ATOM   1293 C CG  . PHE C 1 47 ? 6.176   -4.912  -12.908 1.00 13.41 ? 47  PHE C CG  1 
ATOM   1294 C CD1 . PHE C 1 47 ? 6.845   -6.130  -13.021 1.00 13.17 ? 47  PHE C CD1 1 
ATOM   1295 C CD2 . PHE C 1 47 ? 5.334   -4.708  -11.805 1.00 12.75 ? 47  PHE C CD2 1 
ATOM   1296 C CE1 . PHE C 1 47 ? 6.674   -7.132  -12.086 1.00 14.32 ? 47  PHE C CE1 1 
ATOM   1297 C CE2 . PHE C 1 47 ? 5.165   -5.717  -10.838 1.00 13.38 ? 47  PHE C CE2 1 
ATOM   1298 C CZ  . PHE C 1 47 ? 5.840   -6.925  -10.968 1.00 12.93 ? 47  PHE C CZ  1 
ATOM   1299 N N   . ILE C 1 48 ? 8.378   -2.160  -15.749 1.00 14.64 ? 48  ILE C N   1 
ATOM   1300 C CA  . ILE C 1 48 ? 8.613   -1.215  -16.839 1.00 16.12 ? 48  ILE C CA  1 
ATOM   1301 C C   . ILE C 1 48 ? 7.368   -1.092  -17.727 1.00 15.73 ? 48  ILE C C   1 
ATOM   1302 O O   . ILE C 1 48 ? 7.056   -0.005  -18.233 1.00 16.95 ? 48  ILE C O   1 
ATOM   1303 C CB  . ILE C 1 48 ? 9.845   -1.624  -17.702 1.00 15.82 ? 48  ILE C CB  1 
ATOM   1304 C CG1 . ILE C 1 48 ? 11.088  -1.857  -16.820 1.00 16.11 ? 48  ILE C CG1 1 
ATOM   1305 C CG2 . ILE C 1 48 ? 10.110  -0.582  -18.804 1.00 17.89 ? 48  ILE C CG2 1 
ATOM   1306 C CD1 . ILE C 1 48 ? 11.557  -0.613  -16.036 1.00 17.25 ? 48  ILE C CD1 1 
ATOM   1307 N N   . THR C 1 49 ? 6.659   -2.208  -17.908 1.00 17.13 ? 49  THR C N   1 
ATOM   1308 C CA  . THR C 1 49 ? 5.467   -2.237  -18.752 1.00 17.34 ? 49  THR C CA  1 
ATOM   1309 C C   . THR C 1 49 ? 4.310   -2.929  -18.048 1.00 17.70 ? 49  THR C C   1 
ATOM   1310 O O   . THR C 1 49 ? 4.510   -3.743  -17.136 1.00 17.71 ? 49  THR C O   1 
ATOM   1311 C CB  . THR C 1 49 ? 5.699   -3.008  -20.063 1.00 17.51 ? 49  THR C CB  1 
ATOM   1312 O OG1 . THR C 1 49 ? 6.010   -4.374  -19.763 1.00 18.07 ? 49  THR C OG1 1 
ATOM   1313 C CG2 . THR C 1 49 ? 6.825   -2.378  -20.880 1.00 17.66 ? 49  THR C CG2 1 
ATOM   1314 N N   . LYS C 1 50 ? 3.106   -2.629  -18.521 1.00 18.54 ? 50  LYS C N   1 
ATOM   1315 C CA  . LYS C 1 50 ? 1.886   -3.251  -17.990 1.00 18.86 ? 50  LYS C CA  1 
ATOM   1316 C C   . LYS C 1 50 ? 1.917   -4.757  -18.211 1.00 18.90 ? 50  LYS C C   1 
ATOM   1317 O O   . LYS C 1 50 ? 1.574   -5.524  -17.316 1.00 18.19 ? 50  LYS C O   1 
ATOM   1318 C CB  . LYS C 1 50 ? 0.644   -2.620  -18.625 1.00 19.46 ? 50  LYS C CB  1 
ATOM   1319 C CG  . LYS C 1 50 ? -0.657  -3.070  -17.973 1.00 19.51 ? 50  LYS C CG  1 
ATOM   1320 C CD  . LYS C 1 50 ? -1.824  -2.248  -18.473 1.00 23.72 ? 50  LYS C CD  1 
ATOM   1321 C CE  . LYS C 1 50 ? -3.134  -2.759  -17.888 1.00 25.49 ? 50  LYS C CE  1 
ATOM   1322 N NZ  . LYS C 1 50 ? -4.271  -1.846  -18.196 1.00 27.92 ? 50  LYS C NZ  1 
ATOM   1323 N N   . GLU C 1 51 ? 2.352   -5.180  -19.401 1.00 19.65 ? 51  GLU C N   1 
ATOM   1324 C CA  . GLU C 1 51 ? 2.505   -6.608  -19.690 1.00 20.66 ? 51  GLU C CA  1 
ATOM   1325 C C   . GLU C 1 51 ? 3.368   -7.400  -18.726 1.00 19.71 ? 51  GLU C C   1 
ATOM   1326 O O   . GLU C 1 51 ? 2.997   -8.500  -18.308 1.00 19.28 ? 51  GLU C O   1 
ATOM   1327 C CB  . GLU C 1 51 ? 2.942   -6.844  -21.144 1.00 21.67 ? 51  GLU C CB  1 
ATOM   1328 C CG  . GLU C 1 51 ? 1.758   -6.853  -22.079 1.00 28.31 ? 51  GLU C CG  1 
ATOM   1329 C CD  . GLU C 1 51 ? 0.475   -7.226  -21.338 1.00 34.91 ? 51  GLU C CD  1 
ATOM   1330 O OE1 . GLU C 1 51 ? -0.152  -8.260  -21.668 1.00 37.34 ? 51  GLU C OE1 1 
ATOM   1331 O OE2 . GLU C 1 51 ? 0.105   -6.473  -20.400 1.00 38.98 ? 51  GLU C OE2 1 
ATOM   1332 N N   . GLU C 1 52 ? 4.517   -6.840  -18.355 1.00 19.20 ? 52  GLU C N   1 
ATOM   1333 C CA  . GLU C 1 52 ? 5.386   -7.500  -17.398 1.00 18.50 ? 52  GLU C CA  1 
ATOM   1334 C C   . GLU C 1 52 ? 4.760   -7.565  -15.999 1.00 17.60 ? 52  GLU C C   1 
ATOM   1335 O O   . GLU C 1 52 ? 4.897   -8.564  -15.304 1.00 18.12 ? 52  GLU C O   1 
ATOM   1336 C CB  . GLU C 1 52 ? 6.734   -6.793  -17.351 1.00 18.80 ? 52  GLU C CB  1 
ATOM   1337 C CG  . GLU C 1 52 ? 7.506   -6.908  -18.653 1.00 19.30 ? 52  GLU C CG  1 
ATOM   1338 C CD  . GLU C 1 52 ? 8.706   -5.984  -18.667 1.00 19.95 ? 52  GLU C CD  1 
ATOM   1339 O OE1 . GLU C 1 52 ? 9.727   -6.346  -18.069 1.00 22.50 ? 52  GLU C OE1 1 
ATOM   1340 O OE2 . GLU C 1 52 ? 8.603   -4.891  -19.254 1.00 22.96 ? 52  GLU C OE2 1 
ATOM   1341 N N   . CYS C 1 53 ? 4.085   -6.490  -15.607 1.00 17.20 ? 53  CYS C N   1 
ATOM   1342 C CA  . CYS C 1 53 ? 3.363   -6.458  -14.340 1.00 16.99 ? 53  CYS C CA  1 
ATOM   1343 C C   . CYS C 1 53 ? 2.298   -7.560  -14.328 1.00 17.09 ? 53  CYS C C   1 
ATOM   1344 O O   . CYS C 1 53 ? 2.148   -8.295  -13.353 1.00 17.45 ? 53  CYS C O   1 
ATOM   1345 C CB  . CYS C 1 53 ? 2.734   -5.082  -14.141 1.00 16.79 ? 53  CYS C CB  1 
ATOM   1346 S SG  . CYS C 1 53 ? 1.764   -4.944  -12.635 1.00 16.75 ? 53  CYS C SG  1 
ATOM   1347 N N   . GLU C 1 54 ? 1.589   -7.687  -15.443 1.00 17.49 ? 54  GLU C N   1 
ATOM   1348 C CA  . GLU C 1 54 ? 0.463   -8.606  -15.510 1.00 18.43 ? 54  GLU C CA  1 
ATOM   1349 C C   . GLU C 1 54 ? 0.950   -10.051 -15.506 1.00 18.61 ? 54  GLU C C   1 
ATOM   1350 O O   . GLU C 1 54 ? 0.310   -10.922 -14.922 1.00 19.68 ? 54  GLU C O   1 
ATOM   1351 C CB  . GLU C 1 54 ? -0.399  -8.290  -16.734 1.00 18.06 ? 54  GLU C CB  1 
ATOM   1352 C CG  . GLU C 1 54 ? -1.236  -7.034  -16.547 1.00 20.16 ? 54  GLU C CG  1 
ATOM   1353 C CD  . GLU C 1 54 ? -2.121  -6.707  -17.730 1.00 22.73 ? 54  GLU C CD  1 
ATOM   1354 O OE1 . GLU C 1 54 ? -1.805  -7.136  -18.858 1.00 26.91 ? 54  GLU C OE1 1 
ATOM   1355 O OE2 . GLU C 1 54 ? -3.128  -5.999  -17.533 1.00 25.47 ? 54  GLU C OE2 1 
ATOM   1356 N N   . SER C 1 55 ? 2.092   -10.301 -16.154 1.00 18.89 ? 55  SER C N   1 
ATOM   1357 C CA  . SER C 1 55 ? 2.681   -11.634 -16.193 1.00 19.77 ? 55  SER C CA  1 
ATOM   1358 C C   . SER C 1 55 ? 3.104   -12.088 -14.814 1.00 19.48 ? 55  SER C C   1 
ATOM   1359 O O   . SER C 1 55 ? 2.821   -13.214 -14.415 1.00 20.34 ? 55  SER C O   1 
ATOM   1360 C CB  . SER C 1 55 ? 3.890   -11.689 -17.126 1.00 20.11 ? 55  SER C CB  1 
ATOM   1361 O OG  . SER C 1 55 ? 3.535   -11.314 -18.437 1.00 24.22 ? 55  SER C OG  1 
ATOM   1362 N N   . THR C 1 56 ? 3.769   -11.195 -14.073 1.00 18.58 ? 56  THR C N   1 
ATOM   1363 C CA  . THR C 1 56 ? 4.289   -11.521 -12.749 1.00 18.83 ? 56  THR C CA  1 
ATOM   1364 C C   . THR C 1 56 ? 3.181   -11.581 -11.684 1.00 18.94 ? 56  THR C C   1 
ATOM   1365 O O   . THR C 1 56 ? 3.155   -12.496 -10.854 1.00 19.64 ? 56  THR C O   1 
ATOM   1366 C CB  . THR C 1 56 ? 5.357   -10.496 -12.314 1.00 18.74 ? 56  THR C CB  1 
ATOM   1367 O OG1 . THR C 1 56 ? 6.436   -10.504 -13.265 1.00 18.35 ? 56  THR C OG1 1 
ATOM   1368 C CG2 . THR C 1 56 ? 5.899   -10.834 -10.921 1.00 18.59 ? 56  THR C CG2 1 
ATOM   1369 N N   . CYS C 1 57 ? 2.270   -10.616 -11.731 1.00 19.57 ? 57  CYS C N   1 
ATOM   1370 C CA  . CYS C 1 57 ? 1.292   -10.439 -10.647 1.00 20.55 ? 57  CYS C CA  1 
ATOM   1371 C C   . CYS C 1 57 ? -0.093  -10.978 -10.978 1.00 22.45 ? 57  CYS C C   1 
ATOM   1372 O O   . CYS C 1 57 ? -1.003  -10.909 -10.142 1.00 21.99 ? 57  CYS C O   1 
ATOM   1373 C CB  . CYS C 1 57 ? 1.244   -8.983  -10.208 1.00 19.77 ? 57  CYS C CB  1 
ATOM   1374 S SG  . CYS C 1 57 ? 2.805   -8.545  -9.389  1.00 17.11 ? 57  CYS C SG  1 
ATOM   1375 N N   . ALA C 1 58 ? -0.207  -11.530 -12.191 1.00 24.96 ? 58  ALA C N   1 
ATOM   1376 C CA  . ALA C 1 58 ? -1.353  -12.339 -12.641 1.00 27.10 ? 58  ALA C CA  1 
ATOM   1377 C C   . ALA C 1 58 ? -2.658  -11.575 -12.578 1.00 28.06 ? 58  ALA C C   1 
ATOM   1378 O O   . ALA C 1 58 ? -3.631  -12.024 -11.954 1.00 29.28 ? 58  ALA C O   1 
ATOM   1379 C CB  . ALA C 1 58 ? -1.427  -13.660 -11.877 1.00 27.08 ? 58  ALA C CB  1 
HETATM 1380 S S   . SO4 D 2 .  ? 7.428   18.534  5.601   1.00 24.14 ? 60  SO4 A S   1 
HETATM 1381 O O1  . SO4 D 2 .  ? 7.587   19.049  4.247   1.00 26.04 ? 60  SO4 A O1  1 
HETATM 1382 O O2  . SO4 D 2 .  ? 6.049   18.798  6.026   1.00 25.26 ? 60  SO4 A O2  1 
HETATM 1383 O O3  . SO4 D 2 .  ? 7.700   17.104  5.643   1.00 27.13 ? 60  SO4 A O3  1 
HETATM 1384 O O4  . SO4 D 2 .  ? 8.333   19.236  6.518   1.00 27.64 ? 60  SO4 A O4  1 
HETATM 1385 C C2  . ETX E 3 .  ? 11.740  12.020  9.376   1.00 33.80 ? 61  ETX A C2  1 
HETATM 1386 O O2  . ETX E 3 .  ? 12.668  13.086  9.555   1.00 34.03 ? 61  ETX A O2  1 
HETATM 1387 C C3  . ETX E 3 .  ? 12.555  14.082  8.534   1.00 34.04 ? 61  ETX A C3  1 
HETATM 1388 C C4  . ETX E 3 .  ? 13.930  14.661  8.213   1.00 34.70 ? 61  ETX A C4  1 
HETATM 1389 O O1  . ETX E 3 .  ? 12.878  10.171  10.426  1.00 33.58 ? 61  ETX A O1  1 
HETATM 1390 C C1  . ETX E 3 .  ? 11.804  11.103  10.589  1.00 32.90 ? 61  ETX A C1  1 
HETATM 1391 C C2  . ETX F 3 .  ? 22.429  5.548   -5.572  1.00 42.84 ? 60  ETX C C2  1 
HETATM 1392 O O2  . ETX F 3 .  ? 23.372  6.429   -6.184  1.00 43.63 ? 60  ETX C O2  1 
HETATM 1393 C C3  . ETX F 3 .  ? 24.632  6.429   -5.506  1.00 43.37 ? 60  ETX C C3  1 
HETATM 1394 C C4  . ETX F 3 .  ? 24.843  7.752   -4.774  1.00 43.88 ? 60  ETX C C4  1 
HETATM 1395 O O1  . ETX F 3 .  ? 20.234  4.597   -5.789  1.00 43.72 ? 60  ETX C O1  1 
HETATM 1396 C C1  . ETX F 3 .  ? 21.260  5.287   -6.510  1.00 42.81 ? 60  ETX C C1  1 
HETATM 1397 O O   . HOH G 4 .  ? 9.092   11.204  2.334   1.00 12.03 ? 62  HOH A O   1 
HETATM 1398 O O   . HOH G 4 .  ? 2.873   12.813  -1.007  1.00 12.71 ? 63  HOH A O   1 
HETATM 1399 O O   . HOH G 4 .  ? 1.059   11.958  -2.913  1.00 12.60 ? 64  HOH A O   1 
HETATM 1400 O O   . HOH G 4 .  ? 3.338   8.149   -8.480  1.00 14.48 ? 65  HOH A O   1 
HETATM 1401 O O   . HOH G 4 .  ? -0.872  5.976   -9.833  1.00 14.74 ? 66  HOH A O   1 
HETATM 1402 O O   . HOH G 4 .  ? 11.473  7.597   0.031   1.00 14.81 ? 67  HOH A O   1 
HETATM 1403 O O   . HOH G 4 .  ? 8.503   15.064  -2.606  1.00 16.89 ? 68  HOH A O   1 
HETATM 1404 O O   . HOH G 4 .  ? -12.101 4.762   -3.759  1.00 19.49 ? 69  HOH A O   1 
HETATM 1405 O O   . HOH G 4 .  ? -0.140  7.626   6.684   1.00 16.79 ? 70  HOH A O   1 
HETATM 1406 O O   . HOH G 4 .  ? -2.775  10.306  -8.789  1.00 16.94 ? 71  HOH A O   1 
HETATM 1407 O O   . HOH G 4 .  ? 0.760   8.303   -9.318  1.00 16.39 ? 72  HOH A O   1 
HETATM 1408 O O   . HOH G 4 .  ? -1.947  -0.742  -3.254  1.00 18.62 ? 73  HOH A O   1 
HETATM 1409 O O   . HOH G 4 .  ? -0.547  4.203   8.152   1.00 18.03 ? 74  HOH A O   1 
HETATM 1410 O O   . HOH G 4 .  ? -15.129 6.227   2.788   1.00 22.29 ? 75  HOH A O   1 
HETATM 1411 O O   . HOH G 4 .  ? 8.762   18.281  9.037   1.00 18.48 ? 76  HOH A O   1 
HETATM 1412 O O   . HOH G 4 .  ? 0.810   19.677  -3.357  1.00 22.64 ? 77  HOH A O   1 
HETATM 1413 O O   . HOH G 4 .  ? 4.822   19.198  8.327   1.00 16.86 ? 78  HOH A O   1 
HETATM 1414 O O   . HOH G 4 .  ? -15.319 8.842   3.316   1.00 21.24 ? 79  HOH A O   1 
HETATM 1415 O O   . HOH G 4 .  ? -2.031  6.680   8.168   1.00 19.22 ? 80  HOH A O   1 
HETATM 1416 O O   . HOH G 4 .  ? -14.773 2.963   1.246   1.00 23.39 ? 81  HOH A O   1 
HETATM 1417 O O   . HOH G 4 .  ? -12.258 1.912   -3.804  1.00 28.03 ? 82  HOH A O   1 
HETATM 1418 O O   . HOH G 4 .  ? -8.081  1.086   -2.635  1.00 18.66 ? 83  HOH A O   1 
HETATM 1419 O O   . HOH G 4 .  ? -7.989  3.340   5.419   1.00 22.96 ? 84  HOH A O   1 
HETATM 1420 O O   . HOH G 4 .  ? -8.824  23.737  -6.794  1.00 35.77 ? 85  HOH A O   1 
HETATM 1421 O O   . HOH G 4 .  ? -4.703  3.846   -14.634 1.00 22.79 ? 86  HOH A O   1 
HETATM 1422 O O   . HOH G 4 .  ? 12.415  2.471   6.894   1.00 25.85 ? 87  HOH A O   1 
HETATM 1423 O O   . HOH G 4 .  ? -6.098  22.123  -5.721  1.00 30.64 ? 88  HOH A O   1 
HETATM 1424 O O   . HOH G 4 .  ? -15.642 4.435   -2.524  1.00 32.23 ? 89  HOH A O   1 
HETATM 1425 O O   . HOH G 4 .  ? 5.173   15.634  -5.890  1.00 25.39 ? 90  HOH A O   1 
HETATM 1426 O O   . HOH G 4 .  ? -11.054 11.533  -11.863 1.00 33.06 ? 91  HOH A O   1 
HETATM 1427 O O   . HOH G 4 .  ? 14.260  9.000   6.406   1.00 28.13 ? 92  HOH A O   1 
HETATM 1428 O O   . HOH G 4 .  ? 0.166   7.821   -13.717 1.00 33.22 ? 93  HOH A O   1 
HETATM 1429 O O   . HOH G 4 .  ? -10.276 19.012  -10.222 1.00 34.09 ? 94  HOH A O   1 
HETATM 1430 O O   . HOH G 4 .  ? -16.289 11.592  -11.165 1.00 52.66 ? 95  HOH A O   1 
HETATM 1431 O O   . HOH G 4 .  ? -1.936  14.084  4.642   1.00 29.97 ? 96  HOH A O   1 
HETATM 1432 O O   . HOH G 4 .  ? -2.777  8.071   -10.565 1.00 25.31 ? 97  HOH A O   1 
HETATM 1433 O O   . HOH G 4 .  ? 0.094   9.586   -11.652 1.00 27.80 ? 98  HOH A O   1 
HETATM 1434 O O   . HOH G 4 .  ? -4.072  8.577   -12.814 1.00 35.85 ? 99  HOH A O   1 
HETATM 1435 O O   . HOH G 4 .  ? 6.271   -2.244  4.804   1.00 29.04 ? 100 HOH A O   1 
HETATM 1436 O O   . HOH G 4 .  ? -10.244 8.659   8.686   1.00 35.39 ? 101 HOH A O   1 
HETATM 1437 O O   . HOH G 4 .  ? 1.812   -1.671  3.347   1.00 31.98 ? 102 HOH A O   1 
HETATM 1438 O O   . HOH G 4 .  ? 6.480   -0.953  2.521   1.00 33.53 ? 103 HOH A O   1 
HETATM 1439 O O   . HOH G 4 .  ? -13.985 2.375   3.838   1.00 29.47 ? 104 HOH A O   1 
HETATM 1440 O O   . HOH G 4 .  ? -4.454  17.032  1.942   1.00 41.98 ? 105 HOH A O   1 
HETATM 1441 O O   . HOH G 4 .  ? -8.511  1.100   3.933   1.00 31.63 ? 106 HOH A O   1 
HETATM 1442 O O   . HOH G 4 .  ? -3.594  0.807   5.014   1.00 41.59 ? 107 HOH A O   1 
HETATM 1443 O O   . HOH G 4 .  ? -2.299  2.392   8.862   1.00 34.14 ? 108 HOH A O   1 
HETATM 1444 O O   . HOH G 4 .  ? -14.237 9.746   -8.231  1.00 31.34 ? 109 HOH A O   1 
HETATM 1445 O O   . HOH G 4 .  ? -12.062 2.308   -11.963 1.00 41.74 ? 110 HOH A O   1 
HETATM 1446 O O   . HOH G 4 .  ? -12.164 18.845  -0.839  1.00 38.77 ? 111 HOH A O   1 
HETATM 1447 O O   . HOH G 4 .  ? -3.487  4.340   5.557   1.00 33.08 ? 112 HOH A O   1 
HETATM 1448 O O   . HOH G 4 .  ? -6.640  0.741   -15.830 1.00 32.53 ? 113 HOH A O   1 
HETATM 1449 O O   . HOH G 4 .  ? 8.049   -3.099  3.145   1.00 39.88 ? 114 HOH A O   1 
HETATM 1450 O O   . HOH G 4 .  ? -9.939  20.578  0.013   1.00 45.38 ? 115 HOH A O   1 
HETATM 1451 O O   . HOH G 4 .  ? -15.039 5.029   -9.114  1.00 37.86 ? 116 HOH A O   1 
HETATM 1452 O O   . HOH G 4 .  ? -2.423  11.278  -11.709 1.00 36.67 ? 117 HOH A O   1 
HETATM 1453 O O   . HOH G 4 .  ? 2.872   19.780  -5.753  1.00 43.59 ? 118 HOH A O   1 
HETATM 1454 O O   . HOH G 4 .  ? 9.718   -3.565  0.719   1.00 45.01 ? 119 HOH A O   1 
HETATM 1455 O O   . HOH G 4 .  ? -12.624 15.676  4.003   1.00 46.13 ? 120 HOH A O   1 
HETATM 1456 O O   . HOH G 4 .  ? -2.434  21.173  -6.985  1.00 35.92 ? 121 HOH A O   1 
HETATM 1457 O O   . HOH G 4 .  ? -6.758  2.912   7.745   1.00 35.91 ? 122 HOH A O   1 
HETATM 1458 O O   . HOH G 4 .  ? -3.071  18.978  -10.478 1.00 40.27 ? 123 HOH A O   1 
HETATM 1459 O O   . HOH G 4 .  ? 10.059  -0.971  1.199   1.00 32.19 ? 124 HOH A O   1 
HETATM 1460 O O   . HOH G 4 .  ? -4.352  2.278   7.084   1.00 41.09 ? 125 HOH A O   1 
HETATM 1461 O O   . HOH G 4 .  ? -10.686 1.182   5.864   1.00 38.70 ? 126 HOH A O   1 
HETATM 1462 O O   . HOH G 4 .  ? 14.881  11.623  7.619   1.00 39.81 ? 127 HOH A O   1 
HETATM 1463 O O   . HOH G 4 .  ? -0.787  -1.727  3.877   1.00 30.90 ? 128 HOH A O   1 
HETATM 1464 O O   . HOH G 4 .  ? 13.441  17.170  -1.411  1.00 37.78 ? 129 HOH A O   1 
HETATM 1465 O O   . HOH G 4 .  ? 15.081  15.262  -1.508  1.00 40.40 ? 130 HOH A O   1 
HETATM 1466 O O   . HOH G 4 .  ? -13.464 21.923  -5.144  1.00 40.72 ? 131 HOH A O   1 
HETATM 1467 O O   . HOH G 4 .  ? -14.045 5.794   -5.688  1.00 36.08 ? 132 HOH A O   1 
HETATM 1468 O O   . HOH G 4 .  ? -14.800 19.467  -4.137  1.00 47.05 ? 133 HOH A O   1 
HETATM 1469 O O   . HOH G 4 .  ? -16.079 3.554   -7.108  1.00 40.86 ? 134 HOH A O   1 
HETATM 1470 O O   . HOH G 4 .  ? -14.991 13.796  -12.091 1.00 44.91 ? 136 HOH A O   1 
HETATM 1471 O O   . HOH G 4 .  ? -15.591 0.772   -10.350 1.00 44.31 ? 137 HOH A O   1 
HETATM 1472 O O   . HOH G 4 .  ? 4.939   21.427  5.167   1.00 38.81 ? 138 HOH A O   1 
HETATM 1473 O O   . HOH G 4 .  ? -1.841  -0.342  7.009   1.00 41.10 ? 139 HOH A O   1 
HETATM 1474 O O   . HOH G 4 .  ? 3.844   16.275  -7.866  1.00 41.00 ? 140 HOH A O   1 
HETATM 1475 O O   . HOH G 4 .  ? 13.012  2.267   4.017   1.00 53.21 ? 141 HOH A O   1 
HETATM 1476 O O   . HOH H 4 .  ? 4.337   2.193   13.786  1.00 10.84 ? 60  HOH B O   1 
HETATM 1477 O O   . HOH H 4 .  ? 2.297   -7.142  11.826  1.00 12.08 ? 61  HOH B O   1 
HETATM 1478 O O   . HOH H 4 .  ? 2.709   -4.473  11.069  1.00 10.97 ? 62  HOH B O   1 
HETATM 1479 O O   . HOH H 4 .  ? 9.316   -14.607 2.936   1.00 16.71 ? 63  HOH B O   1 
HETATM 1480 O O   . HOH H 4 .  ? 5.040   2.524   18.651  1.00 16.71 ? 64  HOH B O   1 
HETATM 1481 O O   . HOH H 4 .  ? 9.236   -0.438  16.414  1.00 14.46 ? 65  HOH B O   1 
HETATM 1482 O O   . HOH H 4 .  ? 8.766   -2.146  12.316  1.00 14.95 ? 66  HOH B O   1 
HETATM 1483 O O   . HOH H 4 .  ? -4.334  7.918   16.095  1.00 20.40 ? 67  HOH B O   1 
HETATM 1484 O O   . HOH H 4 .  ? 3.550   -18.402 0.211   1.00 19.89 ? 68  HOH B O   1 
HETATM 1485 O O   . HOH H 4 .  ? -0.847  -4.299  20.200  1.00 25.67 ? 69  HOH B O   1 
HETATM 1486 O O   . HOH H 4 .  ? 8.345   -6.431  11.262  1.00 22.31 ? 70  HOH B O   1 
HETATM 1487 O O   . HOH H 4 .  ? 10.548  -0.649  14.100  1.00 22.03 ? 71  HOH B O   1 
HETATM 1488 O O   . HOH H 4 .  ? 9.164   -3.159  16.322  1.00 14.54 ? 72  HOH B O   1 
HETATM 1489 O O   . HOH H 4 .  ? 2.133   -5.849  19.450  1.00 31.37 ? 73  HOH B O   1 
HETATM 1490 O O   . HOH H 4 .  ? 5.977   -7.338  4.988   1.00 23.46 ? 74  HOH B O   1 
HETATM 1491 O O   . HOH H 4 .  ? 8.347   -15.473 11.932  1.00 20.13 ? 75  HOH B O   1 
HETATM 1492 O O   . HOH H 4 .  ? 5.055   -9.886  17.859  1.00 22.49 ? 76  HOH B O   1 
HETATM 1493 O O   . HOH H 4 .  ? -12.636 -6.802  12.143  1.00 23.33 ? 77  HOH B O   1 
HETATM 1494 O O   . HOH H 4 .  ? 8.316   7.405   16.545  1.00 20.33 ? 78  HOH B O   1 
HETATM 1495 O O   . HOH H 4 .  ? 2.329   -14.194 13.743  1.00 24.68 ? 79  HOH B O   1 
HETATM 1496 O O   . HOH H 4 .  ? 4.930   -4.609  4.476   1.00 30.99 ? 80  HOH B O   1 
HETATM 1497 O O   . HOH H 4 .  ? 8.456   4.937   19.454  1.00 23.48 ? 81  HOH B O   1 
HETATM 1498 O O   . HOH H 4 .  ? -3.898  -3.041  7.123   1.00 30.90 ? 83  HOH B O   1 
HETATM 1499 O O   . HOH H 4 .  ? 4.875   8.711   25.918  1.00 32.44 ? 84  HOH B O   1 
HETATM 1500 O O   . HOH H 4 .  ? 3.418   -12.113 17.019  1.00 26.79 ? 85  HOH B O   1 
HETATM 1501 O O   . HOH H 4 .  ? 3.649   -1.680  5.452   1.00 30.90 ? 86  HOH B O   1 
HETATM 1502 O O   . HOH H 4 .  ? -6.606  -4.987  5.335   1.00 28.82 ? 87  HOH B O   1 
HETATM 1503 O O   . HOH H 4 .  ? -12.272 -6.427  17.916  1.00 34.28 ? 88  HOH B O   1 
HETATM 1504 O O   . HOH H 4 .  ? -1.840  -11.637 20.251  1.00 34.32 ? 89  HOH B O   1 
HETATM 1505 O O   . HOH H 4 .  ? -15.732 -6.515  8.013   1.00 32.93 ? 90  HOH B O   1 
HETATM 1506 O O   . HOH H 4 .  ? -1.284  -7.893  3.764   1.00 32.02 ? 91  HOH B O   1 
HETATM 1507 O O   . HOH H 4 .  ? 10.632  -5.619  14.212  1.00 30.64 ? 92  HOH B O   1 
HETATM 1508 O O   . HOH H 4 .  ? 2.328   -19.146 4.667   1.00 32.69 ? 93  HOH B O   1 
HETATM 1509 O O   . HOH H 4 .  ? 4.581   -19.695 3.525   1.00 32.77 ? 94  HOH B O   1 
HETATM 1510 O O   . HOH H 4 .  ? -11.747 -10.895 17.460  1.00 31.22 ? 95  HOH B O   1 
HETATM 1511 O O   . HOH H 4 .  ? 0.668   -2.009  6.117   1.00 24.73 ? 96  HOH B O   1 
HETATM 1512 O O   . HOH H 4 .  ? 2.941   -17.552 16.342  1.00 35.27 ? 97  HOH B O   1 
HETATM 1513 O O   . HOH H 4 .  ? -9.080  5.070   20.134  1.00 30.79 ? 98  HOH B O   1 
HETATM 1514 O O   . HOH H 4 .  ? 0.190   4.130   19.449  1.00 37.45 ? 99  HOH B O   1 
HETATM 1515 O O   . HOH H 4 .  ? -2.133  2.982   21.268  1.00 29.10 ? 100 HOH B O   1 
HETATM 1516 O O   . HOH H 4 .  ? -0.974  -21.779 11.012  1.00 31.68 ? 102 HOH B O   1 
HETATM 1517 O O   . HOH H 4 .  ? -4.559  -16.428 0.759   1.00 30.64 ? 103 HOH B O   1 
HETATM 1518 O O   . HOH H 4 .  ? -6.153  -0.660  10.739  1.00 33.80 ? 104 HOH B O   1 
HETATM 1519 O O   . HOH H 4 .  ? 0.687   8.820   21.184  1.00 26.11 ? 105 HOH B O   1 
HETATM 1520 O O   . HOH H 4 .  ? -7.958  -10.760 19.404  1.00 29.93 ? 106 HOH B O   1 
HETATM 1521 O O   . HOH H 4 .  ? -1.485  4.880   23.941  1.00 35.52 ? 107 HOH B O   1 
HETATM 1522 O O   . HOH H 4 .  ? 12.267  1.133   13.443  1.00 37.88 ? 108 HOH B O   1 
HETATM 1523 O O   . HOH H 4 .  ? -9.552  -2.304  12.413  1.00 32.67 ? 109 HOH B O   1 
HETATM 1524 O O   . HOH H 4 .  ? 7.430   -7.683  15.827  1.00 30.41 ? 110 HOH B O   1 
HETATM 1525 O O   . HOH H 4 .  ? -10.108 -5.476  5.634   1.00 39.81 ? 111 HOH B O   1 
HETATM 1526 O O   . HOH H 4 .  ? -0.913  -19.456 6.961   1.00 37.82 ? 112 HOH B O   1 
HETATM 1527 O O   . HOH H 4 .  ? 3.995   -22.158 6.671   1.00 34.13 ? 113 HOH B O   1 
HETATM 1528 O O   . HOH H 4 .  ? -1.683  -8.306  20.032  1.00 38.88 ? 114 HOH B O   1 
HETATM 1529 O O   . HOH H 4 .  ? -2.915  -5.734  4.324   1.00 30.25 ? 115 HOH B O   1 
HETATM 1530 O O   . HOH H 4 .  ? -5.026  -2.814  4.882   1.00 39.90 ? 116 HOH B O   1 
HETATM 1531 O O   . HOH H 4 .  ? -5.764  -21.645 10.004  1.00 37.63 ? 117 HOH B O   1 
HETATM 1532 O O   . HOH H 4 .  ? -5.097  -6.032  2.514   1.00 35.25 ? 118 HOH B O   1 
HETATM 1533 O O   . HOH H 4 .  ? -3.834  -1.549  9.573   1.00 31.22 ? 119 HOH B O   1 
HETATM 1534 O O   . HOH H 4 .  ? 1.024   -21.695 9.374   1.00 43.50 ? 120 HOH B O   1 
HETATM 1535 O O   . HOH H 4 .  ? -10.446 -8.854  19.455  1.00 33.17 ? 121 HOH B O   1 
HETATM 1536 O O   . HOH H 4 .  ? 8.500   -7.062  5.994   1.00 34.60 ? 122 HOH B O   1 
HETATM 1537 O O   . HOH H 4 .  ? 0.554   0.296   21.103  1.00 35.52 ? 123 HOH B O   1 
HETATM 1538 O O   . HOH H 4 .  ? -18.369 -11.109 5.377   1.00 34.72 ? 124 HOH B O   1 
HETATM 1539 O O   . HOH H 4 .  ? 2.093   2.151   19.956  1.00 41.85 ? 125 HOH B O   1 
HETATM 1540 O O   . HOH H 4 .  ? 5.145   -4.753  18.376  1.00 23.06 ? 126 HOH B O   1 
HETATM 1541 O O   . HOH H 4 .  ? 2.690   -2.413  7.662   1.00 44.77 ? 127 HOH B O   1 
HETATM 1542 O O   . HOH H 4 .  ? 1.220   -2.793  20.942  1.00 28.95 ? 128 HOH B O   1 
HETATM 1543 O O   . HOH H 4 .  ? -14.324 -14.765 8.225   1.00 39.29 ? 129 HOH B O   1 
HETATM 1544 O O   . HOH H 4 .  ? -6.753  -3.532  18.996  1.00 44.52 ? 130 HOH B O   1 
HETATM 1545 O O   . HOH H 4 .  ? -8.272  -21.860 15.701  1.00 41.60 ? 131 HOH B O   1 
HETATM 1546 O O   . HOH H 4 .  ? 10.836  -2.529  10.518  1.00 31.90 ? 132 HOH B O   1 
HETATM 1547 O O   . HOH H 4 .  ? -4.129  -14.746 -0.873  1.00 42.49 ? 133 HOH B O   1 
HETATM 1548 O O   . HOH H 4 .  ? -5.007  -4.689  20.890  1.00 41.85 ? 134 HOH B O   1 
HETATM 1549 O O   . HOH H 4 .  ? 0.502   6.136   21.258  1.00 44.10 ? 135 HOH B O   1 
HETATM 1550 O O   . HOH H 4 .  ? 9.553   -5.415  9.063   1.00 40.17 ? 136 HOH B O   1 
HETATM 1551 O O   . HOH H 4 .  ? 2.577   7.655   23.125  1.00 42.30 ? 137 HOH B O   1 
HETATM 1552 O O   . HOH H 4 .  ? 1.976   -13.092 18.676  1.00 37.43 ? 138 HOH B O   1 
HETATM 1553 O O   . HOH H 4 .  ? -4.161  -10.217 20.541  1.00 34.48 ? 139 HOH B O   1 
HETATM 1554 O O   . HOH H 4 .  ? -5.483  -9.695  1.758   1.00 38.46 ? 140 HOH B O   1 
HETATM 1555 O O   . HOH H 4 .  ? 9.042   -8.404  9.736   1.00 39.05 ? 141 HOH B O   1 
HETATM 1556 O O   . HOH H 4 .  ? -11.765 -18.418 6.511   1.00 44.42 ? 142 HOH B O   1 
HETATM 1557 O O   . HOH H 4 .  ? 6.028   -0.894  19.946  1.00 31.43 ? 143 HOH B O   1 
HETATM 1558 O O   . HOH H 4 .  ? 1.341   -19.346 6.892   1.00 36.49 ? 144 HOH B O   1 
HETATM 1559 O O   . HOH H 4 .  ? 3.677   -6.402  18.191  1.00 35.11 ? 145 HOH B O   1 
HETATM 1560 O O   . HOH H 4 .  ? 7.644   10.094  23.735  1.00 44.43 ? 147 HOH B O   1 
HETATM 1561 O O   . HOH I 4 .  ? 12.934  7.084   -6.513  1.00 13.72 ? 61  HOH C O   1 
HETATM 1562 O O   . HOH I 4 .  ? 8.675   0.852   -6.329  1.00 12.38 ? 62  HOH C O   1 
HETATM 1563 O O   . HOH I 4 .  ? 6.061   -0.093  -5.903  1.00 13.22 ? 63  HOH C O   1 
HETATM 1564 O O   . HOH I 4 .  ? -0.233  -2.271  -4.502  1.00 14.92 ? 64  HOH C O   1 
HETATM 1565 O O   . HOH I 4 .  ? -5.412  0.329   -3.214  1.00 18.18 ? 65  HOH C O   1 
HETATM 1566 O O   . HOH I 4 .  ? 14.171  11.210  -10.674 1.00 13.55 ? 66  HOH C O   1 
HETATM 1567 O O   . HOH I 4 .  ? 10.220  -5.121  -2.125  1.00 16.82 ? 67  HOH C O   1 
HETATM 1568 O O   . HOH I 4 .  ? 10.192  -7.056  -9.234  1.00 19.17 ? 68  HOH C O   1 
HETATM 1569 O O   . HOH I 4 .  ? 10.456  1.324   -13.228 1.00 16.38 ? 69  HOH C O   1 
HETATM 1570 O O   . HOH I 4 .  ? 9.717   2.123   -15.754 1.00 22.24 ? 70  HOH C O   1 
HETATM 1571 O O   . HOH I 4 .  ? 7.840   0.003   0.015   1.00 16.63 ? 71  HOH C O   1 
HETATM 1572 O O   . HOH I 4 .  ? 3.226   -8.213  0.775   1.00 19.29 ? 72  HOH C O   1 
HETATM 1573 O O   . HOH I 4 .  ? 10.930  4.932   -0.564  1.00 18.71 ? 73  HOH C O   1 
HETATM 1574 O O   . HOH I 4 .  ? 9.435   -4.884  -15.644 1.00 16.77 ? 74  HOH C O   1 
HETATM 1575 O O   . HOH I 4 .  ? -2.987  4.876   -12.767 1.00 19.28 ? 75  HOH C O   1 
HETATM 1576 O O   . HOH I 4 .  ? 12.839  3.170   -1.305  1.00 20.52 ? 77  HOH C O   1 
HETATM 1577 O O   . HOH I 4 .  ? 10.014  10.862  -4.318  1.00 18.55 ? 78  HOH C O   1 
HETATM 1578 O O   . HOH I 4 .  ? 0.742   -13.534 -2.272  1.00 22.51 ? 79  HOH C O   1 
HETATM 1579 O O   . HOH I 4 .  ? 5.516   -8.817  2.194   1.00 21.05 ? 80  HOH C O   1 
HETATM 1580 O O   . HOH I 4 .  ? 5.976   -11.727 2.311   1.00 19.99 ? 81  HOH C O   1 
HETATM 1581 O O   . HOH I 4 .  ? -4.157  -5.282  -15.323 1.00 24.30 ? 82  HOH C O   1 
HETATM 1582 O O   . HOH I 4 .  ? -10.004 -0.056  -4.004  1.00 26.12 ? 83  HOH C O   1 
HETATM 1583 O O   . HOH I 4 .  ? 9.500   -7.764  -1.093  1.00 26.12 ? 84  HOH C O   1 
HETATM 1584 O O   . HOH I 4 .  ? 7.530   2.565   -18.495 1.00 22.77 ? 85  HOH C O   1 
HETATM 1585 O O   . HOH I 4 .  ? 1.451   -6.140  1.541   1.00 26.95 ? 86  HOH C O   1 
HETATM 1586 O O   . HOH I 4 .  ? -2.693  2.585   -15.764 1.00 23.94 ? 87  HOH C O   1 
HETATM 1587 O O   . HOH I 4 .  ? 2.924   -0.787  -20.757 1.00 23.61 ? 88  HOH C O   1 
HETATM 1588 O O   . HOH I 4 .  ? 10.529  -5.553  -11.521 1.00 23.67 ? 89  HOH C O   1 
HETATM 1589 O O   . HOH I 4 .  ? 9.435   13.475  -16.159 1.00 25.41 ? 90  HOH C O   1 
HETATM 1590 O O   . HOH I 4 .  ? -1.895  -4.450  -0.078  1.00 26.07 ? 91  HOH C O   1 
HETATM 1591 O O   . HOH I 4 .  ? 7.174   -8.879  -0.515  1.00 34.01 ? 92  HOH C O   1 
HETATM 1592 O O   . HOH I 4 .  ? -5.476  -10.410 -10.744 1.00 31.97 ? 93  HOH C O   1 
HETATM 1593 O O   . HOH I 4 .  ? -5.633  -9.108  -5.850  1.00 31.74 ? 94  HOH C O   1 
HETATM 1594 O O   . HOH I 4 .  ? 1.227   -10.292 -19.751 1.00 35.44 ? 95  HOH C O   1 
HETATM 1595 O O   . HOH I 4 .  ? -3.156  -2.115  -1.099  1.00 27.19 ? 96  HOH C O   1 
HETATM 1596 O O   . HOH I 4 .  ? 8.353   -12.322 -12.826 1.00 26.92 ? 97  HOH C O   1 
HETATM 1597 O O   . HOH I 4 .  ? -7.835  -0.178  -0.174  1.00 29.29 ? 98  HOH C O   1 
HETATM 1598 O O   . HOH I 4 .  ? 5.243   3.376   -20.224 1.00 34.66 ? 99  HOH C O   1 
HETATM 1599 O O   . HOH I 4 .  ? -3.844  0.079   -16.231 1.00 27.94 ? 100 HOH C O   1 
HETATM 1600 O O   . HOH I 4 .  ? 2.301   -4.313  3.093   1.00 25.92 ? 101 HOH C O   1 
HETATM 1601 O O   . HOH I 4 .  ? 2.814   -17.084 -7.189  1.00 35.81 ? 102 HOH C O   1 
HETATM 1602 O O   . HOH I 4 .  ? -5.920  -3.720  1.081   1.00 30.92 ? 103 HOH C O   1 
HETATM 1603 O O   . HOH I 4 .  ? 2.574   -3.419  -21.905 1.00 33.04 ? 105 HOH C O   1 
HETATM 1604 O O   . HOH I 4 .  ? 8.973   16.907  -13.383 1.00 30.07 ? 106 HOH C O   1 
HETATM 1605 O O   . HOH I 4 .  ? -1.648  -13.145 -2.130  1.00 31.90 ? 107 HOH C O   1 
HETATM 1606 O O   . HOH I 4 .  ? -1.754  3.786   -18.122 1.00 35.05 ? 108 HOH C O   1 
HETATM 1607 O O   . HOH I 4 .  ? 8.013   -11.005 0.555   1.00 26.59 ? 109 HOH C O   1 
HETATM 1608 O O   . HOH I 4 .  ? 8.578   15.687  -10.983 1.00 30.00 ? 110 HOH C O   1 
HETATM 1609 O O   . HOH I 4 .  ? 0.232   -14.272 -14.800 1.00 39.47 ? 111 HOH C O   1 
HETATM 1610 O O   . HOH I 4 .  ? -3.031  -9.229  2.174   1.00 32.88 ? 112 HOH C O   1 
HETATM 1611 O O   . HOH I 4 .  ? -3.462  -6.581  -0.007  1.00 30.90 ? 113 HOH C O   1 
HETATM 1612 O O   . HOH I 4 .  ? 5.786   -10.131 -20.034 1.00 36.47 ? 114 HOH C O   1 
HETATM 1613 O O   . HOH I 4 .  ? -5.764  -6.814  -1.423  1.00 39.36 ? 115 HOH C O   1 
HETATM 1614 O O   . HOH I 4 .  ? -13.006 -0.591  -6.407  1.00 36.03 ? 116 HOH C O   1 
HETATM 1615 O O   . HOH I 4 .  ? 10.333  2.889   1.265   1.00 41.43 ? 117 HOH C O   1 
HETATM 1616 O O   . HOH I 4 .  ? 14.900  1.875   -0.112  1.00 49.26 ? 118 HOH C O   1 
HETATM 1617 O O   . HOH I 4 .  ? 7.637   -9.489  -15.394 1.00 34.31 ? 119 HOH C O   1 
HETATM 1618 O O   . HOH I 4 .  ? 17.709  -0.559  -4.992  1.00 38.88 ? 120 HOH C O   1 
HETATM 1619 O O   . HOH I 4 .  ? 7.390   16.555  -8.468  1.00 41.73 ? 121 HOH C O   1 
HETATM 1620 O O   . HOH I 4 .  ? 10.117  -8.897  -17.318 1.00 34.97 ? 122 HOH C O   1 
HETATM 1621 O O   . HOH I 4 .  ? 8.283   20.072  -11.256 1.00 42.89 ? 123 HOH C O   1 
HETATM 1622 O O   . HOH I 4 .  ? -8.353  -3.743  -16.832 1.00 44.45 ? 124 HOH C O   1 
HETATM 1623 O O   . HOH I 4 .  ? 4.837   -4.964  -23.328 1.00 39.94 ? 125 HOH C O   1 
HETATM 1624 O O   . HOH I 4 .  ? -3.432  -12.335 -0.320  1.00 45.16 ? 126 HOH C O   1 
HETATM 1625 O O   . HOH I 4 .  ? 9.520   -8.618  -13.485 1.00 37.87 ? 127 HOH C O   1 
HETATM 1626 O O   . HOH I 4 .  ? 4.880   0.871   -21.494 1.00 42.04 ? 128 HOH C O   1 
HETATM 1627 O O   . HOH I 4 .  ? -10.048 -1.405  0.354   1.00 37.85 ? 129 HOH C O   1 
HETATM 1628 O O   . HOH I 4 .  ? -4.897  -19.102 -4.593  1.00 46.83 ? 130 HOH C O   1 
HETATM 1629 O O   . HOH I 4 .  ? 10.557  -8.953  -21.430 1.00 38.26 ? 131 HOH C O   1 
# 
